data_9BSU
#
_entry.id   9BSU
#
_cell.length_a   1.00
_cell.length_b   1.00
_cell.length_c   1.00
_cell.angle_alpha   90.00
_cell.angle_beta   90.00
_cell.angle_gamma   90.00
#
_symmetry.space_group_name_H-M   'P 1'
#
loop_
_entity.id
_entity.type
_entity.pdbx_description
1 polymer 'Envelope glycoprotein'
2 polymer Nanosota-EB1
3 branched alpha-D-mannopyranose-(1-3)-[alpha-D-mannopyranose-(1-6)]beta-D-mannopyranose-(1-4)-2-acetamido-2-deoxy-beta-D-glucopyranose-(1-4)-2-acetamido-2-deoxy-beta-D-glucopyranose
4 branched beta-D-mannopyranose-(1-3)-[alpha-D-mannopyranose-(1-6)]beta-D-mannopyranose-(1-4)-2-acetamido-2-deoxy-beta-D-glucopyranose-(1-4)-2-acetamido-2-deoxy-beta-D-glucopyranose
5 branched alpha-D-mannopyranose-(1-6)-alpha-D-mannopyranose-(1-6)-[alpha-D-mannopyranose-(1-3)]beta-D-mannopyranose-(1-4)-2-acetamido-2-deoxy-beta-D-glucopyranose-(1-4)-2-acetamido-2-deoxy-beta-D-glucopyranose
#
loop_
_entity_poly.entity_id
_entity_poly.type
_entity_poly.pdbx_seq_one_letter_code
_entity_poly.pdbx_strand_id
1 'polypeptide(L)'
;MGVTGILQLPRDRFKRTSFFLWVIILFQRTFSIPLGVIHNSTLQVSDVDKLVCRDKLSSTNQLRSVGLNLEGNGVATDVP
SATKRWGFRSGVPPKVVNYEAGEWAENCYNLEIKKPDGSECLPAAPDGIRGFPRCRYVHKVSGTGPCAGDFAFHKEGAFF
LYDRLASTVIYRGTTFAEGVVAFLILPQAKKDFFSSHPLREPVNATEDPSSGYYSTTIRYQATGFGTNETEYLFEVDNLT
YVQLESRFTPQFLLQLNETIYTSGKRSNTTGKLIWKVNPEIDTTIGEWAFWETKKNLTRKIRSEELSFTVVSNGAKNISG
QSPARTSSDPGTNTTTEDHKIMASENSSAMVQVHSQGREAAVSHLTTLATISTSPQSLTTKPGPDNSTHNTPVYKLDISE
ATQVEQHHRRTDNDSTASDTPSATTAAGPPKAENTNTSKSTDFLDPATTTSPQNHSETAGNNNTHHQDTGEESASSGKLG
LITNTIAGVAGLITGGRRTRREAIVNAQPKCNPNLHYWTTQDEGAAIGLAWIPYFGPAAEGIYIEGLMHNQDGLICGLRQ
LANETTQALQLFLRATTELRTFSILNRKAIDFLLQRWGGTCHILGPDCCIEPHDWTKNITDKIDQIIHDFVDKTLPDQGD
NDNWWTGWRQWIPAGIGVTGVIIAVIALFCICKFVFGSGYIPEAPRDGQAYVRKDGEWVLLSTFLG
;
A,B,C
2 'polypeptide(L)'
;QVQLQESGGGQVQAGGSLRLSCAASGSTSVIYAMGWYRQAPGKQRELVAAITRGVGSTNYADSVKGRFTISRDNAKNTMY
LQMNSLKPEDTAVYYCNARLLVAPPPYEYDYWGQGTQVTVSSGGQHHHHHHGAYPYDVPDYAS
;
E,D
#
loop_
_chem_comp.id
_chem_comp.type
_chem_comp.name
_chem_comp.formula
BMA D-saccharide, beta linking beta-D-mannopyranose 'C6 H12 O6'
MAN D-saccharide, alpha linking alpha-D-mannopyranose 'C6 H12 O6'
NAG D-saccharide, beta linking 2-acetamido-2-deoxy-beta-D-glucopyranose 'C8 H15 N O6'
#
# COMPACT_ATOMS: atom_id res chain seq x y z
N SER A 32 -1.57 -16.71 11.39
CA SER A 32 -2.14 -17.99 11.77
C SER A 32 -3.25 -18.41 10.80
N ILE A 33 -3.09 -18.02 9.54
CA ILE A 33 -4.08 -18.33 8.50
C ILE A 33 -3.98 -19.81 8.15
N PRO A 34 -5.10 -20.54 8.21
CA PRO A 34 -5.05 -21.98 7.92
C PRO A 34 -4.74 -22.25 6.45
N LEU A 35 -4.11 -23.40 6.22
CA LEU A 35 -3.84 -23.89 4.88
C LEU A 35 -4.15 -25.38 4.81
N GLY A 36 -4.57 -25.83 3.64
CA GLY A 36 -5.06 -27.18 3.45
C GLY A 36 -4.08 -28.03 2.66
N VAL A 37 -4.11 -29.34 2.91
CA VAL A 37 -3.24 -30.31 2.25
C VAL A 37 -4.12 -31.32 1.53
N ILE A 38 -3.83 -31.55 0.25
CA ILE A 38 -4.59 -32.46 -0.58
C ILE A 38 -3.83 -33.78 -0.71
N HIS A 39 -4.49 -34.89 -0.42
CA HIS A 39 -3.89 -36.22 -0.54
C HIS A 39 -4.97 -37.19 -0.98
N ASN A 40 -4.78 -37.80 -2.15
CA ASN A 40 -5.72 -38.77 -2.72
C ASN A 40 -7.13 -38.17 -2.83
N SER A 41 -7.20 -36.94 -3.36
CA SER A 41 -8.46 -36.23 -3.58
C SER A 41 -9.23 -36.03 -2.27
N THR A 42 -8.52 -35.88 -1.17
CA THR A 42 -9.13 -35.59 0.13
C THR A 42 -8.47 -34.35 0.70
N LEU A 43 -9.28 -33.40 1.15
CA LEU A 43 -8.79 -32.15 1.71
C LEU A 43 -8.75 -32.24 3.23
N GLN A 44 -7.60 -31.93 3.81
CA GLN A 44 -7.43 -31.87 5.25
C GLN A 44 -6.85 -30.51 5.60
N VAL A 45 -7.55 -29.78 6.48
CA VAL A 45 -7.03 -28.49 6.93
C VAL A 45 -5.84 -28.77 7.87
N SER A 46 -4.66 -28.37 7.44
CA SER A 46 -3.45 -28.73 8.17
C SER A 46 -3.30 -27.89 9.43
N ASP A 47 -2.99 -28.58 10.54
CA ASP A 47 -2.71 -27.92 11.80
C ASP A 47 -1.24 -27.53 11.83
N VAL A 48 -0.96 -26.24 12.00
CA VAL A 48 0.41 -25.74 11.90
C VAL A 48 1.28 -26.32 13.01
N ASP A 49 0.71 -26.49 14.21
CA ASP A 49 1.45 -27.06 15.32
C ASP A 49 1.51 -28.58 15.29
N LYS A 50 0.70 -29.23 14.44
CA LYS A 50 0.76 -30.68 14.34
C LYS A 50 2.04 -31.16 13.68
N LEU A 51 2.65 -30.32 12.85
CA LEU A 51 3.86 -30.63 12.08
C LEU A 51 3.80 -32.04 11.51
N VAL A 52 2.75 -32.30 10.74
CA VAL A 52 2.55 -33.62 10.16
C VAL A 52 3.66 -33.93 9.17
N CYS A 53 4.07 -35.19 9.12
CA CYS A 53 5.11 -35.65 8.22
C CYS A 53 4.55 -36.26 6.94
N ARG A 54 3.22 -36.32 6.80
CA ARG A 54 2.63 -36.93 5.61
C ARG A 54 2.80 -36.05 4.39
N ASP A 55 2.64 -34.74 4.55
CA ASP A 55 2.76 -33.82 3.43
C ASP A 55 4.21 -33.71 2.98
N LYS A 56 4.43 -33.81 1.67
CA LYS A 56 5.76 -33.74 1.09
C LYS A 56 5.92 -32.42 0.34
N LEU A 57 6.82 -31.57 0.83
CA LEU A 57 7.18 -30.34 0.14
C LEU A 57 8.56 -30.49 -0.47
N SER A 58 8.68 -30.17 -1.75
CA SER A 58 9.95 -30.22 -2.46
C SER A 58 10.29 -28.96 -3.22
N SER A 59 9.35 -28.04 -3.40
CA SER A 59 9.60 -26.79 -4.09
C SER A 59 8.46 -25.83 -3.77
N THR A 60 8.63 -24.57 -4.17
CA THR A 60 7.58 -23.58 -3.98
C THR A 60 6.50 -23.65 -5.04
N ASN A 61 6.64 -24.54 -6.03
CA ASN A 61 5.61 -24.74 -7.02
C ASN A 61 4.39 -25.45 -6.47
N GLN A 62 4.47 -25.99 -5.25
CA GLN A 62 3.36 -26.69 -4.62
C GLN A 62 2.44 -25.78 -3.83
N LEU A 63 2.82 -24.52 -3.63
CA LEU A 63 2.05 -23.58 -2.83
C LEU A 63 1.26 -22.65 -3.74
N ARG A 64 -0.07 -22.71 -3.63
CA ARG A 64 -0.97 -21.92 -4.46
C ARG A 64 -1.98 -21.20 -3.58
N SER A 65 -2.58 -20.16 -4.15
CA SER A 65 -3.69 -19.44 -3.53
C SER A 65 -4.82 -19.34 -4.55
N VAL A 66 -6.05 -19.58 -4.11
CA VAL A 66 -7.20 -19.71 -5.00
C VAL A 66 -8.27 -18.73 -4.57
N GLY A 67 -8.90 -18.07 -5.55
CA GLY A 67 -10.00 -17.19 -5.28
C GLY A 67 -11.33 -17.75 -5.74
N LEU A 68 -12.23 -18.00 -4.79
CA LEU A 68 -13.54 -18.61 -5.08
C LEU A 68 -14.63 -17.56 -4.91
N ASN A 69 -15.53 -17.50 -5.89
CA ASN A 69 -16.59 -16.50 -5.87
C ASN A 69 -17.65 -16.84 -4.83
N LEU A 70 -18.38 -15.82 -4.40
CA LEU A 70 -19.44 -16.00 -3.41
C LEU A 70 -20.70 -16.59 -4.02
N GLU A 71 -20.93 -16.38 -5.31
CA GLU A 71 -22.17 -16.85 -5.93
C GLU A 71 -22.28 -18.36 -5.98
N GLY A 72 -21.17 -19.07 -5.81
CA GLY A 72 -21.22 -20.52 -5.71
C GLY A 72 -21.65 -21.03 -4.36
N ASN A 73 -21.84 -20.14 -3.39
CA ASN A 73 -22.31 -20.49 -2.06
C ASN A 73 -23.83 -20.37 -1.92
N GLY A 74 -24.52 -19.92 -2.96
CA GLY A 74 -25.96 -19.84 -2.94
C GLY A 74 -26.55 -18.47 -2.64
N VAL A 75 -25.73 -17.42 -2.60
CA VAL A 75 -26.26 -16.09 -2.29
C VAL A 75 -26.98 -15.51 -3.50
N ALA A 76 -27.87 -14.56 -3.23
CA ALA A 76 -28.57 -13.86 -4.31
C ALA A 76 -27.62 -12.90 -5.02
N THR A 77 -27.80 -12.78 -6.33
CA THR A 77 -26.86 -12.04 -7.17
C THR A 77 -27.49 -10.90 -7.95
N ASP A 78 -28.80 -10.71 -7.88
CA ASP A 78 -29.40 -9.54 -8.52
C ASP A 78 -28.93 -8.26 -7.84
N VAL A 79 -28.91 -7.17 -8.61
CA VAL A 79 -28.31 -5.92 -8.14
C VAL A 79 -29.13 -5.27 -7.02
N PRO A 80 -30.47 -5.40 -6.93
CA PRO A 80 -31.15 -4.83 -5.76
C PRO A 80 -30.71 -5.44 -4.45
N SER A 81 -30.36 -6.73 -4.43
CA SER A 81 -29.92 -7.41 -3.21
C SER A 81 -28.42 -7.52 -3.08
N ALA A 82 -27.68 -7.52 -4.19
CA ALA A 82 -26.23 -7.53 -4.12
C ALA A 82 -25.67 -6.18 -3.70
N THR A 83 -26.50 -5.13 -3.73
CA THR A 83 -26.05 -3.80 -3.32
C THR A 83 -26.14 -3.61 -1.81
N LYS A 84 -27.13 -4.23 -1.16
CA LYS A 84 -27.36 -4.03 0.25
C LYS A 84 -26.25 -4.60 1.13
N ARG A 85 -25.34 -5.37 0.56
CA ARG A 85 -24.20 -5.93 1.28
C ARG A 85 -23.00 -5.00 1.28
N TRP A 86 -23.15 -3.78 0.77
CA TRP A 86 -22.05 -2.88 0.49
C TRP A 86 -22.30 -1.56 1.23
N GLY A 87 -21.29 -1.08 1.95
CA GLY A 87 -21.44 0.10 2.79
C GLY A 87 -20.28 1.06 2.64
N PHE A 88 -20.48 2.24 3.20
CA PHE A 88 -19.51 3.34 3.13
C PHE A 88 -18.96 3.63 4.52
N ARG A 89 -17.64 3.70 4.63
CA ARG A 89 -16.98 3.99 5.89
C ARG A 89 -15.80 4.91 5.65
N SER A 90 -15.45 5.68 6.69
CA SER A 90 -14.32 6.59 6.65
C SER A 90 -13.44 6.35 7.88
N GLY A 91 -12.13 6.43 7.67
CA GLY A 91 -11.18 6.24 8.75
C GLY A 91 -10.44 4.92 8.78
N VAL A 92 -10.53 4.11 7.72
CA VAL A 92 -9.86 2.82 7.65
C VAL A 92 -9.13 2.73 6.32
N PRO A 93 -7.82 2.52 6.30
CA PRO A 93 -7.11 2.43 5.03
C PRO A 93 -7.38 1.10 4.36
N PRO A 94 -7.27 1.04 3.02
CA PRO A 94 -7.50 -0.22 2.31
C PRO A 94 -6.22 -1.03 2.14
N LYS A 95 -6.43 -2.34 1.99
CA LYS A 95 -5.35 -3.29 1.77
C LYS A 95 -5.74 -4.25 0.67
N VAL A 96 -4.74 -4.81 -0.02
CA VAL A 96 -4.98 -5.76 -1.10
C VAL A 96 -4.07 -6.98 -0.93
N VAL A 97 -4.50 -8.09 -1.55
CA VAL A 97 -3.74 -9.32 -1.61
C VAL A 97 -3.80 -9.82 -3.05
N ASN A 98 -2.88 -10.70 -3.40
CA ASN A 98 -2.86 -11.33 -4.71
C ASN A 98 -3.23 -12.80 -4.60
N TYR A 99 -3.93 -13.30 -5.61
CA TYR A 99 -4.24 -14.71 -5.74
C TYR A 99 -3.81 -15.18 -7.13
N GLU A 100 -3.54 -16.47 -7.25
CA GLU A 100 -2.91 -17.01 -8.45
C GLU A 100 -3.89 -17.69 -9.40
N ALA A 101 -4.98 -18.26 -8.90
CA ALA A 101 -5.96 -18.93 -9.73
C ALA A 101 -7.35 -18.43 -9.36
N GLY A 102 -8.25 -18.46 -10.35
CA GLY A 102 -9.60 -17.96 -10.14
C GLY A 102 -10.67 -18.93 -10.60
N GLU A 103 -11.90 -18.44 -10.70
CA GLU A 103 -13.04 -19.26 -11.09
C GLU A 103 -13.98 -18.41 -11.94
N TRP A 104 -14.59 -19.05 -12.93
CA TRP A 104 -15.50 -18.34 -13.83
C TRP A 104 -16.67 -17.75 -13.06
N ALA A 105 -16.99 -16.49 -13.35
CA ALA A 105 -18.04 -15.77 -12.66
C ALA A 105 -19.22 -15.54 -13.59
N GLU A 106 -20.41 -15.90 -13.14
CA GLU A 106 -21.61 -15.65 -13.93
C GLU A 106 -22.05 -14.19 -13.89
N ASN A 107 -21.88 -13.53 -12.74
CA ASN A 107 -22.30 -12.15 -12.57
C ASN A 107 -21.13 -11.29 -12.11
N CYS A 108 -21.00 -10.12 -12.71
CA CYS A 108 -19.97 -9.15 -12.35
C CYS A 108 -20.58 -7.76 -12.34
N TYR A 109 -19.93 -6.85 -11.62
CA TYR A 109 -20.49 -5.53 -11.34
C TYR A 109 -19.53 -4.43 -11.78
N ASN A 110 -20.08 -3.25 -11.99
CA ASN A 110 -19.31 -2.09 -12.45
C ASN A 110 -20.05 -0.84 -12.03
N LEU A 111 -19.46 -0.06 -11.12
CA LEU A 111 -20.13 1.07 -10.49
C LEU A 111 -19.53 2.39 -10.93
N GLU A 112 -20.41 3.38 -11.12
CA GLU A 112 -20.01 4.74 -11.47
C GLU A 112 -20.81 5.76 -10.67
N ILE A 113 -20.93 5.52 -9.36
CA ILE A 113 -21.79 6.35 -8.52
C ILE A 113 -21.17 7.73 -8.34
N LYS A 114 -22.04 8.74 -8.26
CA LYS A 114 -21.62 10.14 -8.12
C LYS A 114 -22.50 10.81 -7.06
N LYS A 115 -21.96 11.85 -6.43
CA LYS A 115 -22.73 12.60 -5.44
C LYS A 115 -23.78 13.47 -6.12
N PRO A 116 -24.83 13.87 -5.39
CA PRO A 116 -25.79 14.83 -5.96
C PRO A 116 -25.14 16.14 -6.37
N ASP A 117 -24.12 16.59 -5.65
CA ASP A 117 -23.40 17.80 -6.03
C ASP A 117 -22.73 17.61 -7.39
N GLY A 118 -22.12 16.45 -7.61
CA GLY A 118 -21.41 16.17 -8.84
C GLY A 118 -20.04 15.58 -8.59
N SER A 119 -19.64 15.53 -7.32
CA SER A 119 -18.36 14.97 -6.95
C SER A 119 -18.39 13.45 -6.99
N GLU A 120 -17.24 12.86 -7.28
CA GLU A 120 -17.12 11.40 -7.32
C GLU A 120 -17.26 10.80 -5.92
N CYS A 121 -17.70 9.55 -5.88
CA CYS A 121 -17.76 8.80 -4.63
C CYS A 121 -16.71 7.71 -4.50
N LEU A 122 -16.21 7.17 -5.61
CA LEU A 122 -15.31 6.04 -5.56
C LEU A 122 -13.91 6.45 -6.02
N PRO A 123 -12.87 5.91 -5.39
CA PRO A 123 -11.51 6.25 -5.80
C PRO A 123 -11.18 5.68 -7.17
N ALA A 124 -10.27 6.37 -7.85
CA ALA A 124 -9.79 5.90 -9.14
C ALA A 124 -8.92 4.66 -8.95
N ALA A 125 -8.97 3.77 -9.94
CA ALA A 125 -8.22 2.53 -9.85
C ALA A 125 -6.72 2.79 -9.98
N PRO A 126 -5.88 2.19 -9.14
CA PRO A 126 -4.43 2.33 -9.32
C PRO A 126 -3.97 1.72 -10.63
N ASP A 127 -2.67 1.88 -10.90
CA ASP A 127 -2.12 1.48 -12.20
C ASP A 127 -2.16 -0.04 -12.38
N GLY A 128 -1.89 -0.79 -11.31
CA GLY A 128 -1.83 -2.23 -11.41
C GLY A 128 -3.14 -2.97 -11.35
N ILE A 129 -4.27 -2.27 -11.21
CA ILE A 129 -5.57 -2.89 -11.05
C ILE A 129 -6.25 -2.97 -12.41
N ARG A 130 -6.83 -4.14 -12.71
CA ARG A 130 -7.57 -4.37 -13.94
C ARG A 130 -8.84 -5.14 -13.61
N GLY A 131 -9.77 -5.14 -14.56
CA GLY A 131 -11.05 -5.77 -14.35
C GLY A 131 -10.96 -7.29 -14.29
N PHE A 132 -12.02 -7.90 -13.77
CA PHE A 132 -12.07 -9.34 -13.65
C PHE A 132 -11.98 -9.99 -15.04
N PRO A 133 -11.15 -11.02 -15.21
CA PRO A 133 -10.90 -11.57 -16.54
C PRO A 133 -12.13 -12.21 -17.17
N ARG A 134 -12.80 -13.09 -16.44
CA ARG A 134 -13.81 -13.98 -16.99
C ARG A 134 -15.16 -13.68 -16.35
N CYS A 135 -16.03 -13.01 -17.09
CA CYS A 135 -17.38 -12.69 -16.65
C CYS A 135 -18.37 -13.06 -17.75
N ARG A 136 -19.59 -13.42 -17.34
CA ARG A 136 -20.68 -13.69 -18.27
C ARG A 136 -21.59 -12.49 -18.44
N TYR A 137 -22.15 -11.99 -17.35
CA TYR A 137 -22.98 -10.79 -17.36
C TYR A 137 -22.33 -9.71 -16.51
N VAL A 138 -22.22 -8.51 -17.06
CA VAL A 138 -21.63 -7.37 -16.36
C VAL A 138 -22.77 -6.42 -16.00
N HIS A 139 -23.03 -6.27 -14.71
CA HIS A 139 -24.11 -5.40 -14.23
C HIS A 139 -23.54 -4.01 -14.01
N LYS A 140 -23.73 -3.13 -14.98
CA LYS A 140 -23.19 -1.78 -14.94
C LYS A 140 -24.23 -0.85 -14.33
N VAL A 141 -23.87 -0.22 -13.21
CA VAL A 141 -24.77 0.67 -12.48
C VAL A 141 -24.17 2.06 -12.48
N SER A 142 -25.00 3.06 -12.78
CA SER A 142 -24.56 4.46 -12.81
C SER A 142 -25.71 5.34 -12.34
N GLY A 143 -25.43 6.19 -11.36
CA GLY A 143 -26.47 7.05 -10.83
C GLY A 143 -25.92 8.00 -9.79
N THR A 144 -26.79 8.41 -8.87
CA THR A 144 -26.42 9.32 -7.79
C THR A 144 -26.99 8.82 -6.47
N GLY A 145 -26.34 9.23 -5.38
CA GLY A 145 -26.80 8.91 -4.05
C GLY A 145 -25.88 9.47 -2.99
N PRO A 146 -26.32 9.42 -1.73
CA PRO A 146 -25.45 9.85 -0.63
C PRO A 146 -24.21 8.97 -0.54
N CYS A 147 -23.10 9.58 -0.13
CA CYS A 147 -21.82 8.89 0.02
C CYS A 147 -21.21 9.39 1.33
N ALA A 148 -21.50 8.68 2.42
CA ALA A 148 -21.12 9.15 3.75
C ALA A 148 -19.61 9.08 3.96
N GLY A 149 -19.04 7.87 3.87
CA GLY A 149 -17.64 7.66 4.15
C GLY A 149 -16.75 7.96 2.97
N ASP A 150 -15.50 7.52 3.07
CA ASP A 150 -14.52 7.71 2.01
C ASP A 150 -14.37 6.51 1.09
N PHE A 151 -14.59 5.30 1.61
CA PHE A 151 -14.40 4.08 0.83
C PHE A 151 -15.61 3.17 1.01
N ALA A 152 -15.76 2.24 0.08
CA ALA A 152 -16.86 1.28 0.09
C ALA A 152 -16.34 -0.08 0.56
N PHE A 153 -16.96 -0.61 1.60
CA PHE A 153 -16.52 -1.86 2.22
C PHE A 153 -17.62 -2.90 2.14
N HIS A 154 -17.21 -4.16 2.26
CA HIS A 154 -18.14 -5.28 2.29
C HIS A 154 -18.67 -5.45 3.71
N LYS A 155 -19.99 -5.53 3.84
CA LYS A 155 -20.60 -5.68 5.16
C LYS A 155 -20.51 -7.11 5.69
N GLU A 156 -20.13 -8.07 4.87
CA GLU A 156 -20.00 -9.45 5.30
C GLU A 156 -18.57 -9.85 5.66
N GLY A 157 -17.58 -9.17 5.09
CA GLY A 157 -16.18 -9.46 5.39
C GLY A 157 -15.40 -10.02 4.23
N ALA A 158 -16.02 -10.22 3.06
CA ALA A 158 -15.36 -10.83 1.92
C ALA A 158 -14.51 -9.78 1.20
N PHE A 159 -14.02 -10.15 0.02
CA PHE A 159 -13.15 -9.30 -0.79
C PHE A 159 -13.80 -8.99 -2.12
N PHE A 160 -13.21 -8.03 -2.84
CA PHE A 160 -13.51 -7.77 -4.23
C PHE A 160 -12.29 -8.17 -5.06
N LEU A 161 -12.52 -9.00 -6.08
CA LEU A 161 -11.44 -9.59 -6.87
C LEU A 161 -11.27 -8.82 -8.17
N TYR A 162 -10.05 -8.34 -8.42
CA TYR A 162 -9.70 -7.62 -9.65
C TYR A 162 -8.47 -8.28 -10.27
N ASP A 163 -8.69 -9.32 -11.09
CA ASP A 163 -7.66 -9.87 -11.97
C ASP A 163 -6.38 -10.21 -11.18
N ARG A 164 -6.52 -11.21 -10.31
CA ARG A 164 -5.43 -11.70 -9.47
C ARG A 164 -4.97 -10.66 -8.45
N LEU A 165 -5.92 -9.87 -7.93
CA LEU A 165 -5.64 -8.88 -6.90
C LEU A 165 -6.92 -8.71 -6.09
N ALA A 166 -6.97 -9.33 -4.91
CA ALA A 166 -8.15 -9.29 -4.06
C ALA A 166 -8.05 -8.08 -3.14
N SER A 167 -8.97 -7.14 -3.30
CA SER A 167 -8.99 -5.91 -2.53
C SER A 167 -10.13 -5.95 -1.50
N THR A 168 -10.26 -4.85 -0.76
CA THR A 168 -11.35 -4.70 0.21
C THR A 168 -12.21 -3.47 -0.07
N VAL A 169 -11.93 -2.73 -1.14
CA VAL A 169 -12.65 -1.50 -1.45
C VAL A 169 -13.04 -1.52 -2.93
N ILE A 170 -14.21 -0.97 -3.23
CA ILE A 170 -14.66 -0.86 -4.62
C ILE A 170 -13.96 0.31 -5.28
N TYR A 171 -13.43 0.08 -6.48
CA TYR A 171 -12.79 1.11 -7.27
C TYR A 171 -13.73 1.56 -8.40
N ARG A 172 -13.49 2.79 -8.87
CA ARG A 172 -14.40 3.40 -9.83
C ARG A 172 -14.17 2.85 -11.22
N GLY A 173 -15.22 2.31 -11.83
CA GLY A 173 -15.20 1.95 -13.23
C GLY A 173 -14.41 0.71 -13.59
N THR A 174 -14.19 -0.20 -12.66
CA THR A 174 -13.49 -1.44 -12.94
C THR A 174 -14.38 -2.63 -12.58
N THR A 175 -14.43 -3.61 -13.48
CA THR A 175 -15.24 -4.80 -13.25
C THR A 175 -14.65 -5.64 -12.14
N PHE A 176 -15.52 -6.25 -11.33
CA PHE A 176 -15.07 -7.04 -10.20
C PHE A 176 -16.14 -8.06 -9.85
N ALA A 177 -15.74 -9.07 -9.07
CA ALA A 177 -16.65 -10.06 -8.54
C ALA A 177 -16.25 -10.33 -7.09
N GLU A 178 -17.24 -10.40 -6.21
CA GLU A 178 -16.99 -10.58 -4.79
C GLU A 178 -16.74 -12.04 -4.46
N GLY A 179 -15.74 -12.27 -3.61
CA GLY A 179 -15.35 -13.64 -3.29
C GLY A 179 -14.37 -13.66 -2.14
N VAL A 180 -13.75 -14.84 -1.95
CA VAL A 180 -12.85 -15.10 -0.85
C VAL A 180 -11.63 -15.86 -1.37
N VAL A 181 -10.58 -15.89 -0.55
CA VAL A 181 -9.27 -16.41 -0.96
C VAL A 181 -8.88 -17.56 -0.05
N ALA A 182 -8.33 -18.62 -0.64
CA ALA A 182 -7.89 -19.81 0.09
C ALA A 182 -6.44 -20.12 -0.24
N PHE A 183 -5.73 -20.69 0.74
CA PHE A 183 -4.32 -21.03 0.61
C PHE A 183 -4.17 -22.55 0.66
N LEU A 184 -3.26 -23.08 -0.16
CA LEU A 184 -3.32 -24.49 -0.51
C LEU A 184 -1.92 -25.06 -0.76
N ILE A 185 -1.80 -26.38 -0.59
CA ILE A 185 -0.61 -27.13 -0.95
C ILE A 185 -1.01 -28.23 -1.92
N LEU A 186 -0.49 -28.17 -3.15
CA LEU A 186 -0.77 -29.20 -4.14
C LEU A 186 0.04 -30.46 -3.87
N PRO A 187 -0.49 -31.65 -4.19
CA PRO A 187 0.27 -32.88 -3.93
C PRO A 187 1.31 -33.18 -4.98
N GLN A 188 2.59 -32.93 -4.64
CA GLN A 188 3.75 -33.37 -5.40
C GLN A 188 3.77 -32.81 -6.82
N ALA A 189 2.78 -31.96 -7.14
CA ALA A 189 2.72 -31.23 -8.41
C ALA A 189 2.80 -32.19 -9.61
N LYS A 190 1.76 -33.01 -9.73
CA LYS A 190 1.64 -33.92 -10.86
C LYS A 190 1.02 -33.24 -12.09
N LYS A 191 0.82 -31.93 -12.05
CA LYS A 191 0.10 -31.16 -13.06
C LYS A 191 -1.36 -31.58 -13.21
N ASP A 192 -1.86 -32.40 -12.28
CA ASP A 192 -3.27 -32.79 -12.32
C ASP A 192 -4.19 -31.68 -11.82
N PHE A 193 -3.66 -30.74 -11.03
CA PHE A 193 -4.42 -29.62 -10.51
C PHE A 193 -3.96 -28.34 -11.19
N PHE A 194 -4.91 -27.59 -11.75
CA PHE A 194 -4.69 -26.24 -12.26
C PHE A 194 -3.71 -26.22 -13.44
N SER A 195 -3.43 -27.38 -14.03
CA SER A 195 -2.54 -27.44 -15.17
C SER A 195 -3.18 -28.25 -16.30
N SER A 196 -4.09 -29.16 -15.93
CA SER A 196 -4.78 -30.00 -16.89
C SER A 196 -6.26 -30.05 -16.54
N HIS A 197 -7.10 -30.18 -17.56
CA HIS A 197 -8.55 -30.24 -17.38
C HIS A 197 -9.02 -31.68 -17.55
N PRO A 198 -9.39 -32.36 -16.46
CA PRO A 198 -9.81 -33.77 -16.60
C PRO A 198 -11.08 -33.95 -17.41
N LEU A 199 -12.05 -33.04 -17.28
CA LEU A 199 -13.41 -33.26 -17.79
C LEU A 199 -13.94 -34.63 -17.37
N GLY A 212 -15.86 -20.97 -25.53
CA GLY A 212 -15.89 -19.60 -26.02
C GLY A 212 -16.21 -18.59 -24.93
N TYR A 213 -15.55 -17.43 -25.00
CA TYR A 213 -15.75 -16.37 -24.03
C TYR A 213 -16.62 -15.28 -24.64
N TYR A 214 -17.72 -14.94 -23.95
CA TYR A 214 -18.65 -13.95 -24.45
C TYR A 214 -19.36 -13.31 -23.26
N SER A 215 -19.13 -12.01 -23.08
CA SER A 215 -19.72 -11.26 -21.98
C SER A 215 -20.62 -10.16 -22.54
N THR A 216 -21.81 -10.03 -21.96
CA THR A 216 -22.76 -9.01 -22.36
C THR A 216 -22.94 -8.01 -21.21
N THR A 217 -23.09 -6.74 -21.57
CA THR A 217 -23.20 -5.66 -20.60
C THR A 217 -24.67 -5.29 -20.41
N ILE A 218 -25.11 -5.21 -19.15
CA ILE A 218 -26.46 -4.82 -18.81
C ILE A 218 -26.36 -3.54 -18.00
N ARG A 219 -27.03 -2.49 -18.48
CA ARG A 219 -26.86 -1.14 -17.95
C ARG A 219 -28.07 -0.75 -17.11
N TYR A 220 -27.80 -0.19 -15.92
CA TYR A 220 -28.85 0.21 -14.99
C TYR A 220 -28.77 1.70 -14.74
N GLN A 221 -29.60 2.16 -13.80
CA GLN A 221 -29.61 3.56 -13.39
C GLN A 221 -30.24 3.64 -12.01
N ALA A 222 -29.49 4.14 -11.02
CA ALA A 222 -29.92 4.14 -9.64
C ALA A 222 -30.00 5.55 -9.08
N THR A 223 -30.92 5.75 -8.14
CA THR A 223 -31.01 6.99 -7.38
C THR A 223 -31.14 6.65 -5.90
N GLY A 224 -30.57 7.49 -5.05
CA GLY A 224 -30.52 7.20 -3.64
C GLY A 224 -29.64 6.01 -3.29
N PHE A 225 -28.50 5.87 -3.97
CA PHE A 225 -27.59 4.76 -3.71
C PHE A 225 -27.00 4.88 -2.32
N GLY A 226 -26.80 3.73 -1.67
CA GLY A 226 -26.25 3.69 -0.34
C GLY A 226 -27.27 3.79 0.78
N THR A 227 -28.55 3.95 0.46
CA THR A 227 -29.60 4.08 1.45
C THR A 227 -30.62 2.96 1.27
N ASN A 228 -31.52 2.86 2.24
CA ASN A 228 -32.63 1.92 2.19
C ASN A 228 -33.79 2.40 1.34
N GLU A 229 -33.84 3.70 1.00
CA GLU A 229 -34.82 4.23 0.06
C GLU A 229 -34.12 4.47 -1.27
N THR A 230 -34.03 3.40 -2.06
CA THR A 230 -33.31 3.43 -3.33
C THR A 230 -34.20 2.89 -4.44
N GLU A 231 -33.96 3.39 -5.65
CA GLU A 231 -34.75 3.01 -6.83
C GLU A 231 -33.82 2.69 -7.98
N TYR A 232 -34.15 1.63 -8.72
CA TYR A 232 -33.37 1.19 -9.87
C TYR A 232 -34.26 1.14 -11.10
N LEU A 233 -33.64 1.36 -12.26
CA LEU A 233 -34.33 1.29 -13.55
C LEU A 233 -33.43 0.60 -14.56
N PHE A 234 -33.94 -0.44 -15.20
CA PHE A 234 -33.21 -1.12 -16.25
C PHE A 234 -33.29 -0.29 -17.52
N GLU A 235 -32.16 0.21 -17.98
CA GLU A 235 -32.11 1.15 -19.11
C GLU A 235 -32.28 0.35 -20.40
N VAL A 236 -33.50 0.36 -20.94
CA VAL A 236 -33.76 -0.33 -22.20
C VAL A 236 -33.02 0.34 -23.35
N ASP A 237 -33.14 1.66 -23.44
CA ASP A 237 -32.35 2.43 -24.40
C ASP A 237 -32.27 3.87 -23.92
N ASN A 238 -32.01 4.78 -24.87
CA ASN A 238 -31.62 6.14 -24.55
C ASN A 238 -32.79 6.92 -23.95
N LEU A 239 -34.03 6.53 -24.30
CA LEU A 239 -35.22 7.21 -23.79
C LEU A 239 -36.25 6.29 -23.14
N THR A 240 -36.05 4.97 -23.13
CA THR A 240 -37.01 4.03 -22.57
C THR A 240 -36.35 3.27 -21.42
N TYR A 241 -37.05 3.19 -20.29
CA TYR A 241 -36.58 2.46 -19.13
C TYR A 241 -37.71 1.58 -18.61
N VAL A 242 -37.34 0.51 -17.92
CA VAL A 242 -38.29 -0.43 -17.32
C VAL A 242 -37.98 -0.52 -15.83
N GLN A 243 -39.02 -0.43 -15.01
CA GLN A 243 -38.84 -0.56 -13.56
C GLN A 243 -38.29 -1.94 -13.23
N LEU A 244 -37.34 -1.96 -12.29
CA LEU A 244 -36.61 -3.18 -11.93
C LEU A 244 -37.09 -3.69 -10.58
N GLU A 245 -37.21 -5.01 -10.48
CA GLU A 245 -37.55 -5.68 -9.23
C GLU A 245 -36.57 -6.82 -9.00
N SER A 246 -36.67 -7.44 -7.82
CA SER A 246 -35.70 -8.46 -7.43
C SER A 246 -35.94 -9.79 -8.14
N ARG A 247 -37.17 -10.06 -8.58
CA ARG A 247 -37.47 -11.34 -9.20
C ARG A 247 -36.80 -11.51 -10.56
N PHE A 248 -36.44 -10.42 -11.23
CA PHE A 248 -35.96 -10.50 -12.60
C PHE A 248 -34.56 -11.12 -12.65
N THR A 249 -34.36 -11.99 -13.64
CA THR A 249 -33.11 -12.67 -13.91
C THR A 249 -32.46 -12.11 -15.19
N PRO A 250 -31.13 -12.21 -15.33
CA PRO A 250 -30.48 -11.62 -16.51
C PRO A 250 -31.01 -12.13 -17.83
N GLN A 251 -31.43 -13.40 -17.90
CA GLN A 251 -32.04 -13.90 -19.13
C GLN A 251 -33.36 -13.20 -19.42
N PHE A 252 -34.15 -12.92 -18.38
CA PHE A 252 -35.47 -12.28 -18.56
C PHE A 252 -35.26 -10.88 -19.08
N LEU A 253 -34.42 -10.11 -18.40
CA LEU A 253 -34.22 -8.69 -18.80
C LEU A 253 -33.87 -8.66 -20.29
N LEU A 254 -32.95 -9.51 -20.76
CA LEU A 254 -32.51 -9.45 -22.17
C LEU A 254 -33.70 -9.80 -23.08
N GLN A 255 -34.71 -10.50 -22.57
CA GLN A 255 -35.92 -10.77 -23.37
C GLN A 255 -36.73 -9.47 -23.48
N LEU A 256 -36.90 -8.76 -22.37
CA LEU A 256 -37.67 -7.49 -22.38
C LEU A 256 -36.97 -6.52 -23.34
N ASN A 257 -35.63 -6.48 -23.35
CA ASN A 257 -34.87 -5.59 -24.26
C ASN A 257 -35.30 -5.84 -25.71
N GLU A 258 -35.67 -7.07 -26.04
CA GLU A 258 -36.02 -7.41 -27.45
C GLU A 258 -37.52 -7.15 -27.67
N THR A 259 -38.37 -7.64 -26.78
CA THR A 259 -39.83 -7.51 -27.02
C THR A 259 -40.21 -6.04 -27.05
N ILE A 260 -39.53 -5.17 -26.30
CA ILE A 260 -39.82 -3.70 -26.35
C ILE A 260 -39.31 -3.13 -27.68
N TYR A 261 -38.04 -3.35 -28.01
CA TYR A 261 -37.45 -2.74 -29.23
C TYR A 261 -38.20 -3.13 -30.49
N THR A 262 -38.68 -4.37 -30.58
CA THR A 262 -39.29 -4.83 -31.85
C THR A 262 -40.77 -4.52 -31.89
N SER A 263 -41.34 -3.93 -30.84
CA SER A 263 -42.80 -3.72 -30.83
C SER A 263 -43.15 -2.32 -30.34
N GLY A 264 -42.52 -1.90 -29.25
CA GLY A 264 -42.82 -0.58 -28.67
C GLY A 264 -42.97 0.48 -29.75
N LYS A 265 -42.39 0.26 -30.93
CA LYS A 265 -42.43 1.24 -32.00
C LYS A 265 -41.90 2.59 -31.52
N ARG A 266 -41.66 2.76 -30.22
CA ARG A 266 -41.03 3.94 -29.62
C ARG A 266 -41.56 5.23 -30.23
N SER A 267 -42.85 5.50 -30.07
CA SER A 267 -43.43 6.74 -30.56
C SER A 267 -42.68 7.93 -29.98
N ASN A 268 -42.41 8.93 -30.82
CA ASN A 268 -41.57 10.03 -30.41
C ASN A 268 -42.37 10.98 -29.53
N THR A 269 -42.95 10.46 -28.46
CA THR A 269 -43.58 11.31 -27.45
C THR A 269 -42.55 12.14 -26.72
N THR A 270 -41.29 11.67 -26.70
CA THR A 270 -40.14 12.35 -26.12
C THR A 270 -40.20 12.29 -24.60
N GLY A 271 -39.06 12.29 -23.94
CA GLY A 271 -39.01 12.11 -22.50
C GLY A 271 -38.91 10.64 -22.13
N LYS A 272 -38.47 10.40 -20.90
CA LYS A 272 -38.26 9.03 -20.42
C LYS A 272 -39.58 8.44 -19.94
N LEU A 273 -39.95 7.30 -20.50
CA LEU A 273 -41.14 6.57 -20.10
C LEU A 273 -40.73 5.33 -19.32
N ILE A 274 -41.38 5.10 -18.18
CA ILE A 274 -41.07 3.97 -17.31
C ILE A 274 -42.14 2.92 -17.48
N TRP A 275 -41.72 1.70 -17.82
CA TRP A 275 -42.61 0.57 -18.03
C TRP A 275 -42.62 -0.31 -16.79
N LYS A 276 -43.75 -0.99 -16.55
CA LYS A 276 -43.86 -1.88 -15.35
C LYS A 276 -44.40 -3.25 -15.75
N VAL A 277 -43.69 -4.33 -15.40
CA VAL A 277 -44.15 -5.71 -15.75
C VAL A 277 -45.46 -5.99 -15.02
N ASN A 278 -46.47 -6.52 -15.72
CA ASN A 278 -47.79 -6.70 -15.06
C ASN A 278 -47.55 -7.39 -13.72
N PRO A 279 -48.03 -6.81 -12.61
CA PRO A 279 -47.80 -7.39 -11.29
C PRO A 279 -48.37 -8.79 -11.32
N GLU A 280 -49.49 -8.96 -12.01
CA GLU A 280 -50.12 -10.30 -12.11
C GLU A 280 -49.15 -11.23 -12.87
N ILE A 281 -48.97 -12.44 -12.35
CA ILE A 281 -47.95 -13.41 -12.86
C ILE A 281 -47.00 -12.69 -13.80
N ASP A 282 -47.35 -12.63 -15.09
CA ASP A 282 -46.48 -11.96 -16.10
C ASP A 282 -47.24 -11.94 -17.42
N GLU A 502 -11.49 -33.24 6.46
CA GLU A 502 -12.23 -33.16 7.71
C GLU A 502 -13.04 -31.87 7.79
N ALA A 503 -13.31 -31.26 6.63
CA ALA A 503 -14.04 -30.01 6.55
C ALA A 503 -15.47 -30.29 6.11
N ILE A 504 -16.44 -29.88 6.94
CA ILE A 504 -17.84 -30.05 6.63
C ILE A 504 -18.36 -28.81 5.93
N VAL A 505 -19.24 -29.02 4.94
CA VAL A 505 -19.70 -27.93 4.09
C VAL A 505 -21.17 -27.60 4.31
N ASN A 506 -21.95 -28.50 4.91
CA ASN A 506 -23.40 -28.33 5.05
C ASN A 506 -23.77 -27.04 5.77
N ALA A 507 -22.80 -26.35 6.38
CA ALA A 507 -23.06 -25.01 6.89
C ALA A 507 -23.48 -24.07 5.78
N GLN A 508 -22.83 -24.17 4.62
CA GLN A 508 -23.23 -23.39 3.46
C GLN A 508 -24.55 -23.92 2.89
N PRO A 509 -25.45 -23.04 2.47
CA PRO A 509 -26.72 -23.54 1.89
C PRO A 509 -26.54 -24.37 0.64
N LYS A 510 -25.58 -24.03 -0.22
CA LYS A 510 -25.35 -24.75 -1.46
C LYS A 510 -23.88 -24.65 -1.84
N CYS A 511 -23.28 -25.77 -2.21
CA CYS A 511 -21.93 -25.80 -2.74
C CYS A 511 -21.97 -26.37 -4.15
N ASN A 512 -21.24 -25.73 -5.06
CA ASN A 512 -21.28 -26.13 -6.47
C ASN A 512 -20.45 -27.40 -6.68
N PRO A 513 -21.02 -28.45 -7.25
CA PRO A 513 -20.25 -29.68 -7.51
C PRO A 513 -19.25 -29.57 -8.65
N ASN A 514 -19.13 -28.42 -9.31
CA ASN A 514 -18.20 -28.23 -10.40
C ASN A 514 -17.35 -26.99 -10.14
N LEU A 515 -16.15 -26.99 -10.72
CA LEU A 515 -15.24 -25.86 -10.61
C LEU A 515 -14.62 -25.62 -11.98
N HIS A 516 -14.98 -24.51 -12.60
CA HIS A 516 -14.54 -24.17 -13.95
C HIS A 516 -13.61 -22.97 -13.82
N TYR A 517 -12.31 -23.22 -13.91
CA TYR A 517 -11.30 -22.28 -13.45
C TYR A 517 -10.50 -21.70 -14.60
N TRP A 518 -9.79 -20.62 -14.30
CA TRP A 518 -8.78 -20.04 -15.18
C TRP A 518 -7.54 -19.72 -14.35
N THR A 519 -6.37 -19.82 -14.98
CA THR A 519 -5.12 -19.51 -14.31
C THR A 519 -4.13 -18.99 -15.34
N THR A 520 -3.05 -18.39 -14.84
CA THR A 520 -2.05 -17.80 -15.72
C THR A 520 -1.30 -18.88 -16.49
N GLN A 521 -0.64 -18.46 -17.57
CA GLN A 521 0.06 -19.38 -18.45
C GLN A 521 1.03 -20.25 -17.66
N ASP A 522 1.21 -21.49 -18.13
CA ASP A 522 2.02 -22.47 -17.43
C ASP A 522 3.48 -22.36 -17.84
N GLU A 523 3.91 -21.18 -18.27
CA GLU A 523 5.23 -20.93 -18.83
C GLU A 523 5.41 -21.86 -20.03
N GLY A 524 6.65 -22.26 -20.32
CA GLY A 524 6.93 -23.13 -21.45
C GLY A 524 6.21 -22.74 -22.72
N ALA A 525 5.32 -23.62 -23.16
CA ALA A 525 4.34 -23.36 -24.23
C ALA A 525 4.89 -22.54 -25.38
N ALA A 526 4.40 -21.30 -25.52
CA ALA A 526 4.74 -20.41 -26.63
C ALA A 526 6.24 -20.37 -26.89
N ILE A 527 6.65 -20.80 -28.09
CA ILE A 527 8.06 -20.90 -28.42
C ILE A 527 8.35 -20.25 -29.76
N GLY A 528 7.33 -20.13 -30.61
CA GLY A 528 7.56 -19.67 -31.97
C GLY A 528 8.25 -18.33 -32.06
N LEU A 529 7.54 -17.25 -31.73
CA LEU A 529 8.18 -15.96 -31.52
C LEU A 529 7.43 -15.20 -30.43
N ALA A 530 6.54 -15.90 -29.72
CA ALA A 530 5.55 -15.26 -28.86
C ALA A 530 6.08 -14.93 -27.48
N TRP A 531 7.32 -15.26 -27.15
CA TRP A 531 7.87 -14.88 -25.85
C TRP A 531 8.20 -13.39 -25.82
N ILE A 532 8.48 -12.80 -26.97
CA ILE A 532 8.74 -11.37 -27.07
C ILE A 532 7.48 -10.60 -26.68
N PRO A 533 7.55 -9.63 -25.77
CA PRO A 533 6.37 -8.81 -25.45
C PRO A 533 5.83 -8.05 -26.65
N TYR A 534 6.70 -7.66 -27.58
CA TYR A 534 6.25 -6.92 -28.76
C TYR A 534 5.40 -7.79 -29.68
N PHE A 535 5.73 -9.08 -29.79
CA PHE A 535 5.00 -10.00 -30.63
C PHE A 535 4.06 -10.92 -29.86
N GLY A 536 3.98 -10.76 -28.53
CA GLY A 536 3.20 -11.67 -27.72
C GLY A 536 1.74 -11.30 -27.66
N PRO A 537 0.99 -12.08 -26.89
CA PRO A 537 -0.45 -11.82 -26.74
C PRO A 537 -0.72 -10.59 -25.90
N ALA A 538 -1.96 -10.12 -25.99
CA ALA A 538 -2.41 -8.96 -25.24
C ALA A 538 -2.62 -9.34 -23.78
N ALA A 539 -3.16 -8.40 -23.00
CA ALA A 539 -3.29 -8.61 -21.56
C ALA A 539 -4.39 -9.60 -21.19
N GLU A 540 -5.23 -10.01 -22.13
CA GLU A 540 -6.33 -10.93 -21.85
C GLU A 540 -6.18 -12.28 -22.53
N GLY A 541 -5.11 -12.49 -23.29
CA GLY A 541 -4.95 -13.75 -23.99
C GLY A 541 -3.89 -14.67 -23.40
N ILE A 542 -3.60 -14.50 -22.11
CA ILE A 542 -2.53 -15.24 -21.45
C ILE A 542 -3.06 -16.33 -20.52
N TYR A 543 -4.37 -16.45 -20.36
CA TYR A 543 -4.94 -17.39 -19.41
C TYR A 543 -5.13 -18.77 -20.03
N ILE A 544 -5.35 -19.74 -19.13
CA ILE A 544 -5.66 -21.13 -19.54
C ILE A 544 -7.02 -21.48 -18.90
N GLU A 545 -7.72 -22.50 -19.37
CA GLU A 545 -9.05 -22.88 -18.91
C GLU A 545 -9.07 -24.34 -18.52
N GLY A 546 -9.99 -24.69 -17.62
CA GLY A 546 -10.09 -26.06 -17.17
C GLY A 546 -11.39 -26.30 -16.42
N LEU A 547 -11.66 -27.58 -16.15
CA LEU A 547 -12.86 -28.01 -15.46
C LEU A 547 -12.52 -29.22 -14.59
N MET A 548 -13.03 -29.22 -13.36
CA MET A 548 -12.71 -30.24 -12.36
C MET A 548 -13.98 -30.83 -11.76
N HIS A 549 -14.91 -31.23 -12.62
CA HIS A 549 -16.21 -31.70 -12.16
C HIS A 549 -16.21 -33.15 -11.68
N ASN A 550 -15.12 -33.89 -11.90
CA ASN A 550 -15.13 -35.31 -11.56
C ASN A 550 -15.31 -35.53 -10.06
N GLN A 551 -14.64 -34.74 -9.24
CA GLN A 551 -14.72 -34.87 -7.78
C GLN A 551 -15.60 -33.78 -7.21
N ASP A 552 -16.45 -34.16 -6.27
CA ASP A 552 -17.37 -33.23 -5.61
C ASP A 552 -17.01 -32.98 -4.15
N GLY A 553 -16.53 -34.01 -3.45
CA GLY A 553 -16.13 -33.81 -2.06
C GLY A 553 -14.94 -32.89 -1.91
N LEU A 554 -14.02 -32.92 -2.87
CA LEU A 554 -12.83 -32.08 -2.78
C LEU A 554 -13.17 -30.60 -2.91
N ILE A 555 -13.92 -30.23 -3.94
CA ILE A 555 -14.06 -28.81 -4.25
C ILE A 555 -15.08 -28.12 -3.36
N CYS A 556 -16.09 -28.85 -2.86
CA CYS A 556 -16.95 -28.27 -1.83
C CYS A 556 -16.16 -28.04 -0.55
N GLY A 557 -15.26 -28.96 -0.21
CA GLY A 557 -14.37 -28.74 0.92
C GLY A 557 -13.49 -27.52 0.73
N LEU A 558 -13.06 -27.26 -0.50
CA LEU A 558 -12.31 -26.03 -0.79
C LEU A 558 -13.16 -24.80 -0.52
N ARG A 559 -14.45 -24.86 -0.89
CA ARG A 559 -15.32 -23.69 -0.73
C ARG A 559 -15.51 -23.35 0.74
N GLN A 560 -15.51 -24.35 1.61
CA GLN A 560 -15.62 -24.08 3.05
C GLN A 560 -14.31 -23.60 3.63
N LEU A 561 -13.17 -24.08 3.11
CA LEU A 561 -11.87 -23.66 3.63
C LEU A 561 -11.66 -22.17 3.44
N ALA A 562 -12.04 -21.64 2.28
CA ALA A 562 -11.89 -20.21 2.03
C ALA A 562 -12.80 -19.38 2.93
N ASN A 563 -14.00 -19.90 3.23
CA ASN A 563 -14.88 -19.24 4.19
C ASN A 563 -14.30 -19.28 5.60
N GLU A 564 -13.54 -20.33 5.93
CA GLU A 564 -12.99 -20.45 7.28
C GLU A 564 -11.77 -19.54 7.47
N THR A 565 -10.96 -19.37 6.42
CA THR A 565 -9.70 -18.65 6.53
C THR A 565 -9.84 -17.15 6.33
N THR A 566 -11.03 -16.64 6.01
CA THR A 566 -11.16 -15.22 5.70
C THR A 566 -11.04 -14.37 6.95
N GLN A 567 -11.32 -14.92 8.13
CA GLN A 567 -11.21 -14.14 9.36
C GLN A 567 -9.76 -13.84 9.69
N ALA A 568 -8.90 -14.86 9.62
CA ALA A 568 -7.49 -14.66 9.97
C ALA A 568 -6.77 -13.84 8.91
N LEU A 569 -7.24 -13.92 7.66
CA LEU A 569 -6.64 -13.11 6.60
C LEU A 569 -6.93 -11.63 6.81
N GLN A 570 -8.14 -11.29 7.25
CA GLN A 570 -8.49 -9.89 7.47
C GLN A 570 -7.73 -9.31 8.65
N LEU A 571 -7.56 -10.09 9.72
CA LEU A 571 -6.82 -9.62 10.89
C LEU A 571 -5.34 -9.40 10.55
N PHE A 572 -4.76 -10.28 9.73
CA PHE A 572 -3.38 -10.11 9.33
C PHE A 572 -3.20 -8.85 8.50
N LEU A 573 -4.16 -8.55 7.63
CA LEU A 573 -4.05 -7.37 6.76
C LEU A 573 -4.12 -6.08 7.57
N ARG A 574 -4.92 -6.07 8.64
CA ARG A 574 -5.00 -4.88 9.48
C ARG A 574 -3.66 -4.62 10.17
N ALA A 575 -2.98 -5.68 10.60
CA ALA A 575 -1.72 -5.52 11.33
C ALA A 575 -0.62 -4.95 10.43
N THR A 576 -0.53 -5.43 9.20
CA THR A 576 0.57 -5.06 8.33
C THR A 576 0.46 -3.60 7.90
N THR A 577 1.50 -3.12 7.22
CA THR A 577 1.53 -1.76 6.69
C THR A 577 1.87 -1.73 5.20
N GLU A 578 1.96 -2.89 4.55
CA GLU A 578 2.23 -2.95 3.12
C GLU A 578 0.99 -2.56 2.33
N LEU A 579 1.21 -1.81 1.24
CA LEU A 579 0.11 -1.49 0.35
C LEU A 579 -0.35 -2.72 -0.41
N ARG A 580 0.60 -3.49 -0.97
CA ARG A 580 0.31 -4.73 -1.67
C ARG A 580 1.14 -5.84 -1.05
N THR A 581 0.52 -6.99 -0.84
CA THR A 581 1.14 -8.12 -0.17
C THR A 581 1.34 -9.26 -1.15
N PHE A 582 2.58 -9.76 -1.25
CA PHE A 582 2.89 -10.87 -2.13
C PHE A 582 3.67 -11.99 -1.45
N SER A 583 4.07 -11.83 -0.19
CA SER A 583 5.01 -12.75 0.45
C SER A 583 4.38 -13.54 1.59
N ILE A 584 3.13 -13.97 1.43
CA ILE A 584 2.52 -14.84 2.42
C ILE A 584 3.06 -16.26 2.29
N LEU A 585 3.20 -16.74 1.06
CA LEU A 585 3.59 -18.13 0.83
C LEU A 585 5.07 -18.35 1.16
N ASN A 586 5.93 -17.38 0.83
CA ASN A 586 7.34 -17.51 1.17
C ASN A 586 7.54 -17.52 2.69
N ARG A 587 6.77 -16.71 3.41
CA ARG A 587 6.84 -16.73 4.87
C ARG A 587 6.39 -18.09 5.41
N LYS A 588 5.40 -18.72 4.77
CA LYS A 588 4.96 -20.04 5.18
C LYS A 588 6.06 -21.08 4.97
N ALA A 589 6.78 -20.98 3.85
CA ALA A 589 7.83 -21.95 3.56
C ALA A 589 9.01 -21.80 4.50
N ILE A 590 9.40 -20.55 4.80
CA ILE A 590 10.50 -20.32 5.73
C ILE A 590 10.15 -20.84 7.11
N ASP A 591 8.90 -20.63 7.54
CA ASP A 591 8.46 -21.15 8.83
C ASP A 591 8.49 -22.67 8.85
N PHE A 592 8.10 -23.30 7.73
CA PHE A 592 8.10 -24.76 7.66
C PHE A 592 9.50 -25.33 7.85
N LEU A 593 10.49 -24.74 7.17
CA LEU A 593 11.87 -25.19 7.34
C LEU A 593 12.38 -24.95 8.75
N LEU A 594 11.99 -23.82 9.34
CA LEU A 594 12.48 -23.48 10.67
C LEU A 594 11.84 -24.33 11.75
N GLN A 595 10.61 -24.81 11.52
CA GLN A 595 9.99 -25.72 12.47
C GLN A 595 10.76 -27.03 12.57
N ARG A 596 11.10 -27.63 11.43
CA ARG A 596 11.46 -29.04 11.43
C ARG A 596 12.97 -29.26 11.41
N TRP A 597 13.70 -28.43 10.66
CA TRP A 597 15.16 -28.45 10.70
C TRP A 597 15.70 -27.23 11.45
N GLY A 598 14.97 -26.78 12.47
CA GLY A 598 15.37 -25.56 13.16
C GLY A 598 16.67 -25.72 13.91
N GLY A 599 16.85 -26.86 14.58
CA GLY A 599 18.09 -27.11 15.28
C GLY A 599 18.01 -28.15 16.37
N THR A 600 19.10 -28.89 16.56
CA THR A 600 19.27 -29.81 17.68
C THR A 600 18.16 -30.88 17.70
N CYS A 601 17.72 -31.32 16.53
CA CYS A 601 16.65 -32.32 16.52
C CYS A 601 17.24 -33.71 16.73
N HIS A 602 16.41 -34.60 17.27
CA HIS A 602 16.85 -35.94 17.60
C HIS A 602 16.76 -36.85 16.37
N ILE A 603 17.71 -37.77 16.25
CA ILE A 603 17.70 -38.72 15.13
C ILE A 603 16.51 -39.65 15.20
N LEU A 604 15.91 -39.81 16.38
CA LEU A 604 14.69 -40.61 16.56
C LEU A 604 13.77 -39.81 17.47
N GLY A 605 12.92 -38.98 16.87
CA GLY A 605 12.00 -38.15 17.61
C GLY A 605 10.91 -37.59 16.73
N PRO A 606 9.74 -37.29 17.33
CA PRO A 606 8.62 -36.75 16.55
C PRO A 606 8.93 -35.42 15.89
N ASP A 607 9.80 -34.60 16.50
CA ASP A 607 10.05 -33.26 15.98
C ASP A 607 10.78 -33.29 14.65
N CYS A 608 11.84 -34.10 14.55
CA CYS A 608 12.75 -34.07 13.42
C CYS A 608 12.49 -35.31 12.56
N CYS A 609 12.08 -35.09 11.31
CA CYS A 609 11.51 -36.16 10.49
C CYS A 609 12.55 -37.13 9.95
N ILE A 610 13.84 -36.82 10.07
CA ILE A 610 14.87 -37.68 9.50
C ILE A 610 14.90 -39.01 10.24
N GLU A 611 14.86 -40.10 9.48
CA GLU A 611 14.82 -41.45 10.04
C GLU A 611 15.88 -42.33 9.42
N PRO A 612 16.39 -43.32 10.16
CA PRO A 612 17.40 -44.22 9.60
C PRO A 612 16.82 -45.14 8.55
N HIS A 613 17.66 -45.49 7.56
CA HIS A 613 17.29 -46.40 6.47
C HIS A 613 15.95 -46.05 5.83
N SER B 32 11.77 -21.38 -13.62
CA SER B 32 12.57 -22.15 -14.57
C SER B 32 13.71 -21.32 -15.13
N ILE B 33 14.12 -20.29 -14.38
CA ILE B 33 15.19 -19.40 -14.81
C ILE B 33 16.52 -20.15 -14.75
N PRO B 34 17.24 -20.27 -15.86
CA PRO B 34 18.56 -20.91 -15.81
C PRO B 34 19.55 -20.05 -15.03
N LEU B 35 20.35 -20.71 -14.19
CA LEU B 35 21.39 -20.04 -13.43
C LEU B 35 22.69 -20.82 -13.60
N GLY B 36 23.79 -20.08 -13.59
CA GLY B 36 25.12 -20.66 -13.80
C GLY B 36 25.91 -20.67 -12.52
N VAL B 37 26.83 -21.64 -12.42
CA VAL B 37 27.69 -21.79 -11.25
C VAL B 37 29.13 -21.69 -11.71
N ILE B 38 29.94 -20.93 -10.96
CA ILE B 38 31.34 -20.69 -11.29
C ILE B 38 32.20 -21.46 -10.30
N HIS B 39 33.12 -22.26 -10.81
CA HIS B 39 34.03 -23.03 -9.97
C HIS B 39 35.34 -23.22 -10.70
N ASN B 40 36.44 -22.83 -10.06
CA ASN B 40 37.78 -22.89 -10.66
C ASN B 40 37.84 -22.12 -11.97
N SER B 41 37.17 -20.96 -11.99
CA SER B 41 37.14 -20.08 -13.16
C SER B 41 36.60 -20.80 -14.40
N THR B 42 35.61 -21.64 -14.21
CA THR B 42 34.91 -22.33 -15.30
C THR B 42 33.41 -22.19 -15.07
N LEU B 43 32.66 -21.90 -16.13
CA LEU B 43 31.23 -21.67 -16.04
C LEU B 43 30.46 -22.82 -16.66
N GLN B 44 29.42 -23.27 -15.94
CA GLN B 44 28.51 -24.28 -16.46
C GLN B 44 27.14 -24.03 -15.85
N VAL B 45 26.10 -24.29 -16.65
CA VAL B 45 24.73 -24.08 -16.17
C VAL B 45 24.40 -25.10 -15.10
N SER B 46 23.51 -24.71 -14.19
CA SER B 46 23.15 -25.55 -13.05
C SER B 46 21.90 -26.36 -13.37
N ASP B 47 22.03 -27.69 -13.25
CA ASP B 47 20.91 -28.61 -13.47
C ASP B 47 20.46 -29.09 -12.09
N VAL B 48 19.51 -28.35 -11.50
CA VAL B 48 18.97 -28.72 -10.19
C VAL B 48 18.23 -30.04 -10.27
N ASP B 49 17.77 -30.43 -11.46
CA ASP B 49 17.14 -31.74 -11.62
C ASP B 49 18.12 -32.87 -11.34
N LYS B 50 19.38 -32.70 -11.76
CA LYS B 50 20.42 -33.65 -11.39
C LYS B 50 20.97 -33.40 -9.98
N LEU B 51 20.38 -32.45 -9.24
CA LEU B 51 20.73 -32.17 -7.84
C LEU B 51 22.24 -32.06 -7.65
N VAL B 52 22.80 -31.03 -8.28
CA VAL B 52 24.24 -30.80 -8.20
C VAL B 52 24.63 -30.58 -6.74
N CYS B 53 25.66 -31.31 -6.30
CA CYS B 53 26.14 -31.25 -4.93
C CYS B 53 27.49 -30.56 -4.81
N ARG B 54 28.21 -30.36 -5.92
CA ARG B 54 29.51 -29.70 -5.86
C ARG B 54 29.38 -28.26 -5.36
N ASP B 55 28.35 -27.55 -5.81
CA ASP B 55 28.17 -26.17 -5.41
C ASP B 55 27.86 -26.07 -3.93
N LYS B 56 28.62 -25.23 -3.23
CA LYS B 56 28.44 -24.99 -1.80
C LYS B 56 27.82 -23.61 -1.63
N LEU B 57 26.53 -23.58 -1.31
CA LEU B 57 25.82 -22.33 -1.07
C LEU B 57 25.81 -22.08 0.43
N SER B 58 26.86 -21.43 0.92
CA SER B 58 26.99 -21.19 2.35
C SER B 58 26.18 -19.98 2.82
N SER B 59 26.00 -18.98 1.95
CA SER B 59 25.30 -17.76 2.35
C SER B 59 24.58 -17.17 1.15
N THR B 60 23.80 -16.12 1.41
CA THR B 60 23.08 -15.42 0.36
C THR B 60 23.94 -14.41 -0.39
N ASN B 61 25.17 -14.14 0.08
CA ASN B 61 26.05 -13.21 -0.61
C ASN B 61 26.65 -13.81 -1.87
N GLN B 62 26.52 -15.11 -2.09
CA GLN B 62 27.02 -15.78 -3.28
C GLN B 62 26.07 -15.69 -4.45
N LEU B 63 24.86 -15.18 -4.25
CA LEU B 63 23.84 -15.08 -5.28
C LEU B 63 23.82 -13.65 -5.81
N ARG B 64 24.14 -13.48 -7.10
CA ARG B 64 24.18 -12.16 -7.70
C ARG B 64 23.65 -12.22 -9.13
N SER B 65 23.12 -11.10 -9.59
CA SER B 65 22.63 -10.95 -10.96
C SER B 65 23.41 -9.82 -11.64
N VAL B 66 23.85 -10.06 -12.86
CA VAL B 66 24.70 -9.13 -13.59
C VAL B 66 24.04 -8.79 -14.91
N GLY B 67 24.06 -7.51 -15.28
CA GLY B 67 23.50 -7.06 -16.54
C GLY B 67 24.60 -6.79 -17.55
N LEU B 68 24.58 -7.57 -18.64
CA LEU B 68 25.59 -7.50 -19.68
C LEU B 68 25.01 -6.80 -20.91
N ASN B 69 25.75 -5.83 -21.42
CA ASN B 69 25.28 -5.05 -22.55
C ASN B 69 25.17 -5.90 -23.82
N LEU B 70 24.25 -5.50 -24.69
CA LEU B 70 24.04 -6.19 -25.96
C LEU B 70 25.01 -5.74 -27.03
N GLU B 71 25.77 -4.67 -26.79
CA GLU B 71 26.72 -4.17 -27.79
C GLU B 71 27.97 -5.03 -27.88
N GLY B 72 28.40 -5.64 -26.78
CA GLY B 72 29.59 -6.46 -26.79
C GLY B 72 29.47 -7.70 -27.66
N ASN B 73 28.25 -8.09 -28.03
CA ASN B 73 28.03 -9.24 -28.89
C ASN B 73 28.34 -8.95 -30.37
N GLY B 74 28.53 -7.69 -30.74
CA GLY B 74 28.87 -7.33 -32.10
C GLY B 74 27.78 -6.64 -32.90
N VAL B 75 26.71 -6.16 -32.25
CA VAL B 75 25.63 -5.50 -32.98
C VAL B 75 26.05 -4.10 -33.40
N ALA B 76 25.36 -3.58 -34.41
CA ALA B 76 25.55 -2.19 -34.81
C ALA B 76 24.99 -1.25 -33.76
N THR B 77 25.69 -0.14 -33.53
CA THR B 77 25.34 0.78 -32.45
C THR B 77 24.97 2.18 -32.92
N ASP B 78 25.20 2.52 -34.19
CA ASP B 78 24.85 3.84 -34.66
C ASP B 78 23.33 4.05 -34.61
N VAL B 79 22.94 5.33 -34.60
CA VAL B 79 21.53 5.66 -34.42
C VAL B 79 20.64 5.10 -35.53
N PRO B 80 20.97 5.22 -36.82
CA PRO B 80 20.06 4.70 -37.85
C PRO B 80 19.78 3.21 -37.74
N SER B 81 20.78 2.41 -37.36
CA SER B 81 20.59 0.96 -37.28
C SER B 81 20.19 0.48 -35.89
N ALA B 82 20.26 1.34 -34.88
CA ALA B 82 19.79 0.99 -33.55
C ALA B 82 18.33 1.36 -33.32
N THR B 83 17.78 2.25 -34.15
CA THR B 83 16.37 2.61 -34.03
C THR B 83 15.46 1.52 -34.58
N LYS B 84 15.94 0.75 -35.55
CA LYS B 84 15.12 -0.28 -36.18
C LYS B 84 14.73 -1.38 -35.22
N ARG B 85 15.39 -1.49 -34.07
CA ARG B 85 15.12 -2.56 -33.11
C ARG B 85 14.07 -2.18 -32.06
N TRP B 86 13.55 -0.96 -32.10
CA TRP B 86 12.53 -0.51 -31.16
C TRP B 86 11.23 -0.21 -31.91
N GLY B 87 10.13 -0.72 -31.38
CA GLY B 87 8.84 -0.55 -32.02
C GLY B 87 7.76 -0.24 -31.00
N PHE B 88 6.67 0.33 -31.48
CA PHE B 88 5.57 0.77 -30.63
C PHE B 88 4.45 -0.27 -30.59
N ARG B 89 3.93 -0.52 -29.39
CA ARG B 89 2.83 -1.46 -29.21
C ARG B 89 1.92 -0.94 -28.12
N SER B 90 0.64 -1.32 -28.21
CA SER B 90 -0.37 -0.97 -27.22
C SER B 90 -1.08 -2.24 -26.78
N GLY B 91 -1.44 -2.29 -25.50
CA GLY B 91 -2.16 -3.41 -24.93
C GLY B 91 -1.33 -4.35 -24.08
N VAL B 92 -0.04 -4.08 -23.90
CA VAL B 92 0.84 -4.91 -23.09
C VAL B 92 1.39 -4.04 -21.95
N PRO B 93 1.12 -4.38 -20.68
CA PRO B 93 1.66 -3.59 -19.59
C PRO B 93 3.16 -3.78 -19.47
N PRO B 94 3.89 -2.78 -18.98
CA PRO B 94 5.34 -2.92 -18.84
C PRO B 94 5.73 -3.56 -17.52
N LYS B 95 6.96 -4.07 -17.48
CA LYS B 95 7.49 -4.75 -16.31
C LYS B 95 8.92 -4.31 -16.08
N VAL B 96 9.38 -4.46 -14.83
CA VAL B 96 10.71 -4.03 -14.43
C VAL B 96 11.33 -5.10 -13.53
N VAL B 97 12.61 -5.38 -13.75
CA VAL B 97 13.40 -6.25 -12.88
C VAL B 97 14.73 -5.55 -12.61
N ASN B 98 15.38 -5.96 -11.52
CA ASN B 98 16.61 -5.32 -11.07
C ASN B 98 17.82 -6.17 -11.38
N TYR B 99 18.99 -5.53 -11.44
CA TYR B 99 20.27 -6.21 -11.51
C TYR B 99 21.25 -5.49 -10.59
N GLU B 100 22.26 -6.21 -10.13
CA GLU B 100 23.15 -5.71 -9.10
C GLU B 100 24.54 -5.33 -9.59
N ALA B 101 24.95 -5.81 -10.77
CA ALA B 101 26.23 -5.43 -11.34
C ALA B 101 26.04 -5.20 -12.84
N GLY B 102 26.87 -4.35 -13.41
CA GLY B 102 26.75 -3.97 -14.80
C GLY B 102 28.08 -4.01 -15.52
N GLU B 103 28.20 -3.15 -16.53
CA GLU B 103 29.38 -3.13 -17.37
C GLU B 103 29.42 -1.78 -18.10
N TRP B 104 30.63 -1.28 -18.32
CA TRP B 104 30.79 0.01 -18.97
C TRP B 104 30.22 -0.03 -20.38
N ALA B 105 29.45 0.99 -20.73
CA ALA B 105 28.78 1.06 -22.03
C ALA B 105 29.47 2.07 -22.92
N GLU B 106 29.83 1.65 -24.13
CA GLU B 106 30.47 2.56 -25.08
C GLU B 106 29.48 3.55 -25.67
N ASN B 107 28.26 3.09 -25.95
CA ASN B 107 27.21 3.93 -26.54
C ASN B 107 25.95 3.83 -25.71
N CYS B 108 25.32 4.97 -25.46
CA CYS B 108 24.05 5.05 -24.75
C CYS B 108 23.13 6.00 -25.51
N TYR B 109 21.82 5.85 -25.27
CA TYR B 109 20.81 6.57 -26.04
C TYR B 109 19.88 7.35 -25.12
N ASN B 110 19.41 8.48 -25.63
CA ASN B 110 18.50 9.37 -24.91
C ASN B 110 17.49 9.92 -25.90
N LEU B 111 16.21 9.64 -25.69
CA LEU B 111 15.16 9.94 -26.65
C LEU B 111 14.20 10.99 -26.11
N GLU B 112 13.82 11.93 -26.97
CA GLU B 112 12.88 12.99 -26.62
C GLU B 112 11.85 13.16 -27.75
N ILE B 113 11.30 12.05 -28.22
CA ILE B 113 10.43 12.04 -29.39
C ILE B 113 9.02 12.49 -28.99
N LYS B 114 8.36 13.21 -29.90
CA LYS B 114 7.01 13.72 -29.66
C LYS B 114 6.20 13.61 -30.95
N LYS B 115 4.87 13.66 -30.78
CA LYS B 115 3.94 13.54 -31.90
C LYS B 115 3.97 14.80 -32.78
N PRO B 116 3.49 14.70 -34.02
CA PRO B 116 3.43 15.90 -34.88
C PRO B 116 2.59 17.03 -34.29
N ASP B 117 1.52 16.71 -33.57
CA ASP B 117 0.65 17.73 -33.00
C ASP B 117 1.20 18.33 -31.71
N GLY B 118 2.32 17.84 -31.21
CA GLY B 118 2.92 18.34 -29.99
C GLY B 118 2.75 17.45 -28.78
N SER B 119 1.89 16.43 -28.85
CA SER B 119 1.72 15.52 -27.74
C SER B 119 2.95 14.63 -27.57
N GLU B 120 3.19 14.20 -26.35
CA GLU B 120 4.34 13.36 -26.05
C GLU B 120 4.05 11.91 -26.39
N CYS B 121 5.08 11.18 -26.83
CA CYS B 121 4.95 9.76 -27.13
C CYS B 121 5.43 8.86 -26.00
N LEU B 122 6.47 9.25 -25.28
CA LEU B 122 7.05 8.36 -24.29
C LEU B 122 6.60 8.73 -22.89
N PRO B 123 6.32 7.74 -22.03
CA PRO B 123 5.87 8.04 -20.68
C PRO B 123 6.99 8.66 -19.84
N ALA B 124 6.58 9.41 -18.82
CA ALA B 124 7.53 10.00 -17.90
C ALA B 124 8.14 8.92 -17.00
N ALA B 125 9.42 9.08 -16.71
CA ALA B 125 10.12 8.09 -15.91
C ALA B 125 9.63 8.13 -14.46
N PRO B 126 9.36 6.98 -13.83
CA PRO B 126 8.94 6.99 -12.43
C PRO B 126 10.03 7.49 -11.49
N ASP B 127 9.73 7.57 -10.20
CA ASP B 127 10.64 8.20 -9.25
C ASP B 127 11.94 7.42 -9.11
N GLY B 128 11.85 6.09 -9.05
CA GLY B 128 13.03 5.28 -8.83
C GLY B 128 13.95 5.12 -10.02
N ILE B 129 13.51 5.50 -11.20
CA ILE B 129 14.28 5.31 -12.42
C ILE B 129 15.32 6.41 -12.54
N ARG B 130 16.57 6.03 -12.81
CA ARG B 130 17.66 6.96 -13.03
C ARG B 130 18.47 6.51 -14.23
N GLY B 131 19.20 7.46 -14.82
CA GLY B 131 19.94 7.17 -16.03
C GLY B 131 21.07 6.18 -15.81
N PHE B 132 21.47 5.53 -16.90
CA PHE B 132 22.50 4.49 -16.84
C PHE B 132 23.86 5.11 -16.58
N PRO B 133 24.57 4.67 -15.53
CA PRO B 133 25.92 5.20 -15.28
C PRO B 133 26.95 4.60 -16.21
N ARG B 134 28.09 5.28 -16.29
CA ARG B 134 29.25 4.81 -17.05
C ARG B 134 28.92 4.64 -18.54
N CYS B 135 28.60 5.77 -19.17
CA CYS B 135 28.41 5.84 -20.62
C CYS B 135 29.54 6.68 -21.21
N ARG B 136 30.26 6.11 -22.19
CA ARG B 136 31.29 6.87 -22.88
C ARG B 136 30.70 7.97 -23.75
N TYR B 137 29.71 7.60 -24.58
CA TYR B 137 29.02 8.55 -25.45
C TYR B 137 27.52 8.42 -25.23
N VAL B 138 26.82 9.54 -25.27
CA VAL B 138 25.37 9.57 -25.12
C VAL B 138 24.78 10.18 -26.39
N HIS B 139 23.97 9.39 -27.09
CA HIS B 139 23.29 9.84 -28.30
C HIS B 139 21.93 10.39 -27.93
N LYS B 140 21.67 11.63 -28.32
CA LYS B 140 20.42 12.31 -28.00
C LYS B 140 19.64 12.54 -29.29
N VAL B 141 18.48 11.88 -29.41
CA VAL B 141 17.66 11.94 -30.60
C VAL B 141 16.34 12.63 -30.25
N SER B 142 16.01 13.68 -30.98
CA SER B 142 14.78 14.43 -30.77
C SER B 142 14.17 14.76 -32.12
N GLY B 143 12.84 14.72 -32.19
CA GLY B 143 12.16 15.01 -33.43
C GLY B 143 10.69 14.62 -33.35
N THR B 144 10.07 14.52 -34.52
CA THR B 144 8.65 14.18 -34.64
C THR B 144 8.49 12.94 -35.50
N GLY B 145 7.54 12.09 -35.12
CA GLY B 145 7.25 10.90 -35.88
C GLY B 145 6.00 10.21 -35.39
N PRO B 146 5.41 9.35 -36.22
CA PRO B 146 4.21 8.63 -35.79
C PRO B 146 4.50 7.74 -34.59
N CYS B 147 3.51 7.64 -33.71
CA CYS B 147 3.60 6.84 -32.49
C CYS B 147 2.31 6.00 -32.40
N ALA B 148 2.35 4.80 -32.99
CA ALA B 148 1.15 4.00 -33.11
C ALA B 148 0.68 3.46 -31.76
N GLY B 149 1.61 2.94 -30.95
CA GLY B 149 1.26 2.31 -29.70
C GLY B 149 1.50 3.20 -28.49
N ASP B 150 1.12 2.66 -27.33
CA ASP B 150 1.32 3.39 -26.07
C ASP B 150 2.78 3.39 -25.66
N PHE B 151 3.46 2.25 -25.75
CA PHE B 151 4.81 2.08 -25.24
C PHE B 151 5.74 1.65 -26.37
N ALA B 152 7.04 1.77 -26.11
CA ALA B 152 8.08 1.36 -27.04
C ALA B 152 8.73 0.08 -26.53
N PHE B 153 8.72 -0.97 -27.35
CA PHE B 153 9.25 -2.26 -26.99
C PHE B 153 10.43 -2.63 -27.88
N HIS B 154 11.25 -3.55 -27.40
CA HIS B 154 12.37 -4.08 -28.18
C HIS B 154 11.88 -5.19 -29.08
N LYS B 155 12.26 -5.14 -30.35
CA LYS B 155 11.78 -6.14 -31.31
C LYS B 155 12.48 -7.48 -31.12
N GLU B 156 13.65 -7.49 -30.47
CA GLU B 156 14.42 -8.71 -30.29
C GLU B 156 14.26 -9.34 -28.93
N GLY B 157 13.46 -8.75 -28.04
CA GLY B 157 13.19 -9.32 -26.74
C GLY B 157 14.13 -8.90 -25.63
N ALA B 158 15.11 -8.04 -25.91
CA ALA B 158 16.07 -7.63 -24.91
C ALA B 158 15.47 -6.57 -23.99
N PHE B 159 16.28 -6.08 -23.06
CA PHE B 159 15.87 -5.12 -22.05
C PHE B 159 16.53 -3.77 -22.28
N PHE B 160 15.96 -2.75 -21.63
CA PHE B 160 16.58 -1.44 -21.51
C PHE B 160 17.05 -1.29 -20.06
N LEU B 161 18.32 -0.93 -19.88
CA LEU B 161 18.93 -0.91 -18.56
C LEU B 161 18.97 0.50 -18.01
N TYR B 162 18.40 0.69 -16.82
CA TYR B 162 18.31 1.99 -16.16
C TYR B 162 18.87 1.86 -14.73
N ASP B 163 20.18 1.98 -14.60
CA ASP B 163 20.86 2.14 -13.30
C ASP B 163 20.35 1.11 -12.28
N ARG B 164 20.68 -0.15 -12.58
CA ARG B 164 20.32 -1.28 -11.73
C ARG B 164 18.81 -1.51 -11.69
N LEU B 165 18.12 -1.26 -12.80
CA LEU B 165 16.70 -1.54 -12.93
C LEU B 165 16.43 -1.77 -14.41
N ALA B 166 16.26 -3.03 -14.81
CA ALA B 166 16.04 -3.38 -16.20
C ALA B 166 14.56 -3.36 -16.52
N SER B 167 14.19 -2.70 -17.62
CA SER B 167 12.81 -2.54 -18.02
C SER B 167 12.65 -2.91 -19.49
N THR B 168 11.41 -3.19 -19.88
CA THR B 168 11.10 -3.56 -21.26
C THR B 168 10.60 -2.39 -22.10
N VAL B 169 10.47 -1.20 -21.53
CA VAL B 169 9.94 -0.04 -22.24
C VAL B 169 10.89 1.14 -22.07
N ILE B 170 10.77 2.09 -22.99
CA ILE B 170 11.60 3.29 -23.02
C ILE B 170 10.87 4.42 -22.30
N TYR B 171 11.56 5.09 -21.39
CA TYR B 171 11.03 6.25 -20.70
C TYR B 171 11.62 7.52 -21.30
N ARG B 172 10.92 8.63 -21.07
CA ARG B 172 11.29 9.88 -21.74
C ARG B 172 12.41 10.58 -20.99
N GLY B 173 13.49 10.89 -21.70
CA GLY B 173 14.58 11.67 -21.17
C GLY B 173 15.60 10.93 -20.33
N THR B 174 15.45 9.63 -20.16
CA THR B 174 16.34 8.84 -19.32
C THR B 174 17.30 8.04 -20.19
N THR B 175 18.58 8.06 -19.83
CA THR B 175 19.61 7.39 -20.60
C THR B 175 19.60 5.89 -20.31
N PHE B 176 19.74 5.08 -21.36
CA PHE B 176 19.68 3.64 -21.23
C PHE B 176 20.71 3.00 -22.14
N ALA B 177 20.86 1.68 -22.00
CA ALA B 177 21.70 0.88 -22.88
C ALA B 177 21.08 -0.51 -22.99
N GLU B 178 21.01 -1.01 -24.21
CA GLU B 178 20.38 -2.31 -24.46
C GLU B 178 21.24 -3.42 -23.89
N GLY B 179 20.62 -4.33 -23.15
CA GLY B 179 21.38 -5.41 -22.54
C GLY B 179 20.45 -6.49 -22.03
N VAL B 180 21.08 -7.50 -21.40
CA VAL B 180 20.38 -8.65 -20.87
C VAL B 180 20.91 -8.95 -19.47
N VAL B 181 20.16 -9.75 -18.72
CA VAL B 181 20.42 -10.00 -17.30
C VAL B 181 20.70 -11.48 -17.10
N ALA B 182 21.75 -11.79 -16.33
CA ALA B 182 22.15 -13.16 -16.04
C ALA B 182 22.22 -13.36 -14.54
N PHE B 183 22.01 -14.60 -14.10
CA PHE B 183 22.00 -14.97 -12.69
C PHE B 183 23.11 -15.98 -12.41
N LEU B 184 23.84 -15.78 -11.31
CA LEU B 184 25.07 -16.53 -11.06
C LEU B 184 25.12 -17.00 -9.61
N ILE B 185 25.98 -18.00 -9.37
CA ILE B 185 26.36 -18.43 -8.04
C ILE B 185 27.87 -18.27 -7.94
N LEU B 186 28.32 -17.41 -7.01
CA LEU B 186 29.73 -17.09 -6.91
C LEU B 186 30.48 -18.17 -6.15
N PRO B 187 31.80 -18.32 -6.39
CA PRO B 187 32.55 -19.39 -5.72
C PRO B 187 32.89 -19.02 -4.29
N GLN B 188 32.16 -19.62 -3.34
CA GLN B 188 32.38 -19.53 -1.88
C GLN B 188 32.67 -18.12 -1.41
N ALA B 189 32.20 -17.11 -2.15
CA ALA B 189 32.41 -15.70 -1.82
C ALA B 189 33.89 -15.40 -1.62
N LYS B 190 34.67 -15.62 -2.68
CA LYS B 190 36.10 -15.40 -2.63
C LYS B 190 36.46 -13.92 -2.65
N LYS B 191 35.45 -13.04 -2.85
CA LYS B 191 35.52 -11.58 -2.81
C LYS B 191 36.47 -11.04 -3.88
N ASP B 192 37.06 -11.94 -4.69
CA ASP B 192 37.84 -11.52 -5.84
C ASP B 192 36.97 -11.27 -7.08
N PHE B 193 35.70 -11.67 -7.05
CA PHE B 193 34.81 -11.53 -8.20
C PHE B 193 33.79 -10.44 -7.88
N PHE B 194 33.73 -9.42 -8.73
CA PHE B 194 32.82 -8.28 -8.61
C PHE B 194 33.08 -7.43 -7.37
N SER B 195 34.20 -7.65 -6.68
CA SER B 195 34.56 -6.83 -5.54
C SER B 195 36.01 -6.34 -5.69
N SER B 196 36.83 -7.16 -6.33
CA SER B 196 38.22 -6.81 -6.63
C SER B 196 38.50 -7.13 -8.10
N HIS B 197 39.39 -6.36 -8.70
CA HIS B 197 39.72 -6.56 -10.10
C HIS B 197 40.99 -7.39 -10.21
N PRO B 198 40.91 -8.65 -10.64
CA PRO B 198 42.15 -9.44 -10.80
C PRO B 198 43.10 -8.85 -11.82
N LEU B 199 42.56 -8.26 -12.89
CA LEU B 199 43.35 -7.64 -13.96
C LEU B 199 44.31 -8.64 -14.60
N GLY B 212 38.51 9.80 -14.15
CA GLY B 212 38.69 8.75 -15.13
C GLY B 212 37.47 8.54 -16.01
N TYR B 213 36.31 8.97 -15.52
CA TYR B 213 35.05 8.84 -16.24
C TYR B 213 34.69 10.19 -16.85
N TYR B 214 34.62 10.23 -18.19
CA TYR B 214 34.25 11.44 -18.92
C TYR B 214 33.22 11.09 -19.97
N SER B 215 32.08 11.77 -19.93
CA SER B 215 30.96 11.50 -20.82
C SER B 215 30.85 12.59 -21.86
N THR B 216 30.65 12.20 -23.11
CA THR B 216 30.50 13.14 -24.22
C THR B 216 29.07 13.06 -24.73
N THR B 217 28.50 14.21 -25.08
CA THR B 217 27.13 14.30 -25.56
C THR B 217 27.12 14.48 -27.06
N ILE B 218 26.39 13.62 -27.77
CA ILE B 218 26.25 13.66 -29.21
C ILE B 218 24.77 13.86 -29.53
N ARG B 219 24.47 14.92 -30.28
CA ARG B 219 23.10 15.36 -30.48
C ARG B 219 22.69 15.18 -31.94
N TYR B 220 21.54 14.56 -32.16
CA TYR B 220 20.97 14.37 -33.48
C TYR B 220 19.55 14.93 -33.51
N GLN B 221 19.02 15.08 -34.72
CA GLN B 221 17.63 15.47 -34.93
C GLN B 221 17.01 14.50 -35.93
N ALA B 222 15.84 13.99 -35.59
CA ALA B 222 15.19 12.93 -36.36
C ALA B 222 13.85 13.39 -36.89
N THR B 223 13.44 12.80 -38.02
CA THR B 223 12.12 13.02 -38.59
C THR B 223 11.58 11.68 -39.08
N GLY B 224 10.30 11.44 -38.82
CA GLY B 224 9.70 10.15 -39.15
C GLY B 224 10.22 9.01 -38.31
N PHE B 225 10.43 9.25 -37.01
CA PHE B 225 10.92 8.21 -36.12
C PHE B 225 9.86 7.12 -35.94
N GLY B 226 10.31 5.86 -35.95
CA GLY B 226 9.44 4.73 -35.76
C GLY B 226 9.11 3.95 -37.01
N THR B 227 9.36 4.53 -38.19
CA THR B 227 9.12 3.86 -39.46
C THR B 227 10.44 3.72 -40.22
N ASN B 228 10.36 3.13 -41.41
CA ASN B 228 11.55 2.96 -42.24
C ASN B 228 11.96 4.26 -42.92
N GLU B 229 11.00 5.14 -43.22
CA GLU B 229 11.32 6.46 -43.78
C GLU B 229 11.68 7.39 -42.63
N THR B 230 12.96 7.45 -42.32
CA THR B 230 13.47 8.31 -41.26
C THR B 230 14.72 9.04 -41.73
N GLU B 231 14.89 10.26 -41.22
CA GLU B 231 16.03 11.11 -41.56
C GLU B 231 16.66 11.64 -40.29
N TYR B 232 17.98 11.53 -40.19
CA TYR B 232 18.73 12.02 -39.03
C TYR B 232 19.72 13.08 -39.50
N LEU B 233 19.79 14.18 -38.76
CA LEU B 233 20.70 15.28 -39.07
C LEU B 233 21.53 15.59 -37.84
N PHE B 234 22.85 15.63 -38.00
CA PHE B 234 23.76 15.87 -36.88
C PHE B 234 23.95 17.36 -36.67
N GLU B 235 23.68 17.82 -35.45
CA GLU B 235 23.73 19.23 -35.10
C GLU B 235 25.05 19.55 -34.40
N VAL B 236 25.83 20.45 -34.97
CA VAL B 236 27.05 20.94 -34.34
C VAL B 236 26.84 22.30 -33.70
N ASP B 237 26.14 23.22 -34.37
CA ASP B 237 25.85 24.53 -33.79
C ASP B 237 24.54 25.03 -34.40
N ASN B 238 23.43 24.73 -33.70
CA ASN B 238 22.08 25.19 -34.01
C ASN B 238 21.79 25.31 -35.51
N LEU B 239 22.30 26.36 -36.14
CA LEU B 239 21.96 26.69 -37.52
C LEU B 239 22.78 25.89 -38.55
N THR B 240 23.47 24.84 -38.12
CA THR B 240 24.28 24.03 -39.03
C THR B 240 24.05 22.56 -38.73
N TYR B 241 23.81 21.77 -39.79
CA TYR B 241 23.53 20.35 -39.67
C TYR B 241 24.33 19.56 -40.69
N VAL B 242 24.57 18.29 -40.38
CA VAL B 242 25.26 17.37 -41.26
C VAL B 242 24.41 16.10 -41.40
N GLN B 243 24.23 15.66 -42.64
CA GLN B 243 23.46 14.44 -42.88
C GLN B 243 24.23 13.20 -42.45
N LEU B 244 23.50 12.23 -41.91
CA LEU B 244 24.09 11.01 -41.36
C LEU B 244 24.18 9.92 -42.43
N GLU B 245 25.14 9.02 -42.24
CA GLU B 245 25.30 7.83 -43.06
C GLU B 245 25.44 6.62 -42.15
N SER B 246 25.06 5.45 -42.67
CA SER B 246 25.06 4.23 -41.88
C SER B 246 26.47 3.77 -41.52
N ARG B 247 27.49 4.25 -42.21
CA ARG B 247 28.87 3.86 -41.94
C ARG B 247 29.61 4.82 -41.03
N PHE B 248 28.97 5.90 -40.59
CA PHE B 248 29.63 6.85 -39.72
C PHE B 248 29.83 6.27 -38.32
N THR B 249 30.94 6.63 -37.71
CA THR B 249 31.31 6.20 -36.37
C THR B 249 31.20 7.38 -35.41
N PRO B 250 31.00 7.11 -34.11
CA PRO B 250 30.93 8.22 -33.15
C PRO B 250 32.17 9.10 -33.16
N GLN B 251 33.36 8.50 -33.35
CA GLN B 251 34.56 9.32 -33.43
C GLN B 251 34.51 10.26 -34.62
N PHE B 252 34.23 9.73 -35.82
CA PHE B 252 34.28 10.54 -37.04
C PHE B 252 33.37 11.75 -36.95
N LEU B 253 32.27 11.65 -36.21
CA LEU B 253 31.37 12.79 -36.05
C LEU B 253 32.04 13.90 -35.23
N LEU B 254 32.92 13.53 -34.29
CA LEU B 254 33.61 14.54 -33.50
C LEU B 254 34.60 15.35 -34.33
N GLN B 255 35.39 14.70 -35.20
CA GLN B 255 36.31 15.47 -36.03
C GLN B 255 35.57 16.33 -37.05
N LEU B 256 34.36 15.94 -37.44
CA LEU B 256 33.57 16.78 -38.33
C LEU B 256 33.23 18.12 -37.69
N ASN B 257 33.16 18.17 -36.35
CA ASN B 257 32.97 19.44 -35.68
C ASN B 257 34.14 20.39 -35.93
N GLU B 258 35.37 19.87 -35.86
CA GLU B 258 36.54 20.66 -36.21
C GLU B 258 36.74 20.77 -37.72
N THR B 259 36.30 19.77 -38.47
CA THR B 259 36.53 19.76 -39.92
C THR B 259 35.79 20.88 -40.62
N ILE B 260 34.55 21.18 -40.18
CA ILE B 260 33.75 22.19 -40.86
C ILE B 260 34.38 23.57 -40.69
N TYR B 261 34.95 23.84 -39.51
CA TYR B 261 35.65 25.10 -39.29
C TYR B 261 36.99 24.87 -38.60
N GLY B 271 18.03 30.03 -40.99
CA GLY B 271 18.91 29.69 -42.09
C GLY B 271 19.79 28.49 -41.81
N LYS B 272 19.16 27.39 -41.39
CA LYS B 272 19.90 26.17 -41.10
C LYS B 272 20.48 25.58 -42.38
N LEU B 273 21.72 25.10 -42.29
CA LEU B 273 22.47 24.61 -43.45
C LEU B 273 22.70 23.11 -43.34
N ILE B 274 22.54 22.41 -44.46
CA ILE B 274 22.72 20.97 -44.53
C ILE B 274 23.97 20.68 -45.36
N TRP B 275 24.87 19.87 -44.82
CA TRP B 275 26.12 19.52 -45.47
C TRP B 275 26.12 18.06 -45.90
N LYS B 276 26.93 17.76 -46.91
CA LYS B 276 27.17 16.40 -47.37
C LYS B 276 28.67 16.15 -47.36
N VAL B 277 29.10 15.14 -46.60
CA VAL B 277 30.50 14.79 -46.48
C VAL B 277 30.71 13.38 -47.00
N ASN B 278 31.80 13.18 -47.74
CA ASN B 278 32.14 11.87 -48.30
C ASN B 278 33.52 11.46 -47.81
N PRO B 279 33.61 10.57 -46.82
CA PRO B 279 34.90 10.14 -46.26
C PRO B 279 35.67 9.21 -47.20
N GLU B 502 30.94 -25.84 -20.83
CA GLU B 502 29.59 -26.25 -21.21
C GLU B 502 28.97 -25.24 -22.17
N ALA B 503 28.79 -24.02 -21.71
CA ALA B 503 28.24 -22.97 -22.55
C ALA B 503 29.27 -22.51 -23.58
N ILE B 504 28.82 -22.35 -24.82
CA ILE B 504 29.69 -21.94 -25.92
C ILE B 504 29.11 -20.67 -26.54
N VAL B 505 29.98 -19.71 -26.83
CA VAL B 505 29.57 -18.40 -27.33
C VAL B 505 29.60 -18.46 -28.86
N ASN B 506 29.68 -19.66 -29.41
CA ASN B 506 29.78 -19.82 -30.86
C ASN B 506 28.57 -19.26 -31.59
N ALA B 507 27.44 -19.09 -30.90
CA ALA B 507 26.27 -18.49 -31.55
C ALA B 507 26.51 -17.02 -31.86
N GLN B 508 27.13 -16.28 -30.94
CA GLN B 508 27.33 -14.85 -31.16
C GLN B 508 28.42 -14.63 -32.20
N PRO B 509 28.24 -13.64 -33.09
CA PRO B 509 29.32 -13.32 -34.04
C PRO B 509 30.61 -12.88 -33.38
N LYS B 510 30.52 -12.15 -32.26
CA LYS B 510 31.70 -11.67 -31.55
C LYS B 510 31.43 -11.72 -30.05
N CYS B 511 32.49 -11.96 -29.28
CA CYS B 511 32.43 -11.87 -27.83
C CYS B 511 33.63 -11.06 -27.35
N ASN B 512 33.39 -10.16 -26.41
CA ASN B 512 34.46 -9.29 -25.90
C ASN B 512 35.31 -10.05 -24.90
N PRO B 513 36.62 -10.15 -25.11
CA PRO B 513 37.49 -10.86 -24.16
C PRO B 513 37.86 -10.06 -22.92
N ASN B 514 37.26 -8.89 -22.70
CA ASN B 514 37.48 -8.10 -21.50
C ASN B 514 36.14 -7.64 -20.94
N LEU B 515 36.07 -7.52 -19.62
CA LEU B 515 34.85 -7.12 -18.94
C LEU B 515 35.20 -6.04 -17.91
N HIS B 516 34.95 -4.79 -18.27
CA HIS B 516 35.20 -3.64 -17.41
C HIS B 516 33.89 -3.31 -16.71
N TYR B 517 33.78 -3.70 -15.44
CA TYR B 517 32.52 -3.69 -14.72
C TYR B 517 32.45 -2.58 -13.68
N TRP B 518 31.23 -2.32 -13.22
CA TRP B 518 30.98 -1.47 -12.06
C TRP B 518 29.94 -2.17 -11.19
N THR B 519 29.95 -1.86 -9.90
CA THR B 519 29.00 -2.43 -8.98
C THR B 519 28.85 -1.50 -7.78
N THR B 520 27.78 -1.71 -7.01
CA THR B 520 27.54 -0.89 -5.84
C THR B 520 28.62 -1.15 -4.79
N GLN B 521 28.82 -0.15 -3.94
CA GLN B 521 29.94 -0.17 -3.00
C GLN B 521 29.84 -1.34 -2.03
N ASP B 522 30.98 -1.72 -1.48
CA ASP B 522 31.00 -2.71 -0.42
C ASP B 522 30.49 -2.09 0.88
N GLU B 523 29.68 -2.84 1.62
CA GLU B 523 29.14 -2.34 2.88
C GLU B 523 30.25 -2.07 3.89
N GLY B 524 31.25 -2.94 3.93
CA GLY B 524 32.38 -2.75 4.82
C GLY B 524 33.44 -1.79 4.34
N ALA B 525 33.29 -1.26 3.12
CA ALA B 525 34.31 -0.36 2.58
C ALA B 525 34.29 1.00 3.26
N ALA B 526 33.10 1.57 3.47
CA ALA B 526 33.00 2.88 4.09
C ALA B 526 33.28 2.78 5.58
N ILE B 527 34.22 3.60 6.07
CA ILE B 527 34.68 3.57 7.44
C ILE B 527 34.50 4.92 8.13
N GLY B 528 34.90 6.00 7.46
CA GLY B 528 34.94 7.30 8.07
C GLY B 528 33.55 7.88 8.34
N LEU B 529 33.55 9.18 8.60
CA LEU B 529 32.31 9.89 8.94
C LEU B 529 31.34 9.99 7.76
N ALA B 530 31.78 9.65 6.56
CA ALA B 530 30.96 9.80 5.36
C ALA B 530 29.79 8.82 5.31
N TRP B 531 29.58 7.99 6.33
CA TRP B 531 28.44 7.08 6.30
C TRP B 531 27.11 7.81 6.48
N ILE B 532 27.15 8.99 7.08
CA ILE B 532 25.92 9.77 7.27
C ILE B 532 25.40 10.24 5.92
N PRO B 533 24.11 10.08 5.62
CA PRO B 533 23.59 10.57 4.31
C PRO B 533 23.76 12.06 4.13
N TYR B 534 23.78 12.84 5.21
CA TYR B 534 23.99 14.27 5.09
C TYR B 534 25.43 14.59 4.67
N PHE B 535 26.40 13.98 5.34
CA PHE B 535 27.81 14.11 4.96
C PHE B 535 28.24 12.96 4.05
N GLY B 536 27.52 12.74 2.95
CA GLY B 536 27.76 11.57 2.13
C GLY B 536 27.91 11.88 0.66
N PRO B 537 28.39 10.89 -0.10
CA PRO B 537 28.53 11.07 -1.54
C PRO B 537 27.19 11.13 -2.25
N ALA B 538 27.19 11.75 -3.43
CA ALA B 538 25.98 11.92 -4.21
C ALA B 538 25.58 10.57 -4.84
N ALA B 539 24.53 10.62 -5.66
CA ALA B 539 24.02 9.41 -6.28
C ALA B 539 24.98 8.80 -7.29
N GLU B 540 26.00 9.54 -7.70
CA GLU B 540 26.98 9.05 -8.67
C GLU B 540 28.32 8.70 -8.04
N GLY B 541 28.47 8.88 -6.74
CA GLY B 541 29.73 8.59 -6.07
C GLY B 541 29.72 7.28 -5.31
N ILE B 542 28.78 6.39 -5.66
CA ILE B 542 28.60 5.16 -4.91
C ILE B 542 29.38 3.98 -5.51
N TYR B 543 29.51 3.94 -6.82
CA TYR B 543 29.93 2.73 -7.51
C TYR B 543 31.42 2.45 -7.33
N ILE B 544 31.78 1.18 -7.50
CA ILE B 544 33.16 0.71 -7.50
C ILE B 544 33.46 0.05 -8.84
N GLU B 545 34.66 0.31 -9.37
CA GLU B 545 35.02 -0.13 -10.71
C GLU B 545 36.09 -1.20 -10.66
N GLY B 546 36.22 -1.94 -11.75
CA GLY B 546 37.20 -3.00 -11.85
C GLY B 546 37.34 -3.49 -13.28
N LEU B 547 38.23 -4.46 -13.46
CA LEU B 547 38.52 -5.04 -14.76
C LEU B 547 38.87 -6.51 -14.60
N MET B 548 38.38 -7.34 -15.50
CA MET B 548 38.48 -8.79 -15.40
C MET B 548 38.91 -9.41 -16.73
N HIS B 549 39.97 -8.88 -17.33
CA HIS B 549 40.38 -9.31 -18.66
C HIS B 549 41.29 -10.53 -18.63
N ASN B 550 41.71 -11.00 -17.45
CA ASN B 550 42.67 -12.10 -17.39
C ASN B 550 42.10 -13.37 -18.01
N GLN B 551 40.83 -13.66 -17.75
CA GLN B 551 40.18 -14.87 -18.26
C GLN B 551 39.31 -14.52 -19.46
N ASP B 552 39.28 -15.43 -20.43
CA ASP B 552 38.52 -15.25 -21.67
C ASP B 552 37.36 -16.22 -21.78
N GLY B 553 37.59 -17.50 -21.43
CA GLY B 553 36.51 -18.48 -21.55
C GLY B 553 35.39 -18.26 -20.57
N LEU B 554 35.70 -17.64 -19.42
CA LEU B 554 34.68 -17.41 -18.42
C LEU B 554 33.67 -16.35 -18.87
N ILE B 555 34.16 -15.21 -19.36
CA ILE B 555 33.25 -14.10 -19.65
C ILE B 555 32.53 -14.29 -20.97
N CYS B 556 33.18 -14.91 -21.97
CA CYS B 556 32.45 -15.26 -23.18
C CYS B 556 31.49 -16.42 -22.93
N GLY B 557 31.65 -17.14 -21.82
CA GLY B 557 30.60 -18.04 -21.38
C GLY B 557 29.50 -17.34 -20.61
N LEU B 558 29.83 -16.20 -19.99
CA LEU B 558 28.80 -15.38 -19.34
C LEU B 558 27.86 -14.78 -20.37
N ARG B 559 28.40 -14.34 -21.50
CA ARG B 559 27.59 -13.66 -22.52
C ARG B 559 26.54 -14.59 -23.11
N GLN B 560 26.89 -15.86 -23.30
CA GLN B 560 25.92 -16.81 -23.84
C GLN B 560 24.88 -17.22 -22.80
N LEU B 561 25.29 -17.33 -21.53
CA LEU B 561 24.33 -17.64 -20.48
C LEU B 561 23.30 -16.52 -20.34
N ALA B 562 23.74 -15.26 -20.46
CA ALA B 562 22.82 -14.14 -20.36
C ALA B 562 21.84 -14.15 -21.52
N ASN B 563 22.29 -14.52 -22.72
CA ASN B 563 21.38 -14.65 -23.86
C ASN B 563 20.36 -15.76 -23.64
N GLU B 564 20.81 -16.90 -23.12
CA GLU B 564 19.95 -18.07 -23.04
C GLU B 564 18.85 -17.91 -21.98
N THR B 565 19.11 -17.12 -20.94
CA THR B 565 18.15 -17.00 -19.85
C THR B 565 17.05 -15.98 -20.12
N THR B 566 17.15 -15.20 -21.21
CA THR B 566 16.13 -14.19 -21.46
C THR B 566 14.83 -14.80 -21.96
N GLN B 567 14.88 -16.00 -22.53
CA GLN B 567 13.66 -16.67 -23.00
C GLN B 567 12.73 -16.98 -21.84
N ALA B 568 13.29 -17.46 -20.72
CA ALA B 568 12.47 -17.81 -19.58
C ALA B 568 12.18 -16.61 -18.69
N LEU B 569 13.05 -15.59 -18.71
CA LEU B 569 12.82 -14.42 -17.88
C LEU B 569 11.64 -13.60 -18.38
N GLN B 570 11.50 -13.47 -19.70
CA GLN B 570 10.40 -12.70 -20.26
C GLN B 570 9.06 -13.37 -19.96
N LEU B 571 9.02 -14.70 -20.01
CA LEU B 571 7.78 -15.42 -19.70
C LEU B 571 7.44 -15.33 -18.22
N PHE B 572 8.46 -15.33 -17.36
CA PHE B 572 8.22 -15.18 -15.93
C PHE B 572 7.63 -13.81 -15.61
N LEU B 573 8.13 -12.76 -16.24
CA LEU B 573 7.64 -11.41 -15.99
C LEU B 573 6.21 -11.25 -16.46
N ARG B 574 5.85 -11.93 -17.55
CA ARG B 574 4.49 -11.83 -18.09
C ARG B 574 3.46 -12.41 -17.14
N ALA B 575 3.78 -13.55 -16.51
CA ALA B 575 2.81 -14.20 -15.63
C ALA B 575 2.56 -13.38 -14.37
N THR B 576 3.61 -12.81 -13.77
CA THR B 576 3.48 -12.11 -12.51
C THR B 576 2.77 -10.78 -12.70
N THR B 577 2.20 -10.28 -11.61
CA THR B 577 1.51 -8.99 -11.58
C THR B 577 2.30 -7.94 -10.82
N GLU B 578 3.52 -8.26 -10.42
CA GLU B 578 4.36 -7.31 -9.69
C GLU B 578 4.87 -6.22 -10.62
N LEU B 579 4.88 -4.98 -10.13
CA LEU B 579 5.36 -3.87 -10.94
C LEU B 579 6.89 -3.88 -11.05
N ARG B 580 7.58 -4.09 -9.93
CA ARG B 580 9.03 -4.21 -9.91
C ARG B 580 9.39 -5.40 -9.04
N THR B 581 10.19 -6.32 -9.58
CA THR B 581 10.49 -7.59 -8.94
C THR B 581 11.89 -7.55 -8.34
N PHE B 582 11.99 -7.83 -7.05
CA PHE B 582 13.27 -7.79 -6.34
C PHE B 582 13.64 -9.10 -5.68
N SER B 583 12.84 -10.15 -5.84
CA SER B 583 12.94 -11.35 -5.01
C SER B 583 13.00 -12.61 -5.86
N ILE B 584 13.83 -12.60 -6.89
CA ILE B 584 14.05 -13.81 -7.67
C ILE B 584 15.09 -14.70 -7.02
N LEU B 585 16.15 -14.10 -6.47
CA LEU B 585 17.21 -14.88 -5.86
C LEU B 585 16.75 -15.51 -4.55
N ASN B 586 15.89 -14.82 -3.80
CA ASN B 586 15.35 -15.39 -2.57
C ASN B 586 14.50 -16.62 -2.87
N ARG B 587 13.70 -16.56 -3.95
CA ARG B 587 12.91 -17.73 -4.34
C ARG B 587 13.82 -18.88 -4.78
N LYS B 588 14.94 -18.57 -5.43
CA LYS B 588 15.89 -19.60 -5.82
C LYS B 588 16.51 -20.28 -4.60
N ALA B 589 16.84 -19.49 -3.58
CA ALA B 589 17.44 -20.05 -2.37
C ALA B 589 16.44 -20.91 -1.61
N ILE B 590 15.16 -20.52 -1.64
CA ILE B 590 14.13 -21.31 -0.97
C ILE B 590 13.91 -22.62 -1.72
N ASP B 591 13.87 -22.57 -3.05
CA ASP B 591 13.69 -23.79 -3.84
C ASP B 591 14.85 -24.76 -3.64
N PHE B 592 16.07 -24.24 -3.62
CA PHE B 592 17.24 -25.09 -3.37
C PHE B 592 17.17 -25.73 -1.98
N LEU B 593 16.63 -25.00 -1.01
CA LEU B 593 16.67 -25.48 0.37
C LEU B 593 15.46 -26.34 0.68
N LEU B 594 14.35 -26.14 -0.04
CA LEU B 594 13.20 -27.04 0.07
C LEU B 594 13.39 -28.32 -0.73
N GLN B 595 14.39 -28.41 -1.60
CA GLN B 595 14.57 -29.57 -2.46
C GLN B 595 15.60 -30.53 -1.93
N ARG B 596 16.70 -30.03 -1.37
CA ARG B 596 17.76 -30.92 -0.88
C ARG B 596 17.39 -31.52 0.47
N TRP B 597 16.94 -30.69 1.41
CA TRP B 597 16.47 -31.15 2.71
C TRP B 597 14.95 -31.15 2.78
N GLY B 598 14.29 -31.59 1.71
CA GLY B 598 12.85 -31.43 1.61
C GLY B 598 12.08 -32.14 2.71
N GLY B 599 12.49 -33.36 3.03
CA GLY B 599 11.85 -34.08 4.11
C GLY B 599 11.99 -35.59 4.04
N THR B 600 12.23 -36.21 5.20
CA THR B 600 12.29 -37.65 5.34
C THR B 600 13.33 -38.24 4.37
N CYS B 601 14.48 -37.59 4.28
CA CYS B 601 15.51 -38.17 3.42
C CYS B 601 16.34 -39.16 4.22
N HIS B 602 17.23 -39.84 3.52
CA HIS B 602 17.94 -40.98 4.08
C HIS B 602 19.43 -40.67 4.22
N ILE B 603 20.07 -41.37 5.16
CA ILE B 603 21.51 -41.24 5.34
C ILE B 603 22.24 -41.68 4.09
N LEU B 604 21.84 -42.82 3.53
CA LEU B 604 22.37 -43.29 2.25
C LEU B 604 21.63 -42.69 1.07
N GLY B 605 20.48 -42.04 1.29
CA GLY B 605 19.71 -41.43 0.24
C GLY B 605 20.46 -40.32 -0.46
N PRO B 606 20.46 -40.35 -1.79
CA PRO B 606 21.17 -39.31 -2.56
C PRO B 606 20.43 -37.98 -2.62
N ASP B 607 19.17 -37.93 -2.18
CA ASP B 607 18.39 -36.69 -2.31
C ASP B 607 19.02 -35.56 -1.49
N CYS B 608 19.30 -35.80 -0.22
CA CYS B 608 20.01 -34.84 0.61
C CYS B 608 21.49 -35.23 0.62
N CYS B 609 22.32 -34.39 0.01
CA CYS B 609 23.75 -34.68 -0.13
C CYS B 609 24.41 -34.46 1.22
N ILE B 610 24.32 -35.49 2.07
CA ILE B 610 24.90 -35.48 3.41
C ILE B 610 25.96 -36.57 3.46
N GLU B 611 27.12 -36.24 4.03
CA GLU B 611 28.21 -37.18 4.14
C GLU B 611 28.29 -37.71 5.55
N PRO B 612 28.03 -39.01 5.78
CA PRO B 612 28.13 -39.54 7.15
C PRO B 612 29.51 -39.37 7.77
N HIS B 613 30.57 -39.47 6.97
CA HIS B 613 31.93 -39.32 7.48
C HIS B 613 32.84 -38.72 6.40
N SER C 32 25.34 -7.32 7.02
CA SER C 32 26.31 -7.15 8.09
C SER C 32 25.70 -6.41 9.28
N ILE C 33 24.37 -6.35 9.30
CA ILE C 33 23.64 -5.66 10.37
C ILE C 33 23.71 -6.51 11.63
N PRO C 34 24.24 -5.98 12.73
CA PRO C 34 24.24 -6.75 13.99
C PRO C 34 22.84 -6.98 14.51
N LEU C 35 22.66 -8.11 15.19
CA LEU C 35 21.41 -8.42 15.87
C LEU C 35 21.74 -8.98 17.25
N GLY C 36 20.80 -8.83 18.18
CA GLY C 36 21.01 -9.24 19.54
C GLY C 36 20.19 -10.44 19.95
N VAL C 37 20.70 -11.21 20.91
CA VAL C 37 20.03 -12.41 21.40
C VAL C 37 19.85 -12.29 22.91
N ILE C 38 18.63 -12.49 23.38
CA ILE C 38 18.31 -12.44 24.81
C ILE C 38 18.40 -13.84 25.37
N HIS C 39 19.12 -13.99 26.49
CA HIS C 39 19.24 -15.24 27.22
C HIS C 39 18.97 -14.95 28.68
N ASN C 40 17.90 -15.52 29.22
CA ASN C 40 17.43 -15.29 30.59
C ASN C 40 17.57 -13.83 31.02
N SER C 41 16.94 -12.96 30.22
CA SER C 41 16.92 -11.51 30.46
C SER C 41 18.32 -10.90 30.50
N THR C 42 19.23 -11.45 29.70
CA THR C 42 20.56 -10.87 29.50
C THR C 42 20.80 -10.77 27.99
N LEU C 43 21.17 -9.59 27.53
CA LEU C 43 21.33 -9.33 26.11
C LEU C 43 22.81 -9.39 25.74
N GLN C 44 23.11 -10.09 24.65
CA GLN C 44 24.44 -10.11 24.06
C GLN C 44 24.29 -10.03 22.55
N VAL C 45 25.13 -9.21 21.91
CA VAL C 45 25.10 -9.11 20.46
C VAL C 45 25.46 -10.47 19.87
N SER C 46 24.67 -10.92 18.91
CA SER C 46 24.81 -12.28 18.40
C SER C 46 26.18 -12.47 17.78
N ASP C 47 26.86 -13.54 18.20
CA ASP C 47 28.20 -13.85 17.73
C ASP C 47 28.10 -14.52 16.36
N VAL C 48 27.62 -13.74 15.39
CA VAL C 48 27.46 -14.24 14.03
C VAL C 48 28.82 -14.57 13.42
N ASP C 49 29.86 -13.80 13.78
CA ASP C 49 31.21 -14.15 13.35
C ASP C 49 31.70 -15.41 14.05
N LYS C 50 31.48 -15.50 15.36
CA LYS C 50 31.82 -16.73 16.09
C LYS C 50 30.87 -17.86 15.74
N LEU C 51 29.71 -17.54 15.18
CA LEU C 51 28.79 -18.52 14.60
C LEU C 51 28.30 -19.50 15.67
N VAL C 52 27.64 -18.93 16.68
CA VAL C 52 27.15 -19.72 17.82
C VAL C 52 25.79 -20.28 17.49
N CYS C 53 25.55 -21.54 17.87
CA CYS C 53 24.26 -22.20 17.68
C CYS C 53 23.55 -22.49 18.99
N ARG C 54 23.96 -21.86 20.09
CA ARG C 54 23.20 -21.99 21.34
C ARG C 54 21.84 -21.33 21.22
N ASP C 55 21.74 -20.23 20.45
CA ASP C 55 20.45 -19.61 20.20
C ASP C 55 19.52 -20.58 19.50
N LYS C 56 18.30 -20.71 20.01
CA LYS C 56 17.30 -21.62 19.47
C LYS C 56 16.26 -20.81 18.71
N LEU C 57 16.41 -20.78 17.39
CA LEU C 57 15.44 -20.12 16.51
C LEU C 57 14.50 -21.19 15.96
N SER C 58 13.20 -21.01 16.20
CA SER C 58 12.21 -21.98 15.76
C SER C 58 11.28 -21.48 14.69
N SER C 59 10.86 -20.21 14.73
CA SER C 59 9.88 -19.71 13.77
C SER C 59 10.12 -18.22 13.55
N THR C 60 9.43 -17.68 12.55
CA THR C 60 9.58 -16.28 12.19
C THR C 60 8.89 -15.33 13.15
N ASN C 61 8.05 -15.84 14.06
CA ASN C 61 7.47 -15.00 15.09
C ASN C 61 8.49 -14.52 16.11
N GLN C 62 9.70 -15.10 16.08
CA GLN C 62 10.72 -14.85 17.09
C GLN C 62 11.71 -13.76 16.66
N LEU C 63 11.55 -13.20 15.46
CA LEU C 63 12.35 -12.07 15.01
C LEU C 63 11.53 -10.80 15.14
N ARG C 64 12.16 -9.73 15.63
CA ARG C 64 11.45 -8.48 15.87
C ARG C 64 12.41 -7.31 15.69
N SER C 65 11.83 -6.12 15.49
CA SER C 65 12.56 -4.88 15.40
C SER C 65 11.87 -3.83 16.26
N VAL C 66 12.66 -2.98 16.91
CA VAL C 66 12.16 -2.04 17.92
C VAL C 66 12.68 -0.65 17.59
N GLY C 67 11.76 0.33 17.56
CA GLY C 67 12.12 1.72 17.31
C GLY C 67 12.32 2.57 18.56
N LEU C 68 13.42 2.34 19.28
CA LEU C 68 13.74 3.19 20.42
C LEU C 68 14.10 4.60 19.95
N ASN C 69 13.64 5.60 20.71
CA ASN C 69 13.83 6.99 20.32
C ASN C 69 14.95 7.65 21.12
N LEU C 70 15.46 8.76 20.57
CA LEU C 70 16.67 9.40 21.08
C LEU C 70 16.44 10.13 22.39
N GLU C 71 15.19 10.48 22.72
CA GLU C 71 14.93 11.27 23.92
C GLU C 71 15.37 10.58 25.19
N GLY C 72 15.34 9.25 25.23
CA GLY C 72 15.79 8.51 26.39
C GLY C 72 17.28 8.42 26.55
N ASN C 73 18.04 9.00 25.62
CA ASN C 73 19.49 9.04 25.69
C ASN C 73 20.02 10.28 26.38
N GLY C 74 19.16 11.19 26.80
CA GLY C 74 19.57 12.38 27.50
C GLY C 74 19.80 13.61 26.64
N VAL C 75 19.38 13.60 25.38
CA VAL C 75 19.59 14.74 24.49
C VAL C 75 18.59 15.84 24.83
N ALA C 76 19.00 17.08 24.57
CA ALA C 76 18.11 18.22 24.73
C ALA C 76 17.01 18.16 23.66
N THR C 77 15.78 18.45 24.06
CA THR C 77 14.62 18.22 23.21
C THR C 77 13.86 19.50 22.90
N ASP C 78 14.17 20.61 23.58
CA ASP C 78 13.52 21.88 23.30
C ASP C 78 13.68 22.28 21.84
N VAL C 79 12.72 23.08 21.35
CA VAL C 79 12.71 23.42 19.93
C VAL C 79 13.96 24.16 19.48
N PRO C 80 14.44 25.20 20.19
CA PRO C 80 15.63 25.91 19.68
C PRO C 80 16.85 25.05 19.50
N SER C 81 17.08 24.05 20.36
CA SER C 81 18.25 23.19 20.24
C SER C 81 17.99 21.94 19.40
N ALA C 82 16.74 21.48 19.34
CA ALA C 82 16.45 20.30 18.52
C ALA C 82 16.55 20.60 17.03
N THR C 83 16.20 21.82 16.62
CA THR C 83 16.25 22.19 15.22
C THR C 83 17.67 22.19 14.67
N LYS C 84 18.67 22.37 15.53
CA LYS C 84 20.06 22.44 15.08
C LYS C 84 20.60 21.12 14.58
N ARG C 85 19.87 20.02 14.77
CA ARG C 85 20.31 18.70 14.34
C ARG C 85 19.79 18.31 12.97
N TRP C 86 19.00 19.15 12.32
CA TRP C 86 18.42 18.86 11.02
C TRP C 86 18.95 19.85 9.99
N GLY C 87 19.40 19.33 8.84
CA GLY C 87 19.94 20.15 7.78
C GLY C 87 19.32 19.80 6.44
N PHE C 88 19.64 20.63 5.45
CA PHE C 88 19.10 20.51 4.10
C PHE C 88 20.17 20.07 3.13
N ARG C 89 19.83 19.11 2.27
CA ARG C 89 20.75 18.59 1.28
C ARG C 89 20.00 18.27 -0.01
N SER C 90 20.70 18.41 -1.13
CA SER C 90 20.18 18.03 -2.44
C SER C 90 21.15 17.06 -3.10
N GLY C 91 20.60 16.01 -3.71
CA GLY C 91 21.40 15.04 -4.43
C GLY C 91 21.43 13.65 -3.82
N VAL C 92 20.64 13.37 -2.79
CA VAL C 92 20.59 12.06 -2.17
C VAL C 92 19.14 11.62 -2.09
N PRO C 93 18.77 10.46 -2.63
CA PRO C 93 17.38 10.00 -2.56
C PRO C 93 17.02 9.52 -1.16
N PRO C 94 15.75 9.57 -0.79
CA PRO C 94 15.33 9.10 0.53
C PRO C 94 15.10 7.60 0.56
N LYS C 95 15.14 7.05 1.78
CA LYS C 95 14.91 5.62 2.00
C LYS C 95 14.01 5.44 3.21
N VAL C 96 13.33 4.30 3.25
CA VAL C 96 12.36 4.00 4.30
C VAL C 96 12.59 2.57 4.79
N VAL C 97 12.48 2.36 6.10
CA VAL C 97 12.64 1.06 6.72
C VAL C 97 11.44 0.78 7.62
N ASN C 98 10.98 -0.47 7.60
CA ASN C 98 9.88 -0.90 8.45
C ASN C 98 10.40 -1.28 9.83
N TYR C 99 9.68 -0.85 10.86
CA TYR C 99 9.88 -1.34 12.22
C TYR C 99 8.53 -1.68 12.83
N GLU C 100 8.53 -2.62 13.76
CA GLU C 100 7.29 -3.23 14.23
C GLU C 100 6.79 -2.68 15.56
N ALA C 101 7.61 -2.71 16.60
CA ALA C 101 7.24 -2.18 17.90
C ALA C 101 7.90 -0.82 18.13
N GLY C 102 7.51 -0.17 19.21
CA GLY C 102 8.02 1.16 19.47
C GLY C 102 8.02 1.56 20.93
N GLU C 103 8.14 2.85 21.20
CA GLU C 103 8.19 3.39 22.55
C GLU C 103 7.42 4.70 22.60
N TRP C 104 6.83 4.99 23.75
CA TRP C 104 6.12 6.25 23.93
C TRP C 104 7.08 7.42 23.86
N ALA C 105 6.66 8.48 23.18
CA ALA C 105 7.47 9.68 23.00
C ALA C 105 6.86 10.83 23.77
N GLU C 106 7.68 11.50 24.57
CA GLU C 106 7.20 12.65 25.34
C GLU C 106 7.05 13.91 24.48
N ASN C 107 7.92 14.09 23.49
CA ASN C 107 7.89 15.28 22.65
C ASN C 107 8.01 14.88 21.19
N CYS C 108 7.16 15.46 20.35
CA CYS C 108 7.15 15.20 18.92
C CYS C 108 7.09 16.52 18.17
N TYR C 109 7.46 16.49 16.90
CA TYR C 109 7.58 17.71 16.09
C TYR C 109 6.70 17.64 14.86
N ASN C 110 6.34 18.81 14.34
CA ASN C 110 5.47 18.92 13.17
C ASN C 110 5.81 20.22 12.46
N LEU C 111 6.46 20.12 11.31
CA LEU C 111 6.98 21.28 10.61
C LEU C 111 6.11 21.65 9.42
N GLU C 112 5.99 22.96 9.18
CA GLU C 112 5.27 23.52 8.04
C GLU C 112 6.06 24.66 7.43
N ILE C 113 7.36 24.46 7.25
CA ILE C 113 8.25 25.52 6.79
C ILE C 113 7.97 25.84 5.32
N LYS C 114 8.03 27.12 4.98
CA LYS C 114 7.75 27.61 3.63
C LYS C 114 8.83 28.60 3.22
N LYS C 115 9.11 28.64 1.91
CA LYS C 115 10.10 29.57 1.40
C LYS C 115 9.60 31.02 1.51
N PRO C 116 10.50 31.99 1.57
CA PRO C 116 10.08 33.39 1.69
C PRO C 116 9.13 33.85 0.60
N ASP C 117 9.31 33.38 -0.64
CA ASP C 117 8.48 33.82 -1.75
C ASP C 117 7.17 33.04 -1.87
N GLY C 118 6.89 32.13 -0.96
CA GLY C 118 5.68 31.34 -0.99
C GLY C 118 5.88 29.91 -1.45
N SER C 119 7.04 29.58 -2.00
CA SER C 119 7.32 28.22 -2.43
C SER C 119 7.42 27.27 -1.24
N GLU C 120 7.08 26.01 -1.47
CA GLU C 120 7.20 25.01 -0.42
C GLU C 120 8.65 24.58 -0.25
N CYS C 121 8.94 24.02 0.93
CA CYS C 121 10.25 23.44 1.21
C CYS C 121 10.20 21.94 1.51
N LEU C 122 9.18 21.48 2.22
CA LEU C 122 9.15 20.08 2.61
C LEU C 122 8.24 19.30 1.68
N PRO C 123 8.65 18.09 1.26
CA PRO C 123 7.82 17.31 0.34
C PRO C 123 6.55 16.82 1.01
N ALA C 124 5.52 16.63 0.19
CA ALA C 124 4.26 16.08 0.69
C ALA C 124 4.43 14.63 1.10
N ALA C 125 3.77 14.24 2.17
CA ALA C 125 3.90 12.89 2.68
C ALA C 125 3.26 11.90 1.72
N PRO C 126 3.93 10.78 1.41
CA PRO C 126 3.28 9.75 0.57
C PRO C 126 2.06 9.15 1.25
N ASP C 127 1.36 8.27 0.54
CA ASP C 127 0.06 7.79 1.03
C ASP C 127 0.20 6.93 2.29
N GLY C 128 1.22 6.08 2.34
CA GLY C 128 1.36 5.18 3.47
C GLY C 128 1.89 5.82 4.74
N ILE C 129 2.37 7.05 4.68
CA ILE C 129 2.95 7.71 5.84
C ILE C 129 1.84 8.24 6.73
N ARG C 130 1.95 7.96 8.03
CA ARG C 130 1.00 8.46 9.02
C ARG C 130 1.76 8.99 10.23
N GLY C 131 1.10 9.83 11.02
CA GLY C 131 1.76 10.45 12.14
C GLY C 131 2.15 9.45 13.22
N PHE C 132 3.17 9.83 13.99
CA PHE C 132 3.69 8.95 15.03
C PHE C 132 2.67 8.78 16.15
N PRO C 133 2.33 7.56 16.52
CA PRO C 133 1.39 7.36 17.63
C PRO C 133 2.03 7.61 18.98
N ARG C 134 1.17 7.87 19.96
CA ARG C 134 1.56 8.01 21.37
C ARG C 134 2.59 9.14 21.55
N CYS C 135 2.14 10.36 21.24
CA CYS C 135 2.93 11.56 21.49
C CYS C 135 2.30 12.33 22.63
N ARG C 136 3.15 12.82 23.55
CA ARG C 136 2.64 13.59 24.69
C ARG C 136 2.46 15.06 24.30
N TYR C 137 3.52 15.70 23.84
CA TYR C 137 3.47 17.06 23.33
C TYR C 137 3.86 17.06 21.86
N VAL C 138 3.14 17.83 21.05
CA VAL C 138 3.43 18.00 19.63
C VAL C 138 3.83 19.44 19.41
N HIS C 139 5.11 19.67 19.13
CA HIS C 139 5.63 21.01 18.88
C HIS C 139 5.41 21.34 17.40
N LYS C 140 4.37 22.11 17.11
CA LYS C 140 4.05 22.50 15.74
C LYS C 140 4.77 23.81 15.41
N VAL C 141 5.59 23.79 14.37
CA VAL C 141 6.41 24.93 13.98
C VAL C 141 5.96 25.42 12.61
N SER C 142 5.73 26.72 12.49
CA SER C 142 5.36 27.35 11.24
C SER C 142 6.22 28.58 11.04
N GLY C 143 6.43 28.94 9.79
CA GLY C 143 7.20 30.13 9.47
C GLY C 143 7.97 29.95 8.18
N THR C 144 8.89 30.89 7.94
CA THR C 144 9.66 30.95 6.71
C THR C 144 11.14 30.75 7.01
N GLY C 145 11.89 30.46 5.96
CA GLY C 145 13.33 30.29 6.06
C GLY C 145 13.94 29.85 4.75
N PRO C 146 15.20 30.21 4.51
CA PRO C 146 15.87 29.73 3.30
C PRO C 146 15.97 28.22 3.27
N CYS C 147 15.79 27.65 2.09
CA CYS C 147 15.81 26.20 1.90
C CYS C 147 16.78 25.91 0.74
N ALA C 148 18.02 25.57 1.09
CA ALA C 148 19.08 25.39 0.11
C ALA C 148 19.19 23.96 -0.40
N GLY C 149 18.27 23.07 -0.01
CA GLY C 149 18.33 21.69 -0.46
C GLY C 149 16.95 21.17 -0.80
N ASP C 150 16.93 19.95 -1.36
CA ASP C 150 15.68 19.32 -1.72
C ASP C 150 15.02 18.61 -0.55
N PHE C 151 15.81 18.01 0.34
CA PHE C 151 15.29 17.21 1.43
C PHE C 151 15.99 17.61 2.73
N ALA C 152 15.33 17.33 3.85
CA ALA C 152 15.84 17.63 5.18
C ALA C 152 16.37 16.34 5.81
N PHE C 153 17.66 16.31 6.08
CA PHE C 153 18.32 15.14 6.66
C PHE C 153 18.70 15.39 8.10
N HIS C 154 19.07 14.32 8.79
CA HIS C 154 19.55 14.37 10.16
C HIS C 154 21.06 14.49 10.15
N LYS C 155 21.59 15.50 10.86
CA LYS C 155 23.03 15.70 10.88
C LYS C 155 23.73 14.63 11.70
N GLU C 156 23.07 14.07 12.71
CA GLU C 156 23.69 13.05 13.56
C GLU C 156 23.63 11.66 12.95
N GLY C 157 22.77 11.43 11.96
CA GLY C 157 22.67 10.13 11.32
C GLY C 157 21.51 9.26 11.77
N ALA C 158 20.63 9.76 12.64
CA ALA C 158 19.51 8.99 13.13
C ALA C 158 18.36 9.01 12.13
N PHE C 159 17.21 8.50 12.53
CA PHE C 159 16.04 8.37 11.67
C PHE C 159 14.91 9.26 12.16
N PHE C 160 13.93 9.46 11.28
CA PHE C 160 12.64 10.04 11.64
C PHE C 160 11.60 8.95 11.57
N LEU C 161 10.83 8.78 12.65
CA LEU C 161 9.89 7.67 12.77
C LEU C 161 8.47 8.16 12.56
N TYR C 162 7.77 7.55 11.59
CA TYR C 162 6.36 7.84 11.30
C TYR C 162 5.57 6.54 11.32
N ASP C 163 5.10 6.14 12.50
CA ASP C 163 4.10 5.08 12.63
C ASP C 163 4.52 3.80 11.89
N ARG C 164 5.57 3.18 12.44
CA ARG C 164 6.07 1.89 11.94
C ARG C 164 6.71 2.03 10.56
N LEU C 165 7.27 3.20 10.26
CA LEU C 165 7.98 3.43 9.00
C LEU C 165 9.07 4.47 9.27
N ALA C 166 10.28 4.00 9.50
CA ALA C 166 11.41 4.90 9.72
C ALA C 166 11.91 5.45 8.39
N SER C 167 12.17 6.76 8.37
CA SER C 167 12.61 7.43 7.15
C SER C 167 13.77 8.37 7.48
N THR C 168 14.52 8.72 6.46
CA THR C 168 15.69 9.57 6.59
C THR C 168 15.41 11.04 6.31
N VAL C 169 14.18 11.39 5.90
CA VAL C 169 13.85 12.75 5.51
C VAL C 169 12.57 13.17 6.24
N ILE C 170 12.30 14.48 6.21
CA ILE C 170 11.15 15.07 6.88
C ILE C 170 10.08 15.34 5.83
N TYR C 171 8.85 14.92 6.13
CA TYR C 171 7.70 15.18 5.28
C TYR C 171 6.86 16.30 5.87
N ARG C 172 6.10 16.97 5.00
CA ARG C 172 5.40 18.18 5.40
C ARG C 172 4.10 17.85 6.13
N GLY C 173 3.95 18.40 7.34
CA GLY C 173 2.70 18.33 8.07
C GLY C 173 2.44 17.05 8.84
N THR C 174 3.40 16.14 8.91
CA THR C 174 3.22 14.87 9.61
C THR C 174 4.05 14.86 10.88
N THR C 175 3.43 14.41 11.97
CA THR C 175 4.13 14.32 13.25
C THR C 175 5.13 13.17 13.23
N PHE C 176 6.33 13.44 13.74
CA PHE C 176 7.39 12.44 13.79
C PHE C 176 8.11 12.53 15.12
N ALA C 177 9.01 11.58 15.34
CA ALA C 177 9.90 11.59 16.50
C ALA C 177 11.21 10.94 16.07
N GLU C 178 12.31 11.58 16.41
CA GLU C 178 13.62 11.11 15.98
C GLU C 178 14.10 9.98 16.87
N GLY C 179 14.66 8.94 16.26
CA GLY C 179 15.10 7.80 17.02
C GLY C 179 15.89 6.83 16.16
N VAL C 180 16.06 5.62 16.68
CA VAL C 180 16.85 4.58 16.05
C VAL C 180 16.10 3.25 16.14
N VAL C 181 16.51 2.30 15.31
CA VAL C 181 15.85 1.01 15.20
C VAL C 181 16.88 -0.10 15.38
N ALA C 182 16.48 -1.17 16.08
CA ALA C 182 17.36 -2.30 16.37
C ALA C 182 16.66 -3.60 16.02
N PHE C 183 17.41 -4.55 15.48
CA PHE C 183 16.90 -5.88 15.16
C PHE C 183 17.32 -6.86 16.24
N LEU C 184 16.46 -7.86 16.47
CA LEU C 184 16.48 -8.57 17.74
C LEU C 184 15.85 -9.95 17.60
N ILE C 185 16.33 -10.88 18.41
CA ILE C 185 15.78 -12.24 18.49
C ILE C 185 15.34 -12.48 19.92
N LEU C 186 14.03 -12.79 20.10
CA LEU C 186 13.30 -12.93 21.35
C LEU C 186 13.34 -14.37 21.85
N PRO C 187 13.01 -14.59 23.12
CA PRO C 187 12.67 -15.95 23.56
C PRO C 187 11.26 -16.31 23.12
N GLN C 188 11.01 -17.62 23.04
CA GLN C 188 9.70 -18.13 22.63
C GLN C 188 8.91 -18.72 23.80
N ALA C 189 9.31 -18.41 25.03
CA ALA C 189 8.70 -19.02 26.21
C ALA C 189 7.23 -18.68 26.34
N LYS C 190 6.91 -17.40 26.58
CA LYS C 190 5.52 -17.01 26.81
C LYS C 190 5.16 -15.68 26.13
N LYS C 191 5.95 -15.24 25.14
CA LYS C 191 5.77 -13.95 24.50
C LYS C 191 5.78 -12.83 25.54
N ASP C 192 6.77 -12.87 26.43
CA ASP C 192 6.88 -11.86 27.48
C ASP C 192 7.09 -10.47 26.88
N PHE C 193 7.93 -10.36 25.87
CA PHE C 193 8.26 -9.07 25.28
C PHE C 193 7.23 -8.69 24.23
N PHE C 194 6.70 -7.47 24.35
CA PHE C 194 5.82 -6.87 23.35
C PHE C 194 4.52 -7.65 23.16
N SER C 195 4.17 -8.51 24.11
CA SER C 195 2.85 -9.14 24.11
C SER C 195 2.20 -9.18 25.49
N SER C 196 2.92 -8.83 26.55
CA SER C 196 2.38 -8.89 27.90
C SER C 196 3.01 -7.79 28.72
N HIS C 197 2.46 -7.56 29.92
CA HIS C 197 2.95 -6.51 30.80
C HIS C 197 3.79 -7.14 31.90
N PRO C 198 5.13 -7.01 31.85
CA PRO C 198 5.94 -7.52 32.97
C PRO C 198 5.60 -6.86 34.30
N LEU C 199 5.30 -5.56 34.28
CA LEU C 199 4.92 -4.81 35.48
C LEU C 199 5.92 -5.00 36.62
N GLY C 212 -8.04 7.51 26.92
CA GLY C 212 -6.77 6.87 26.64
C GLY C 212 -5.57 7.73 26.96
N TYR C 213 -5.05 8.40 25.93
CA TYR C 213 -3.92 9.30 26.08
C TYR C 213 -4.29 10.67 25.53
N TYR C 214 -3.63 11.70 26.04
CA TYR C 214 -3.89 13.08 25.65
C TYR C 214 -2.62 13.70 25.10
N SER C 215 -2.73 14.33 23.93
CA SER C 215 -1.63 15.05 23.31
C SER C 215 -2.03 16.51 23.12
N THR C 216 -1.19 17.42 23.62
CA THR C 216 -1.42 18.85 23.48
C THR C 216 -0.49 19.41 22.42
N THR C 217 -1.00 20.34 21.63
CA THR C 217 -0.24 20.95 20.54
C THR C 217 0.27 22.31 20.98
N ILE C 218 1.56 22.55 20.75
CA ILE C 218 2.19 23.83 21.05
C ILE C 218 2.62 24.45 19.73
N ARG C 219 2.23 25.71 19.52
CA ARG C 219 2.38 26.38 18.24
C ARG C 219 3.44 27.45 18.31
N TYR C 220 4.41 27.39 17.41
CA TYR C 220 5.52 28.33 17.35
C TYR C 220 5.54 29.03 16.00
N GLN C 221 6.23 30.16 15.95
CA GLN C 221 6.48 30.89 14.71
C GLN C 221 7.97 31.13 14.57
N ALA C 222 8.53 30.72 13.43
CA ALA C 222 9.97 30.77 13.20
C ALA C 222 10.28 31.60 11.96
N THR C 223 11.41 32.31 12.01
CA THR C 223 11.90 33.08 10.88
C THR C 223 13.38 32.77 10.68
N GLY C 224 13.79 32.67 9.41
CA GLY C 224 15.16 32.26 9.12
C GLY C 224 15.44 30.82 9.51
N PHE C 225 14.52 29.92 9.22
CA PHE C 225 14.67 28.52 9.61
C PHE C 225 15.85 27.88 8.88
N GLY C 226 16.57 27.02 9.59
CA GLY C 226 17.67 26.29 9.03
C GLY C 226 19.03 26.96 9.14
N THR C 227 19.08 28.19 9.63
CA THR C 227 20.33 28.94 9.77
C THR C 227 20.63 29.18 11.25
N ASN C 228 21.72 29.89 11.50
CA ASN C 228 22.15 30.22 12.86
C ASN C 228 21.54 31.52 13.37
N GLU C 229 20.80 32.24 12.54
CA GLU C 229 20.14 33.47 12.92
C GLU C 229 18.64 33.29 13.14
N THR C 230 18.19 32.05 13.33
CA THR C 230 16.77 31.76 13.48
C THR C 230 16.22 32.37 14.77
N GLU C 231 14.93 32.71 14.72
CA GLU C 231 14.23 33.32 15.85
C GLU C 231 12.86 32.67 15.98
N TYR C 232 12.50 32.30 17.21
CA TYR C 232 11.23 31.62 17.48
C TYR C 232 10.35 32.47 18.39
N LEU C 233 9.04 32.30 18.24
CA LEU C 233 8.06 32.97 19.08
C LEU C 233 6.97 31.98 19.43
N PHE C 234 6.62 31.90 20.71
CA PHE C 234 5.55 31.01 21.16
C PHE C 234 4.21 31.72 21.04
N GLU C 235 3.26 31.12 20.34
CA GLU C 235 2.00 31.76 20.00
C GLU C 235 0.89 31.30 20.94
N VAL C 236 0.25 32.26 21.61
CA VAL C 236 -0.93 31.95 22.40
C VAL C 236 -2.23 32.28 21.68
N ASP C 237 -2.21 33.23 20.74
CA ASP C 237 -3.34 33.60 19.88
C ASP C 237 -2.76 34.37 18.70
N ASN C 238 -3.63 34.97 17.88
CA ASN C 238 -3.16 35.76 16.74
C ASN C 238 -2.12 36.81 17.13
N LEU C 239 -2.55 37.80 17.89
CA LEU C 239 -1.81 39.05 18.07
C LEU C 239 -1.10 39.10 19.42
N THR C 240 -0.59 37.96 19.87
CA THR C 240 0.12 37.90 21.14
C THR C 240 1.11 36.74 21.09
N TYR C 241 2.40 37.05 21.15
CA TYR C 241 3.45 36.06 21.16
C TYR C 241 4.40 36.33 22.31
N VAL C 242 5.16 35.31 22.68
CA VAL C 242 6.19 35.40 23.72
C VAL C 242 7.51 34.95 23.12
N GLN C 243 8.56 35.75 23.30
CA GLN C 243 9.87 35.37 22.83
C GLN C 243 10.34 34.10 23.54
N LEU C 244 10.85 33.14 22.77
CA LEU C 244 11.14 31.81 23.26
C LEU C 244 12.64 31.65 23.51
N GLU C 245 12.98 31.13 24.68
CA GLU C 245 14.35 30.81 25.06
C GLU C 245 14.54 29.30 25.07
N SER C 246 15.78 28.89 25.32
CA SER C 246 16.09 27.46 25.39
C SER C 246 15.64 26.83 26.69
N ARG C 247 15.69 27.58 27.80
CA ARG C 247 15.45 27.00 29.11
C ARG C 247 13.98 26.73 29.39
N PHE C 248 13.08 27.09 28.48
CA PHE C 248 11.65 26.95 28.74
C PHE C 248 11.19 25.52 28.46
N THR C 249 10.66 24.85 29.49
CA THR C 249 10.10 23.51 29.41
C THR C 249 8.63 23.58 29.01
N PRO C 250 8.09 22.52 28.39
CA PRO C 250 6.69 22.56 27.96
C PRO C 250 5.71 22.83 29.09
N GLN C 251 6.01 22.38 30.31
CA GLN C 251 5.14 22.69 31.43
C GLN C 251 5.13 24.19 31.73
N PHE C 252 6.27 24.85 31.57
CA PHE C 252 6.33 26.30 31.75
C PHE C 252 5.52 27.02 30.67
N LEU C 253 5.63 26.56 29.42
CA LEU C 253 4.93 27.21 28.32
C LEU C 253 3.42 27.13 28.50
N LEU C 254 2.92 25.99 28.98
CA LEU C 254 1.48 25.86 29.25
C LEU C 254 1.07 26.73 30.42
N GLN C 255 1.95 26.92 31.40
CA GLN C 255 1.63 27.85 32.49
C GLN C 255 1.66 29.29 32.02
N LEU C 256 2.65 29.63 31.18
CA LEU C 256 2.72 30.99 30.65
C LEU C 256 1.55 31.29 29.74
N ASN C 257 1.07 30.27 29.02
CA ASN C 257 -0.26 30.33 28.40
C ASN C 257 -1.32 30.77 29.40
N GLU C 258 -1.47 30.03 30.50
CA GLU C 258 -2.63 30.22 31.37
C GLU C 258 -2.61 31.59 32.03
N THR C 259 -1.42 32.04 32.44
CA THR C 259 -1.32 33.36 33.06
C THR C 259 -1.71 34.46 32.08
N ILE C 260 -1.32 34.34 30.81
CA ILE C 260 -1.61 35.39 29.84
C ILE C 260 -3.10 35.47 29.55
N TYR C 261 -3.75 34.32 29.31
CA TYR C 261 -5.19 34.35 29.09
C TYR C 261 -5.92 34.94 30.28
N THR C 262 -5.40 34.73 31.49
CA THR C 262 -6.07 35.24 32.69
C THR C 262 -6.05 36.76 32.73
N SER C 263 -4.87 37.37 32.58
CA SER C 263 -4.73 38.80 32.74
C SER C 263 -3.73 39.43 31.77
N GLY C 264 -3.59 38.87 30.57
CA GLY C 264 -2.62 39.37 29.63
C GLY C 264 -3.10 40.48 28.71
N LYS C 265 -4.33 40.98 28.91
CA LYS C 265 -4.88 42.06 28.10
C LYS C 265 -4.89 41.70 26.62
N ARG C 266 -5.34 40.48 26.31
CA ARG C 266 -5.50 40.10 24.91
C ARG C 266 -6.60 40.90 24.22
N SER C 267 -7.56 41.42 24.99
CA SER C 267 -8.70 42.14 24.44
C SER C 267 -8.35 43.60 24.16
N ASN C 268 -7.33 43.78 23.34
CA ASN C 268 -6.91 45.08 22.86
C ASN C 268 -6.69 45.02 21.35
N THR C 269 -6.92 46.16 20.70
CA THR C 269 -6.82 46.26 19.25
C THR C 269 -5.53 46.94 18.80
N THR C 270 -4.53 47.05 19.69
CA THR C 270 -3.28 47.71 19.32
C THR C 270 -2.56 46.95 18.20
N GLY C 271 -2.54 45.63 18.26
CA GLY C 271 -1.86 44.80 17.31
C GLY C 271 -1.09 43.71 18.00
N LYS C 272 -0.23 43.03 17.24
CA LYS C 272 0.58 41.96 17.80
C LYS C 272 1.66 42.54 18.71
N LEU C 273 1.86 41.90 19.86
CA LEU C 273 2.86 42.30 20.84
C LEU C 273 3.72 41.11 21.21
N ILE C 274 4.95 41.39 21.63
CA ILE C 274 5.91 40.35 22.01
C ILE C 274 6.21 40.48 23.48
N TRP C 275 5.91 39.43 24.24
CA TRP C 275 6.16 39.34 25.66
C TRP C 275 7.56 38.74 25.88
N LYS C 276 8.33 39.34 26.78
CA LYS C 276 9.67 38.87 27.10
C LYS C 276 9.76 38.53 28.58
N VAL C 277 10.03 37.26 28.89
CA VAL C 277 10.10 36.82 30.27
C VAL C 277 11.26 37.50 30.98
N ASN C 278 11.05 37.87 32.24
CA ASN C 278 12.09 38.53 33.02
C ASN C 278 13.32 37.63 33.12
N PRO C 279 14.52 38.17 32.93
CA PRO C 279 15.73 37.34 32.91
C PRO C 279 16.31 37.02 34.28
N GLU C 280 15.59 37.23 35.38
CA GLU C 280 16.10 36.95 36.72
C GLU C 280 15.24 35.93 37.46
N ILE C 281 14.46 35.14 36.72
CA ILE C 281 13.61 34.10 37.31
C ILE C 281 13.87 32.80 36.59
N ASP C 282 14.05 31.73 37.37
CA ASP C 282 14.27 30.40 36.80
C ASP C 282 13.01 29.87 36.14
N THR C 283 13.17 28.82 35.33
CA THR C 283 12.07 28.24 34.58
C THR C 283 11.21 27.41 35.54
N THR C 284 10.36 28.10 36.27
CA THR C 284 9.41 27.46 37.19
C THR C 284 8.28 28.41 37.55
N GLU C 502 29.14 -11.60 23.01
CA GLU C 502 29.67 -10.34 23.55
C GLU C 502 28.58 -9.57 24.28
N ALA C 503 28.78 -9.37 25.58
CA ALA C 503 27.82 -8.64 26.40
C ALA C 503 28.02 -7.15 26.19
N ILE C 504 27.05 -6.50 25.56
CA ILE C 504 27.18 -5.08 25.25
C ILE C 504 27.11 -4.26 26.53
N VAL C 505 27.82 -3.13 26.54
CA VAL C 505 27.87 -2.25 27.69
C VAL C 505 27.45 -0.84 27.24
N ASN C 506 26.68 -0.17 28.09
CA ASN C 506 26.11 1.12 27.74
C ASN C 506 27.12 2.23 27.96
N ALA C 507 27.19 3.16 26.99
CA ALA C 507 28.08 4.30 27.06
C ALA C 507 27.37 5.62 26.83
N GLN C 508 26.04 5.64 26.92
CA GLN C 508 25.28 6.87 26.71
C GLN C 508 25.38 7.76 27.95
N PRO C 509 25.20 9.08 27.78
CA PRO C 509 25.22 9.95 28.97
C PRO C 509 24.16 9.60 29.99
N LYS C 510 22.96 9.23 29.55
CA LYS C 510 21.91 8.75 30.44
C LYS C 510 21.10 7.70 29.70
N CYS C 511 20.71 6.64 30.40
CA CYS C 511 19.80 5.62 29.87
C CYS C 511 18.57 5.55 30.75
N ASN C 512 17.40 5.50 30.12
CA ASN C 512 16.14 5.44 30.86
C ASN C 512 15.89 3.99 31.28
N PRO C 513 15.83 3.70 32.59
CA PRO C 513 15.65 2.29 33.01
C PRO C 513 14.36 1.66 32.53
N ASN C 514 13.28 2.42 32.46
CA ASN C 514 11.99 1.87 32.09
C ASN C 514 11.75 1.98 30.58
N LEU C 515 10.82 1.18 30.09
CA LEU C 515 10.45 1.17 28.68
C LEU C 515 8.93 1.11 28.57
N HIS C 516 8.34 2.10 27.94
CA HIS C 516 6.89 2.18 27.75
C HIS C 516 6.63 1.97 26.27
N TYR C 517 6.15 0.79 25.91
CA TYR C 517 6.08 0.35 24.52
C TYR C 517 4.64 0.25 24.04
N TRP C 518 4.47 0.40 22.73
CA TRP C 518 3.23 0.08 22.04
C TRP C 518 3.55 -0.83 20.87
N THR C 519 2.60 -1.69 20.53
CA THR C 519 2.81 -2.64 19.44
C THR C 519 1.46 -3.02 18.84
N THR C 520 1.52 -3.56 17.63
CA THR C 520 0.31 -4.02 16.96
C THR C 520 -0.24 -5.24 17.67
N GLN C 521 -1.56 -5.29 17.82
CA GLN C 521 -2.21 -6.35 18.58
C GLN C 521 -1.96 -7.71 17.94
N ASP C 522 -1.91 -8.73 18.79
CA ASP C 522 -1.73 -10.10 18.30
C ASP C 522 -2.93 -10.52 17.46
N GLU C 523 -2.64 -11.30 16.41
CA GLU C 523 -3.70 -11.75 15.51
C GLU C 523 -4.70 -12.65 16.24
N GLY C 524 -4.20 -13.55 17.08
CA GLY C 524 -5.07 -14.46 17.81
C GLY C 524 -5.75 -13.87 19.04
N ALA C 525 -5.31 -12.70 19.49
CA ALA C 525 -5.88 -12.10 20.69
C ALA C 525 -7.32 -11.67 20.46
N ALA C 526 -7.61 -11.08 19.31
CA ALA C 526 -8.95 -10.55 19.06
C ALA C 526 -9.92 -11.68 18.75
N ILE C 527 -11.06 -11.68 19.43
CA ILE C 527 -12.08 -12.70 19.22
C ILE C 527 -13.44 -12.14 18.85
N GLY C 528 -13.77 -10.90 19.22
CA GLY C 528 -15.07 -10.35 18.92
C GLY C 528 -15.27 -10.10 17.45
N LEU C 529 -16.52 -9.79 17.09
CA LEU C 529 -16.87 -9.52 15.70
C LEU C 529 -16.43 -8.10 15.33
N ALA C 530 -15.12 -7.90 15.39
CA ALA C 530 -14.50 -6.65 14.96
C ALA C 530 -13.44 -6.88 13.89
N TRP C 531 -13.27 -8.11 13.41
CA TRP C 531 -12.32 -8.38 12.35
C TRP C 531 -12.79 -7.84 11.01
N ILE C 532 -14.10 -7.62 10.86
CA ILE C 532 -14.61 -7.02 9.62
C ILE C 532 -14.12 -5.58 9.52
N PRO C 533 -13.54 -5.18 8.39
CA PRO C 533 -13.08 -3.78 8.28
C PRO C 533 -14.20 -2.76 8.44
N TYR C 534 -15.42 -3.10 8.03
CA TYR C 534 -16.54 -2.18 8.18
C TYR C 534 -16.87 -1.95 9.64
N PHE C 535 -17.07 -3.03 10.40
CA PHE C 535 -17.34 -2.95 11.83
C PHE C 535 -16.06 -3.07 12.66
N GLY C 536 -15.06 -2.24 12.36
CA GLY C 536 -13.78 -2.37 12.99
C GLY C 536 -13.26 -1.07 13.59
N PRO C 537 -12.28 -1.18 14.48
CA PRO C 537 -11.66 0.03 15.04
C PRO C 537 -10.94 0.83 13.97
N ALA C 538 -10.84 2.13 14.21
CA ALA C 538 -10.19 3.03 13.27
C ALA C 538 -8.67 2.84 13.35
N ALA C 539 -7.93 3.71 12.66
CA ALA C 539 -6.48 3.56 12.59
C ALA C 539 -5.78 3.81 13.93
N GLU C 540 -6.48 4.33 14.93
CA GLU C 540 -5.89 4.62 16.22
C GLU C 540 -6.26 3.60 17.29
N GLY C 541 -7.03 2.57 16.95
CA GLY C 541 -7.45 1.58 17.93
C GLY C 541 -6.72 0.26 17.81
N ILE C 542 -5.76 0.19 16.89
CA ILE C 542 -5.05 -1.06 16.64
C ILE C 542 -4.11 -1.41 17.78
N TYR C 543 -3.41 -0.41 18.33
CA TYR C 543 -2.23 -0.64 19.13
C TYR C 543 -2.58 -1.23 20.50
N ILE C 544 -1.54 -1.82 21.11
CA ILE C 544 -1.66 -2.44 22.46
C ILE C 544 -0.49 -1.90 23.28
N GLU C 545 -0.73 -1.35 24.47
CA GLU C 545 0.30 -0.75 25.31
C GLU C 545 0.78 -1.72 26.37
N GLY C 546 1.94 -1.41 26.95
CA GLY C 546 2.52 -2.19 28.01
C GLY C 546 3.56 -1.38 28.76
N LEU C 547 4.29 -2.06 29.65
CA LEU C 547 5.31 -1.39 30.44
C LEU C 547 6.30 -2.44 30.94
N MET C 548 7.56 -2.31 30.53
CA MET C 548 8.62 -3.27 30.84
C MET C 548 9.67 -2.57 31.70
N HIS C 549 9.49 -2.63 33.01
CA HIS C 549 10.39 -1.95 33.95
C HIS C 549 11.04 -2.88 34.94
N ASN C 550 10.83 -4.20 34.82
CA ASN C 550 11.37 -5.13 35.80
C ASN C 550 12.89 -5.10 35.83
N GLN C 551 13.53 -4.98 34.66
CA GLN C 551 14.98 -4.96 34.55
C GLN C 551 15.43 -3.71 33.81
N ASP C 552 16.53 -3.13 34.30
CA ASP C 552 17.15 -1.98 33.65
C ASP C 552 18.46 -2.31 32.96
N GLY C 553 19.14 -3.38 33.37
CA GLY C 553 20.35 -3.80 32.66
C GLY C 553 20.06 -4.23 31.24
N LEU C 554 18.91 -4.88 31.02
CA LEU C 554 18.54 -5.27 29.66
C LEU C 554 18.11 -4.07 28.83
N ILE C 555 17.36 -3.14 29.44
CA ILE C 555 16.81 -2.03 28.66
C ILE C 555 17.92 -1.10 28.20
N CYS C 556 18.85 -0.74 29.09
CA CYS C 556 19.98 0.08 28.67
C CYS C 556 20.91 -0.71 27.75
N GLY C 557 20.83 -2.04 27.78
CA GLY C 557 21.49 -2.83 26.75
C GLY C 557 20.86 -2.65 25.38
N LEU C 558 19.53 -2.54 25.34
CA LEU C 558 18.83 -2.29 24.09
C LEU C 558 19.22 -0.94 23.49
N ARG C 559 19.32 0.09 24.34
CA ARG C 559 19.54 1.45 23.85
C ARG C 559 20.93 1.57 23.22
N GLN C 560 21.93 0.92 23.80
CA GLN C 560 23.27 0.95 23.22
C GLN C 560 23.32 0.16 21.91
N LEU C 561 22.63 -0.98 21.85
CA LEU C 561 22.70 -1.81 20.64
C LEU C 561 22.12 -1.09 19.44
N ALA C 562 21.01 -0.37 19.63
CA ALA C 562 20.42 0.42 18.54
C ALA C 562 21.29 1.62 18.19
N ASN C 563 22.10 2.07 19.16
CA ASN C 563 23.02 3.18 18.92
C ASN C 563 24.17 2.73 18.03
N GLU C 564 24.53 1.43 18.10
CA GLU C 564 25.59 0.89 17.26
C GLU C 564 25.06 0.45 15.91
N THR C 565 23.85 -0.11 15.86
CA THR C 565 23.35 -0.77 14.65
C THR C 565 23.18 0.22 13.49
N THR C 566 22.90 1.49 13.78
CA THR C 566 22.60 2.44 12.71
C THR C 566 23.79 2.67 11.78
N GLN C 567 25.01 2.35 12.24
CA GLN C 567 26.17 2.48 11.37
C GLN C 567 26.07 1.57 10.15
N ALA C 568 25.70 0.30 10.38
CA ALA C 568 25.60 -0.65 9.28
C ALA C 568 24.29 -0.50 8.51
N LEU C 569 23.22 -0.10 9.19
CA LEU C 569 21.92 0.02 8.51
C LEU C 569 21.93 1.13 7.47
N GLN C 570 22.57 2.26 7.78
CA GLN C 570 22.59 3.37 6.84
C GLN C 570 23.37 3.01 5.57
N LEU C 571 24.40 2.18 5.70
CA LEU C 571 25.17 1.76 4.53
C LEU C 571 24.41 0.73 3.70
N PHE C 572 23.64 -0.13 4.36
CA PHE C 572 22.81 -1.10 3.64
C PHE C 572 21.72 -0.40 2.84
N LEU C 573 21.14 0.66 3.42
CA LEU C 573 20.09 1.40 2.72
C LEU C 573 20.63 2.11 1.50
N ARG C 574 21.86 2.61 1.58
CA ARG C 574 22.44 3.35 0.47
C ARG C 574 22.65 2.46 -0.76
N ALA C 575 23.04 1.20 -0.53
CA ALA C 575 23.31 0.30 -1.64
C ALA C 575 22.02 -0.10 -2.36
N THR C 576 20.97 -0.39 -1.61
CA THR C 576 19.75 -0.92 -2.21
C THR C 576 19.04 0.15 -3.05
N THR C 577 18.17 -0.32 -3.94
CA THR C 577 17.43 0.56 -4.84
C THR C 577 15.92 0.49 -4.60
N GLU C 578 15.49 -0.18 -3.53
CA GLU C 578 14.08 -0.29 -3.21
C GLU C 578 13.63 0.92 -2.37
N LEU C 579 12.44 1.42 -2.68
CA LEU C 579 11.94 2.61 -1.97
C LEU C 579 11.63 2.29 -0.51
N ARG C 580 10.94 1.18 -0.26
CA ARG C 580 10.60 0.76 1.09
C ARG C 580 11.06 -0.67 1.29
N THR C 581 11.77 -0.92 2.39
CA THR C 581 12.39 -2.21 2.66
C THR C 581 11.61 -2.93 3.75
N PHE C 582 11.09 -4.12 3.43
CA PHE C 582 10.41 -4.95 4.40
C PHE C 582 11.03 -6.32 4.58
N SER C 583 12.15 -6.61 3.91
CA SER C 583 12.71 -7.95 3.84
C SER C 583 14.12 -8.02 4.42
N ILE C 584 14.31 -7.42 5.60
CA ILE C 584 15.59 -7.57 6.29
C ILE C 584 15.58 -8.81 7.17
N LEU C 585 14.46 -9.06 7.86
CA LEU C 585 14.39 -10.19 8.78
C LEU C 585 14.27 -11.51 8.02
N ASN C 586 13.56 -11.51 6.89
CA ASN C 586 13.48 -12.72 6.08
C ASN C 586 14.84 -13.12 5.53
N ARG C 587 15.65 -12.15 5.12
CA ARG C 587 16.99 -12.44 4.63
C ARG C 587 17.85 -13.04 5.73
N LYS C 588 17.71 -12.55 6.97
CA LYS C 588 18.45 -13.12 8.07
C LYS C 588 18.04 -14.56 8.34
N ALA C 589 16.74 -14.85 8.26
CA ALA C 589 16.27 -16.22 8.48
C ALA C 589 16.77 -17.15 7.40
N ILE C 590 16.76 -16.70 6.14
CA ILE C 590 17.30 -17.51 5.05
C ILE C 590 18.81 -17.67 5.20
N ASP C 591 19.50 -16.59 5.54
CA ASP C 591 20.95 -16.66 5.70
C ASP C 591 21.35 -17.58 6.85
N PHE C 592 20.65 -17.49 7.98
CA PHE C 592 20.93 -18.36 9.12
C PHE C 592 20.75 -19.83 8.74
N LEU C 593 19.75 -20.11 7.92
CA LEU C 593 19.42 -21.49 7.61
C LEU C 593 20.31 -22.05 6.51
N LEU C 594 20.84 -21.18 5.64
CA LEU C 594 21.80 -21.63 4.63
C LEU C 594 23.19 -21.87 5.21
N GLN C 595 23.53 -21.23 6.32
CA GLN C 595 24.84 -21.44 6.91
C GLN C 595 24.89 -22.72 7.74
N ARG C 596 23.82 -23.02 8.44
CA ARG C 596 23.83 -24.16 9.37
C ARG C 596 23.73 -25.48 8.61
N TRP C 597 22.63 -25.70 7.90
CA TRP C 597 22.40 -26.90 7.10
C TRP C 597 22.63 -26.66 5.61
N GLY C 598 23.59 -25.82 5.24
CA GLY C 598 23.75 -25.50 3.83
C GLY C 598 24.17 -26.70 2.99
N GLY C 599 25.14 -27.46 3.47
CA GLY C 599 25.57 -28.64 2.75
C GLY C 599 26.61 -29.48 3.46
N THR C 600 26.39 -30.79 3.49
CA THR C 600 27.36 -31.77 3.98
C THR C 600 27.88 -31.39 5.37
N CYS C 601 26.96 -31.29 6.33
CA CYS C 601 27.34 -30.94 7.69
C CYS C 601 27.53 -32.22 8.49
N HIS C 602 28.71 -32.38 9.08
CA HIS C 602 29.07 -33.64 9.73
C HIS C 602 28.37 -33.76 11.08
N ILE C 603 28.04 -35.00 11.45
CA ILE C 603 27.40 -35.25 12.73
C ILE C 603 28.34 -34.92 13.88
N LEU C 604 29.60 -35.39 13.79
CA LEU C 604 30.56 -35.15 14.86
C LEU C 604 31.03 -33.71 14.90
N GLY C 605 31.12 -33.06 13.75
CA GLY C 605 31.59 -31.70 13.67
C GLY C 605 30.69 -30.72 14.40
N PRO C 606 31.28 -29.69 15.01
CA PRO C 606 30.49 -28.70 15.75
C PRO C 606 29.78 -27.69 14.87
N ASP C 607 30.11 -27.61 13.59
CA ASP C 607 29.44 -26.66 12.71
C ASP C 607 27.96 -26.98 12.56
N CYS C 608 27.63 -28.26 12.40
CA CYS C 608 26.25 -28.71 12.27
C CYS C 608 25.89 -29.39 13.58
N CYS C 609 25.49 -28.58 14.57
CA CYS C 609 25.39 -29.02 15.96
C CYS C 609 24.11 -29.83 16.17
N ILE C 610 24.13 -31.04 15.62
CA ILE C 610 23.13 -32.05 15.93
C ILE C 610 23.70 -32.99 16.98
N GLU C 611 22.82 -33.73 17.66
CA GLU C 611 23.31 -34.58 18.73
C GLU C 611 23.02 -36.04 18.43
N PRO C 612 23.92 -36.96 18.80
CA PRO C 612 23.63 -38.39 18.68
C PRO C 612 22.76 -38.85 19.85
N HIS C 613 21.49 -39.11 19.56
CA HIS C 613 20.53 -39.57 20.56
C HIS C 613 20.44 -38.60 21.76
N GLN D 1 -53.52 -0.92 -27.19
CA GLN D 1 -52.31 -0.83 -27.98
C GLN D 1 -52.12 -2.09 -28.81
N VAL D 2 -52.90 -3.12 -28.47
CA VAL D 2 -53.09 -4.26 -29.36
C VAL D 2 -54.59 -4.38 -29.64
N GLN D 3 -55.05 -3.69 -30.68
CA GLN D 3 -56.46 -3.69 -31.03
C GLN D 3 -56.90 -5.11 -31.38
N LEU D 4 -57.76 -5.69 -30.54
CA LEU D 4 -58.21 -7.05 -30.75
C LEU D 4 -59.48 -7.04 -31.58
N GLN D 5 -59.41 -7.64 -32.76
CA GLN D 5 -60.58 -7.76 -33.65
C GLN D 5 -60.87 -9.22 -33.90
N GLU D 6 -62.00 -9.68 -33.37
CA GLU D 6 -62.56 -11.01 -33.55
C GLU D 6 -63.25 -11.12 -34.90
N SER D 7 -63.47 -12.37 -35.32
CA SER D 7 -64.18 -12.64 -36.56
C SER D 7 -64.63 -14.09 -36.58
N GLY D 8 -65.60 -14.38 -37.45
CA GLY D 8 -66.06 -15.74 -37.67
C GLY D 8 -67.36 -16.10 -36.97
N GLY D 9 -67.93 -15.19 -36.18
CA GLY D 9 -69.17 -15.50 -35.50
C GLY D 9 -70.38 -15.44 -36.41
N GLY D 10 -71.45 -16.08 -35.96
CA GLY D 10 -72.69 -16.09 -36.72
C GLY D 10 -73.59 -17.23 -36.27
N GLN D 11 -74.60 -17.50 -37.09
CA GLN D 11 -75.55 -18.57 -36.83
C GLN D 11 -75.04 -19.88 -37.40
N VAL D 12 -75.26 -20.97 -36.67
CA VAL D 12 -74.70 -22.27 -37.03
C VAL D 12 -75.51 -23.35 -36.32
N GLN D 13 -75.65 -24.49 -36.99
CA GLN D 13 -76.45 -25.60 -36.46
C GLN D 13 -75.71 -26.32 -35.34
N ALA D 14 -76.48 -26.93 -34.44
CA ALA D 14 -75.89 -27.70 -33.36
C ALA D 14 -75.20 -28.95 -33.89
N GLY D 15 -74.06 -29.29 -33.28
CA GLY D 15 -73.29 -30.44 -33.69
C GLY D 15 -72.28 -30.17 -34.79
N GLY D 16 -72.28 -28.98 -35.36
CA GLY D 16 -71.34 -28.63 -36.41
C GLY D 16 -70.03 -28.13 -35.87
N SER D 17 -69.22 -27.57 -36.78
CA SER D 17 -67.92 -27.04 -36.45
C SER D 17 -67.82 -25.60 -36.93
N LEU D 18 -67.03 -24.80 -36.22
CA LEU D 18 -66.87 -23.39 -36.53
C LEU D 18 -65.45 -22.98 -36.14
N ARG D 19 -64.94 -21.93 -36.78
CA ARG D 19 -63.64 -21.38 -36.46
C ARG D 19 -63.78 -19.89 -36.13
N LEU D 20 -63.36 -19.52 -34.93
CA LEU D 20 -63.33 -18.12 -34.53
C LEU D 20 -61.89 -17.62 -34.56
N SER D 21 -61.72 -16.39 -35.04
CA SER D 21 -60.40 -15.80 -35.22
C SER D 21 -60.34 -14.49 -34.44
N CYS D 22 -59.12 -14.16 -33.98
CA CYS D 22 -58.89 -12.91 -33.28
C CYS D 22 -57.51 -12.39 -33.67
N ALA D 23 -57.47 -11.17 -34.20
CA ALA D 23 -56.24 -10.59 -34.73
C ALA D 23 -55.90 -9.31 -33.98
N ALA D 24 -54.63 -8.94 -34.05
CA ALA D 24 -54.13 -7.77 -33.35
C ALA D 24 -52.93 -7.22 -34.10
N SER D 25 -52.71 -5.91 -33.99
CA SER D 25 -51.58 -5.25 -34.62
C SER D 25 -51.04 -4.22 -33.63
N GLY D 26 -50.10 -3.40 -34.09
CA GLY D 26 -49.51 -2.37 -33.25
C GLY D 26 -48.29 -2.83 -32.47
N SER D 27 -48.50 -3.66 -31.44
CA SER D 27 -47.41 -4.15 -30.60
C SER D 27 -47.23 -5.65 -30.79
N THR D 28 -48.29 -6.44 -30.57
CA THR D 28 -48.29 -7.89 -30.82
C THR D 28 -47.26 -8.64 -29.99
N SER D 29 -45.97 -8.33 -30.16
CA SER D 29 -44.92 -9.11 -29.51
C SER D 29 -45.05 -9.13 -27.99
N VAL D 30 -45.49 -8.02 -27.39
CA VAL D 30 -45.56 -7.92 -25.94
C VAL D 30 -46.71 -8.77 -25.41
N ILE D 31 -47.58 -9.25 -26.31
CA ILE D 31 -48.70 -10.08 -25.87
C ILE D 31 -48.16 -11.36 -25.23
N TYR D 32 -48.83 -11.79 -24.16
CA TYR D 32 -48.35 -12.92 -23.36
C TYR D 32 -49.33 -14.07 -23.26
N ALA D 33 -50.64 -13.83 -23.25
CA ALA D 33 -51.60 -14.92 -23.22
C ALA D 33 -52.91 -14.55 -23.92
N MET D 34 -53.03 -14.89 -25.20
CA MET D 34 -54.31 -14.74 -25.88
C MET D 34 -55.28 -15.81 -25.39
N GLY D 35 -56.54 -15.44 -25.26
CA GLY D 35 -57.52 -16.36 -24.68
C GLY D 35 -58.91 -16.26 -25.25
N TRP D 36 -59.88 -16.81 -24.53
CA TRP D 36 -61.27 -16.83 -24.99
C TRP D 36 -62.21 -16.81 -23.79
N TYR D 37 -63.19 -15.92 -23.83
CA TYR D 37 -64.19 -15.79 -22.78
C TYR D 37 -65.57 -15.75 -23.43
N ARG D 38 -66.59 -16.11 -22.66
CA ARG D 38 -67.93 -16.21 -23.22
C ARG D 38 -68.94 -15.61 -22.24
N GLN D 39 -70.01 -15.04 -22.78
CA GLN D 39 -71.05 -14.40 -21.99
C GLN D 39 -72.42 -14.71 -22.57
N ALA D 40 -73.20 -15.51 -21.86
CA ALA D 40 -74.62 -15.65 -22.16
C ALA D 40 -75.39 -14.52 -21.48
N PRO D 41 -76.54 -14.14 -22.03
CA PRO D 41 -77.31 -13.05 -21.41
C PRO D 41 -77.77 -13.43 -20.02
N GLY D 42 -77.51 -12.55 -19.06
CA GLY D 42 -77.86 -12.80 -17.68
C GLY D 42 -76.91 -13.68 -16.91
N LYS D 43 -75.70 -13.93 -17.44
CA LYS D 43 -74.74 -14.82 -16.81
C LYS D 43 -73.42 -14.10 -16.60
N GLN D 44 -72.57 -14.68 -15.75
CA GLN D 44 -71.26 -14.13 -15.48
C GLN D 44 -70.22 -14.66 -16.47
N ARG D 45 -69.17 -13.87 -16.65
CA ARG D 45 -68.16 -14.17 -17.66
C ARG D 45 -67.31 -15.35 -17.20
N GLU D 46 -67.12 -16.34 -18.08
CA GLU D 46 -66.50 -17.60 -17.70
C GLU D 46 -65.39 -17.97 -18.68
N LEU D 47 -64.46 -18.80 -18.20
CA LEU D 47 -63.34 -19.26 -19.01
C LEU D 47 -63.79 -20.21 -20.10
N VAL D 48 -63.12 -20.14 -21.25
CA VAL D 48 -63.34 -21.06 -22.36
C VAL D 48 -62.04 -21.73 -22.79
N ALA D 49 -61.03 -20.94 -23.14
CA ALA D 49 -59.75 -21.47 -23.60
C ALA D 49 -58.66 -20.44 -23.31
N ALA D 50 -57.41 -20.91 -23.36
CA ALA D 50 -56.26 -20.04 -23.13
C ALA D 50 -55.04 -20.66 -23.78
N ILE D 51 -54.22 -19.81 -24.40
CA ILE D 51 -52.95 -20.24 -24.99
C ILE D 51 -51.90 -19.18 -24.69
N THR D 52 -50.68 -19.65 -24.39
CA THR D 52 -49.55 -18.76 -24.18
C THR D 52 -48.94 -18.38 -25.53
N ARG D 53 -48.23 -17.26 -25.56
CA ARG D 53 -47.66 -16.75 -26.80
C ARG D 53 -46.72 -17.76 -27.44
N GLY D 54 -45.91 -18.44 -26.64
CA GLY D 54 -44.95 -19.39 -27.18
C GLY D 54 -45.47 -20.80 -27.32
N VAL D 55 -46.80 -20.96 -27.26
CA VAL D 55 -47.46 -22.26 -27.32
C VAL D 55 -46.91 -23.09 -26.16
N GLY D 56 -46.61 -22.41 -25.05
CA GLY D 56 -46.07 -23.11 -23.89
C GLY D 56 -47.03 -24.11 -23.30
N SER D 57 -48.32 -23.75 -23.20
CA SER D 57 -49.31 -24.64 -22.62
C SER D 57 -50.69 -24.14 -23.00
N THR D 58 -51.58 -25.07 -23.31
CA THR D 58 -52.97 -24.77 -23.63
C THR D 58 -53.87 -25.27 -22.51
N ASN D 59 -54.87 -24.45 -22.16
CA ASN D 59 -55.81 -24.77 -21.09
C ASN D 59 -57.23 -24.64 -21.60
N TYR D 60 -58.07 -25.60 -21.25
CA TYR D 60 -59.47 -25.62 -21.69
C TYR D 60 -60.37 -25.89 -20.50
N ALA D 61 -61.59 -25.35 -20.56
CA ALA D 61 -62.58 -25.60 -19.53
C ALA D 61 -63.08 -27.03 -19.62
N ASP D 62 -63.59 -27.54 -18.49
CA ASP D 62 -64.10 -28.90 -18.45
C ASP D 62 -65.33 -29.07 -19.32
N SER D 63 -66.20 -28.07 -19.37
CA SER D 63 -67.39 -28.15 -20.22
C SER D 63 -67.05 -28.20 -21.70
N VAL D 64 -65.82 -27.86 -22.08
CA VAL D 64 -65.42 -27.74 -23.47
C VAL D 64 -64.21 -28.59 -23.81
N LYS D 65 -63.60 -29.26 -22.84
CA LYS D 65 -62.43 -30.08 -23.10
C LYS D 65 -62.78 -31.24 -24.03
N GLY D 66 -61.90 -31.51 -25.00
CA GLY D 66 -62.15 -32.53 -26.00
C GLY D 66 -62.92 -32.05 -27.20
N ARG D 67 -63.51 -30.85 -27.15
CA ARG D 67 -64.27 -30.30 -28.27
C ARG D 67 -63.64 -29.05 -28.88
N PHE D 68 -62.93 -28.25 -28.10
CA PHE D 68 -62.33 -27.02 -28.60
C PHE D 68 -60.84 -27.23 -28.83
N THR D 69 -60.28 -26.43 -29.74
CA THR D 69 -58.85 -26.40 -30.00
C THR D 69 -58.42 -24.96 -30.25
N ILE D 70 -57.39 -24.52 -29.55
CA ILE D 70 -56.87 -23.17 -29.68
C ILE D 70 -55.48 -23.24 -30.28
N SER D 71 -55.24 -22.43 -31.32
CA SER D 71 -53.99 -22.46 -32.05
C SER D 71 -53.66 -21.06 -32.54
N ARG D 72 -52.50 -20.93 -33.19
CA ARG D 72 -52.00 -19.63 -33.61
C ARG D 72 -51.01 -19.82 -34.76
N ASP D 73 -50.80 -18.76 -35.53
CA ASP D 73 -49.95 -18.80 -36.71
C ASP D 73 -48.63 -18.06 -36.55
N ASN D 74 -48.42 -17.39 -35.42
CA ASN D 74 -47.16 -16.71 -35.13
C ASN D 74 -46.88 -15.58 -36.12
N ALA D 75 -46.62 -15.93 -37.38
CA ALA D 75 -46.17 -14.95 -38.38
C ALA D 75 -47.36 -14.40 -39.15
N LYS D 76 -48.51 -14.38 -38.48
CA LYS D 76 -49.71 -13.73 -38.98
C LYS D 76 -50.30 -12.83 -37.91
N ASN D 77 -49.75 -12.93 -36.70
CA ASN D 77 -50.26 -12.18 -35.55
C ASN D 77 -51.75 -12.49 -35.31
N THR D 78 -52.13 -13.74 -35.55
CA THR D 78 -53.51 -14.18 -35.43
C THR D 78 -53.60 -15.39 -34.49
N MET D 79 -54.82 -15.66 -34.03
CA MET D 79 -55.09 -16.77 -33.13
C MET D 79 -56.45 -17.36 -33.49
N TYR D 80 -56.51 -18.70 -33.55
CA TYR D 80 -57.68 -19.42 -34.02
C TYR D 80 -58.24 -20.31 -32.91
N LEU D 81 -59.56 -20.35 -32.79
CA LEU D 81 -60.25 -21.34 -31.97
C LEU D 81 -61.06 -22.19 -32.94
N GLN D 82 -60.52 -23.35 -33.31
CA GLN D 82 -61.23 -24.31 -34.14
C GLN D 82 -61.98 -25.28 -33.22
N MET D 83 -63.30 -25.30 -33.35
CA MET D 83 -64.17 -25.98 -32.40
C MET D 83 -65.13 -26.91 -33.13
N ASN D 84 -65.59 -27.94 -32.40
CA ASN D 84 -66.40 -29.01 -32.98
C ASN D 84 -67.49 -29.40 -31.99
N SER D 85 -68.52 -30.09 -32.52
CA SER D 85 -69.58 -30.71 -31.73
C SER D 85 -70.32 -29.68 -30.87
N LEU D 86 -70.98 -28.76 -31.57
CA LEU D 86 -71.72 -27.69 -30.93
C LEU D 86 -72.95 -28.21 -30.17
N LYS D 87 -73.33 -27.46 -29.14
CA LYS D 87 -74.54 -27.67 -28.37
C LYS D 87 -75.18 -26.31 -28.10
N PRO D 88 -76.49 -26.28 -27.87
CA PRO D 88 -77.17 -24.98 -27.69
C PRO D 88 -76.62 -24.14 -26.54
N GLU D 89 -76.05 -24.77 -25.51
CA GLU D 89 -75.51 -24.04 -24.38
C GLU D 89 -74.33 -23.15 -24.75
N ASP D 90 -73.74 -23.34 -25.93
CA ASP D 90 -72.65 -22.49 -26.37
C ASP D 90 -73.13 -21.20 -27.02
N THR D 91 -74.44 -21.00 -27.14
CA THR D 91 -74.98 -19.77 -27.73
C THR D 91 -74.69 -18.60 -26.82
N ALA D 92 -73.72 -17.78 -27.21
CA ALA D 92 -73.29 -16.63 -26.42
C ALA D 92 -72.36 -15.74 -27.23
N VAL D 93 -71.96 -14.61 -26.65
CA VAL D 93 -70.97 -13.73 -27.27
C VAL D 93 -69.57 -14.16 -26.81
N TYR D 94 -68.68 -14.39 -27.77
CA TYR D 94 -67.34 -14.89 -27.51
C TYR D 94 -66.34 -13.74 -27.61
N TYR D 95 -65.46 -13.65 -26.61
CA TYR D 95 -64.47 -12.58 -26.53
C TYR D 95 -63.07 -13.18 -26.54
N CYS D 96 -62.13 -12.46 -27.14
CA CYS D 96 -60.72 -12.80 -27.11
C CYS D 96 -59.97 -11.73 -26.32
N ASN D 97 -59.21 -12.13 -25.32
CA ASN D 97 -58.36 -11.22 -24.56
C ASN D 97 -56.90 -11.47 -24.91
N ALA D 98 -56.08 -10.44 -24.71
CA ALA D 98 -54.67 -10.45 -25.09
C ALA D 98 -53.81 -9.94 -23.96
N ARG D 99 -54.01 -10.47 -22.75
CA ARG D 99 -53.28 -10.00 -21.57
C ARG D 99 -51.78 -10.03 -21.82
N LEU D 100 -51.16 -8.84 -21.90
CA LEU D 100 -49.73 -8.74 -22.15
C LEU D 100 -48.97 -8.43 -20.87
N LEU D 101 -47.68 -8.11 -20.99
CA LEU D 101 -46.80 -8.17 -19.83
C LEU D 101 -46.21 -6.83 -19.42
N VAL D 102 -45.74 -5.99 -20.37
CA VAL D 102 -44.97 -4.84 -19.94
C VAL D 102 -45.80 -3.54 -19.90
N ALA D 103 -46.31 -3.07 -21.04
CA ALA D 103 -47.23 -1.93 -21.09
C ALA D 103 -46.55 -0.61 -20.74
N PRO D 104 -46.95 0.49 -21.38
CA PRO D 104 -46.32 1.79 -21.13
C PRO D 104 -46.97 2.49 -19.95
N PRO D 105 -46.60 3.75 -19.65
CA PRO D 105 -47.07 4.43 -18.41
C PRO D 105 -48.58 4.52 -18.24
N PRO D 106 -49.41 4.41 -19.29
CA PRO D 106 -50.85 4.29 -18.99
C PRO D 106 -51.20 3.06 -18.16
N TYR D 107 -50.41 1.99 -18.25
CA TYR D 107 -50.59 0.79 -17.41
C TYR D 107 -52.02 0.28 -17.39
N GLU D 108 -52.53 -0.16 -18.55
CA GLU D 108 -53.89 -0.67 -18.62
C GLU D 108 -53.94 -2.19 -18.52
N TYR D 109 -53.15 -2.90 -19.35
CA TYR D 109 -53.05 -4.36 -19.30
C TYR D 109 -54.37 -5.04 -19.69
N ASP D 110 -54.29 -6.32 -20.04
CA ASP D 110 -55.46 -7.18 -20.22
C ASP D 110 -56.46 -6.61 -21.21
N TYR D 111 -56.07 -6.58 -22.48
CA TYR D 111 -56.88 -5.91 -23.50
C TYR D 111 -58.06 -6.78 -23.90
N TRP D 112 -59.08 -6.15 -24.46
CA TRP D 112 -60.34 -6.84 -24.75
C TRP D 112 -60.87 -6.46 -26.12
N GLY D 113 -61.38 -7.45 -26.85
CA GLY D 113 -62.14 -7.21 -28.05
C GLY D 113 -63.60 -6.89 -27.76
N GLN D 114 -64.32 -6.51 -28.82
CA GLN D 114 -65.71 -6.10 -28.67
C GLN D 114 -66.70 -7.26 -28.65
N GLY D 115 -66.28 -8.46 -29.03
CA GLY D 115 -67.11 -9.65 -28.87
C GLY D 115 -67.94 -9.94 -30.10
N THR D 116 -68.05 -11.23 -30.42
CA THR D 116 -68.81 -11.70 -31.57
C THR D 116 -69.86 -12.70 -31.11
N GLN D 117 -71.02 -12.67 -31.75
CA GLN D 117 -72.12 -13.54 -31.37
C GLN D 117 -72.03 -14.87 -32.11
N VAL D 118 -72.05 -15.96 -31.35
CA VAL D 118 -72.17 -17.31 -31.89
C VAL D 118 -73.50 -17.89 -31.42
N THR D 119 -74.38 -18.20 -32.37
CA THR D 119 -75.72 -18.67 -32.07
C THR D 119 -75.84 -20.12 -32.55
N VAL D 120 -76.18 -21.01 -31.64
CA VAL D 120 -76.31 -22.43 -31.93
C VAL D 120 -77.79 -22.75 -32.07
N SER D 121 -78.18 -23.25 -33.24
CA SER D 121 -79.57 -23.58 -33.53
C SER D 121 -79.74 -25.10 -33.53
N SER D 122 -80.70 -25.58 -32.76
CA SER D 122 -80.97 -27.01 -32.66
C SER D 122 -82.37 -27.33 -33.17
N GLN E 1 -0.60 48.48 35.10
CA GLN E 1 -1.01 47.08 35.03
C GLN E 1 -1.16 46.47 36.40
N VAL E 2 -0.14 46.64 37.23
CA VAL E 2 -0.07 46.01 38.54
C VAL E 2 0.02 47.16 39.55
N GLN E 3 -0.69 48.26 39.26
CA GLN E 3 -0.66 49.48 40.07
C GLN E 3 -0.76 49.17 41.56
N LEU E 4 0.31 49.47 42.30
CA LEU E 4 0.39 49.13 43.70
C LEU E 4 -0.11 50.27 44.60
N GLN E 5 -0.43 49.92 45.83
CA GLN E 5 -0.92 50.90 46.80
C GLN E 5 -0.70 50.37 48.21
N GLU E 6 0.09 51.09 49.00
CA GLU E 6 0.31 50.76 50.40
C GLU E 6 -0.74 51.44 51.28
N SER E 7 -1.01 50.84 52.43
CA SER E 7 -1.98 51.38 53.36
C SER E 7 -1.72 50.79 54.75
N GLY E 8 -2.29 51.46 55.75
CA GLY E 8 -2.24 50.99 57.12
C GLY E 8 -1.19 51.61 58.01
N GLY E 9 -0.29 52.41 57.46
CA GLY E 9 0.76 53.02 58.25
C GLY E 9 0.30 54.26 59.00
N GLY E 10 1.15 54.68 59.93
CA GLY E 10 0.85 55.87 60.72
C GLY E 10 1.75 55.92 61.96
N GLN E 11 1.35 56.76 62.91
CA GLN E 11 2.05 56.87 64.17
C GLN E 11 1.59 55.76 65.12
N VAL E 12 2.54 55.18 65.84
CA VAL E 12 2.27 54.01 66.66
C VAL E 12 3.39 53.88 67.69
N GLN E 13 3.03 53.39 68.88
CA GLN E 13 3.96 53.30 69.98
C GLN E 13 4.94 52.14 69.80
N ALA E 14 6.12 52.28 70.40
CA ALA E 14 7.10 51.22 70.37
C ALA E 14 6.63 50.01 71.16
N GLY E 15 6.94 48.82 70.66
CA GLY E 15 6.53 47.58 71.29
C GLY E 15 5.16 47.09 70.88
N GLY E 16 4.41 47.86 70.11
CA GLY E 16 3.09 47.47 69.66
C GLY E 16 3.14 46.66 68.37
N SER E 17 1.95 46.48 67.78
CA SER E 17 1.79 45.73 66.55
C SER E 17 1.04 46.57 65.53
N LEU E 18 1.35 46.34 64.26
CA LEU E 18 0.72 47.06 63.16
C LEU E 18 0.62 46.12 61.96
N ARG E 19 -0.38 46.36 61.12
CA ARG E 19 -0.56 45.59 59.89
C ARG E 19 -0.50 46.54 58.70
N LEU E 20 0.41 46.25 57.77
CA LEU E 20 0.52 47.00 56.53
C LEU E 20 -0.05 46.17 55.38
N SER E 21 -0.78 46.85 54.49
CA SER E 21 -1.45 46.18 53.39
C SER E 21 -0.98 46.77 52.07
N CYS E 22 -0.86 45.90 51.07
CA CYS E 22 -0.47 46.31 49.72
C CYS E 22 -1.37 45.59 48.73
N ALA E 23 -2.06 46.36 47.89
CA ALA E 23 -3.06 45.82 46.99
C ALA E 23 -2.71 46.15 45.55
N ALA E 24 -3.30 45.39 44.63
CA ALA E 24 -3.04 45.57 43.21
C ALA E 24 -4.22 45.05 42.42
N SER E 25 -4.49 45.69 41.29
CA SER E 25 -5.53 45.24 40.36
C SER E 25 -4.93 45.33 38.97
N GLY E 26 -5.77 45.21 37.94
CA GLY E 26 -5.29 45.28 36.57
C GLY E 26 -4.91 43.95 35.99
N SER E 27 -3.77 43.39 36.40
CA SER E 27 -3.36 42.06 35.96
C SER E 27 -3.34 41.07 37.13
N THR E 28 -2.37 41.19 38.03
CA THR E 28 -2.33 40.46 39.30
C THR E 28 -2.16 38.96 39.10
N SER E 29 -2.22 38.48 37.87
CA SER E 29 -1.79 37.11 37.57
C SER E 29 -0.29 37.01 37.38
N VAL E 30 0.29 38.04 36.74
CA VAL E 30 1.67 37.96 36.28
C VAL E 30 2.65 38.19 37.42
N ILE E 31 2.15 38.69 38.56
CA ILE E 31 3.04 38.94 39.69
C ILE E 31 3.69 37.63 40.15
N TYR E 32 4.94 37.75 40.58
CA TYR E 32 5.73 36.59 40.99
C TYR E 32 6.31 36.71 42.40
N ALA E 33 6.61 37.91 42.89
CA ALA E 33 7.11 38.06 44.25
C ALA E 33 6.77 39.43 44.82
N MET E 34 5.70 39.52 45.60
CA MET E 34 5.43 40.74 46.35
C MET E 34 6.35 40.80 47.57
N GLY E 35 6.78 42.00 47.92
CA GLY E 35 7.74 42.16 49.00
C GLY E 35 7.57 43.41 49.84
N TRP E 36 8.63 43.77 50.57
CA TRP E 36 8.58 44.89 51.50
C TRP E 36 9.98 45.48 51.65
N TYR E 37 10.10 46.77 51.33
CA TYR E 37 11.36 47.50 51.46
C TYR E 37 11.13 48.78 52.25
N ARG E 38 12.21 49.30 52.82
CA ARG E 38 12.13 50.41 53.75
C ARG E 38 13.28 51.38 53.49
N GLN E 39 13.01 52.67 53.70
CA GLN E 39 14.02 53.71 53.62
C GLN E 39 13.85 54.67 54.78
N ALA E 40 14.87 54.75 55.62
CA ALA E 40 14.99 55.83 56.58
C ALA E 40 15.62 57.05 55.91
N PRO E 41 15.34 58.24 56.39
CA PRO E 41 15.94 59.44 55.78
C PRO E 41 17.46 59.39 55.86
N GLY E 42 18.11 59.64 54.72
CA GLY E 42 19.56 59.60 54.65
C GLY E 42 20.16 58.20 54.58
N LYS E 43 19.34 57.18 54.34
CA LYS E 43 19.81 55.80 54.31
C LYS E 43 19.41 55.14 53.00
N GLN E 44 20.18 54.13 52.62
CA GLN E 44 19.88 53.36 51.43
C GLN E 44 18.70 52.44 51.69
N ARG E 45 18.17 51.87 50.61
CA ARG E 45 17.01 50.99 50.71
C ARG E 45 17.45 49.57 51.05
N GLU E 46 16.84 48.98 52.08
CA GLU E 46 17.21 47.64 52.53
C GLU E 46 16.00 46.74 52.62
N LEU E 47 16.24 45.45 52.42
CA LEU E 47 15.17 44.46 52.35
C LEU E 47 14.54 44.24 53.72
N VAL E 48 13.22 44.00 53.73
CA VAL E 48 12.48 43.70 54.95
C VAL E 48 11.87 42.30 54.90
N ALA E 49 11.01 42.06 53.92
CA ALA E 49 10.31 40.79 53.82
C ALA E 49 10.07 40.46 52.35
N ALA E 50 9.77 39.20 52.09
CA ALA E 50 9.54 38.73 50.72
C ALA E 50 8.69 37.47 50.75
N ILE E 51 7.76 37.36 49.81
CA ILE E 51 6.92 36.18 49.67
C ILE E 51 6.66 35.94 48.20
N THR E 52 6.68 34.67 47.80
CA THR E 52 6.39 34.28 46.43
C THR E 52 4.87 34.18 46.24
N ARG E 53 4.42 34.35 45.00
CA ARG E 53 2.99 34.37 44.71
C ARG E 53 2.31 33.07 45.16
N GLY E 54 2.99 31.95 45.01
CA GLY E 54 2.41 30.68 45.40
C GLY E 54 2.69 30.28 46.83
N VAL E 55 3.16 31.24 47.64
CA VAL E 55 3.49 31.03 49.04
C VAL E 55 4.56 29.92 49.07
N GLY E 56 5.41 29.91 48.04
CA GLY E 56 6.44 28.89 47.96
C GLY E 56 7.45 28.98 49.08
N SER E 57 7.87 30.20 49.42
CA SER E 57 8.87 30.41 50.45
C SER E 57 8.80 31.86 50.93
N THR E 58 8.98 32.06 52.23
CA THR E 58 9.03 33.38 52.83
C THR E 58 10.43 33.66 53.35
N ASN E 59 10.88 34.89 53.13
CA ASN E 59 12.22 35.32 53.54
C ASN E 59 12.12 36.61 54.34
N TYR E 60 12.88 36.69 55.42
CA TYR E 60 12.89 37.85 56.29
C TYR E 60 14.32 38.25 56.58
N ALA E 61 14.52 39.55 56.80
CA ALA E 61 15.84 40.04 57.19
C ALA E 61 16.17 39.62 58.62
N ASP E 62 17.47 39.57 58.92
CA ASP E 62 17.91 39.16 60.25
C ASP E 62 17.46 40.14 61.32
N SER E 63 17.47 41.44 61.02
CA SER E 63 17.00 42.43 61.96
C SER E 63 15.50 42.32 62.22
N VAL E 64 14.77 41.60 61.37
CA VAL E 64 13.32 41.52 61.44
C VAL E 64 12.81 40.09 61.56
N LYS E 65 13.70 39.10 61.60
CA LYS E 65 13.27 37.73 61.76
C LYS E 65 12.70 37.51 63.16
N GLY E 66 11.57 36.80 63.23
CA GLY E 66 10.91 36.51 64.49
C GLY E 66 9.91 37.54 64.93
N ARG E 67 9.91 38.75 64.34
CA ARG E 67 8.94 39.77 64.69
C ARG E 67 7.96 40.10 63.57
N PHE E 68 8.35 39.91 62.31
CA PHE E 68 7.48 40.25 61.19
C PHE E 68 6.90 38.98 60.59
N THR E 69 5.69 39.11 60.04
CA THR E 69 5.04 38.02 59.31
C THR E 69 4.44 38.58 58.03
N ILE E 70 4.65 37.86 56.92
CA ILE E 70 4.14 38.26 55.62
C ILE E 70 3.18 37.18 55.13
N SER E 71 1.98 37.60 54.70
CA SER E 71 0.94 36.68 54.28
C SER E 71 0.12 37.31 53.17
N ARG E 72 -0.82 36.53 52.64
CA ARG E 72 -1.62 36.95 51.50
C ARG E 72 -2.94 36.19 51.49
N ASP E 73 -3.92 36.75 50.79
CA ASP E 73 -5.26 36.17 50.72
C ASP E 73 -5.59 35.53 49.37
N ASN E 74 -4.71 35.65 48.38
CA ASN E 74 -4.89 35.05 47.07
C ASN E 74 -6.12 35.61 46.35
N ALA E 75 -7.32 35.34 46.88
CA ALA E 75 -8.56 35.69 46.21
C ALA E 75 -9.06 37.07 46.68
N LYS E 76 -8.10 37.91 47.04
CA LYS E 76 -8.36 39.31 47.32
C LYS E 76 -7.35 40.18 46.57
N ASN E 77 -6.36 39.54 45.97
CA ASN E 77 -5.26 40.24 45.31
C ASN E 77 -4.57 41.20 46.27
N THR E 78 -4.46 40.80 47.54
CA THR E 78 -3.87 41.62 48.59
C THR E 78 -2.76 40.87 49.29
N MET E 79 -1.91 41.62 49.98
CA MET E 79 -0.78 41.08 50.70
C MET E 79 -0.57 41.90 51.97
N TYR E 80 -0.34 41.21 53.08
CA TYR E 80 -0.28 41.83 54.41
C TYR E 80 1.09 41.59 55.04
N LEU E 81 1.58 42.59 55.74
CA LEU E 81 2.71 42.45 56.65
C LEU E 81 2.17 42.70 58.05
N GLN E 82 1.84 41.62 58.76
CA GLN E 82 1.43 41.69 60.16
C GLN E 82 2.68 41.55 61.01
N MET E 83 2.97 42.60 61.80
CA MET E 83 4.23 42.67 62.52
C MET E 83 3.99 42.94 64.00
N ASN E 84 5.02 42.69 64.81
CA ASN E 84 4.94 42.81 66.26
C ASN E 84 6.24 43.37 66.81
N SER E 85 6.17 43.88 68.04
CA SER E 85 7.33 44.27 68.83
C SER E 85 8.17 45.34 68.13
N LEU E 86 7.55 46.52 67.98
CA LEU E 86 8.21 47.63 67.31
C LEU E 86 9.37 48.18 68.14
N LYS E 87 10.31 48.80 67.44
CA LYS E 87 11.41 49.57 68.00
C LYS E 87 11.56 50.85 67.20
N PRO E 88 12.14 51.89 67.79
CA PRO E 88 12.26 53.17 67.07
C PRO E 88 13.04 53.07 65.76
N GLU E 89 13.96 52.11 65.64
CA GLU E 89 14.75 51.97 64.42
C GLU E 89 13.89 51.61 63.20
N ASP E 90 12.66 51.15 63.40
CA ASP E 90 11.77 50.85 62.30
C ASP E 90 11.07 52.09 61.75
N THR E 91 11.26 53.25 62.35
CA THR E 91 10.62 54.49 61.88
C THR E 91 11.19 54.83 60.51
N ALA E 92 10.40 54.58 59.46
CA ALA E 92 10.82 54.79 58.09
C ALA E 92 9.62 54.66 57.15
N VAL E 93 9.82 54.89 55.87
CA VAL E 93 8.74 54.75 54.89
C VAL E 93 8.80 53.33 54.34
N TYR E 94 7.69 52.61 54.44
CA TYR E 94 7.63 51.22 54.02
C TYR E 94 6.99 51.12 52.64
N TYR E 95 7.63 50.32 51.77
CA TYR E 95 7.21 50.17 50.38
C TYR E 95 6.96 48.70 50.09
N CYS E 96 6.05 48.45 49.15
CA CYS E 96 5.82 47.11 48.63
C CYS E 96 6.14 47.11 47.14
N ASN E 97 6.95 46.14 46.70
CA ASN E 97 7.17 45.93 45.27
C ASN E 97 6.42 44.69 44.79
N ALA E 98 6.23 44.61 43.49
CA ALA E 98 5.44 43.55 42.86
C ALA E 98 6.17 42.97 41.66
N ARG E 99 7.44 42.63 41.83
CA ARG E 99 8.25 42.13 40.72
C ARG E 99 7.58 40.96 40.03
N LEU E 100 7.16 41.17 38.78
CA LEU E 100 6.50 40.12 38.00
C LEU E 100 7.45 39.49 37.01
N LEU E 101 6.92 38.70 36.06
CA LEU E 101 7.76 37.83 35.26
C LEU E 101 7.71 38.14 33.76
N VAL E 102 6.55 38.46 33.20
CA VAL E 102 6.49 38.52 31.73
C VAL E 102 6.57 39.95 31.21
N ALA E 103 5.57 40.79 31.47
CA ALA E 103 5.59 42.23 31.15
C ALA E 103 5.47 42.49 29.64
N PRO E 104 4.78 43.55 29.24
CA PRO E 104 4.51 43.78 27.81
C PRO E 104 5.67 44.50 27.15
N PRO E 105 5.54 44.89 25.86
CA PRO E 105 6.70 45.44 25.11
C PRO E 105 7.37 46.65 25.75
N PRO E 106 6.70 47.43 26.62
CA PRO E 106 7.49 48.42 27.39
C PRO E 106 8.56 47.79 28.28
N TYR E 107 8.39 46.53 28.70
CA TYR E 107 9.38 45.80 29.48
C TYR E 107 9.90 46.59 30.67
N GLU E 108 9.02 46.90 31.62
CA GLU E 108 9.45 47.72 32.75
C GLU E 108 9.87 46.89 33.96
N TYR E 109 9.02 45.97 34.43
CA TYR E 109 9.35 45.07 35.52
C TYR E 109 9.51 45.81 36.85
N ASP E 110 9.46 45.07 37.96
CA ASP E 110 9.77 45.60 39.28
C ASP E 110 8.89 46.81 39.58
N TYR E 111 7.57 46.61 39.59
CA TYR E 111 6.64 47.69 39.85
C TYR E 111 6.77 48.14 41.30
N TRP E 112 6.37 49.39 41.55
CA TRP E 112 6.73 49.99 42.82
C TRP E 112 5.62 50.93 43.26
N GLY E 113 5.16 50.77 44.51
CA GLY E 113 4.18 51.67 45.07
C GLY E 113 4.81 52.96 45.59
N GLN E 114 3.94 53.89 45.96
CA GLN E 114 4.40 55.18 46.44
C GLN E 114 4.92 55.15 47.87
N GLY E 115 4.58 54.12 48.65
CA GLY E 115 5.12 54.01 50.00
C GLY E 115 4.23 54.68 51.03
N THR E 116 4.32 54.20 52.26
CA THR E 116 3.56 54.72 53.37
C THR E 116 4.47 54.86 54.60
N GLN E 117 4.35 55.99 55.28
CA GLN E 117 5.20 56.28 56.43
C GLN E 117 4.75 55.49 57.66
N VAL E 118 5.70 54.88 58.34
CA VAL E 118 5.48 54.25 59.64
C VAL E 118 6.38 54.94 60.64
N THR E 119 5.79 55.51 61.69
CA THR E 119 6.53 56.25 62.71
C THR E 119 6.36 55.54 64.05
N VAL E 120 7.49 55.17 64.66
CA VAL E 120 7.51 54.48 65.94
C VAL E 120 7.88 55.49 67.02
N SER E 121 7.00 55.67 68.00
CA SER E 121 7.21 56.62 69.09
C SER E 121 7.54 55.86 70.36
N SER E 122 8.63 56.26 71.03
CA SER E 122 9.05 55.62 72.27
C SER E 122 9.07 56.63 73.41
C1 NAG F . -19.13 -17.83 5.57
C2 NAG F . -19.50 -16.37 5.28
C3 NAG F . -20.65 -15.92 6.16
C4 NAG F . -21.79 -16.92 6.13
C5 NAG F . -21.25 -18.28 6.57
C6 NAG F . -22.30 -19.36 6.58
C7 NAG F . -17.75 -14.89 4.44
C8 NAG F . -18.36 -15.09 3.09
N2 NAG F . -18.36 -15.50 5.45
O3 NAG F . -21.08 -14.64 5.71
O4 NAG F . -22.84 -16.59 7.03
O5 NAG F . -20.25 -18.69 5.61
O6 NAG F . -22.85 -19.54 5.28
O7 NAG F . -16.75 -14.20 4.60
C1 NAG F . -23.77 -15.59 6.75
C2 NAG F . -25.04 -15.91 7.54
C3 NAG F . -26.08 -14.80 7.36
C4 NAG F . -25.48 -13.42 7.62
C5 NAG F . -24.20 -13.25 6.81
C6 NAG F . -23.48 -11.96 7.13
C7 NAG F . -25.62 -18.25 7.91
C8 NAG F . -26.17 -19.50 7.30
N2 NAG F . -25.61 -17.17 7.13
O3 NAG F . -27.16 -15.07 8.24
O4 NAG F . -26.40 -12.42 7.20
O5 NAG F . -23.29 -14.31 7.13
O6 NAG F . -23.19 -11.88 8.52
O7 NAG F . -25.20 -18.21 9.06
C1 BMA F . -27.31 -11.93 8.13
C2 BMA F . -26.98 -10.49 8.40
C3 BMA F . -27.92 -9.90 9.43
C4 BMA F . -29.36 -10.10 9.01
C5 BMA F . -29.61 -11.57 8.69
C6 BMA F . -31.00 -11.85 8.15
O2 BMA F . -27.01 -9.76 7.17
O3 BMA F . -27.61 -8.53 9.66
O4 BMA F . -30.24 -9.70 10.05
O5 BMA F . -28.67 -12.01 7.69
O6 BMA F . -31.47 -13.10 8.62
C1 MAN F . -28.22 -7.51 8.92
C2 MAN F . -27.17 -6.48 8.52
C3 MAN F . -26.59 -5.85 9.78
C4 MAN F . -27.72 -5.21 10.61
C5 MAN F . -28.83 -6.24 10.86
C6 MAN F . -30.07 -5.59 11.46
O2 MAN F . -27.81 -5.53 7.71
O3 MAN F . -25.63 -4.90 9.39
O4 MAN F . -27.14 -4.77 11.81
O5 MAN F . -29.24 -6.86 9.64
O6 MAN F . -30.56 -4.62 10.57
C1 MAN F . -30.69 -14.19 8.22
C2 MAN F . -30.91 -14.39 6.73
C3 MAN F . -31.62 -15.70 6.47
C4 MAN F . -32.87 -15.82 7.34
C5 MAN F . -32.50 -15.65 8.81
C6 MAN F . -32.75 -16.90 9.63
O2 MAN F . -29.66 -14.34 6.06
O3 MAN F . -30.74 -16.79 6.73
O4 MAN F . -33.81 -14.81 6.98
O5 MAN F . -31.10 -15.36 8.93
O6 MAN F . -32.00 -16.87 10.83
C1 NAG G . 21.24 -14.54 -28.80
C2 NAG G . 20.32 -13.38 -29.16
C3 NAG G . 19.70 -13.62 -30.54
C4 NAG G . 20.78 -13.97 -31.55
C5 NAG G . 21.51 -15.22 -31.08
C6 NAG G . 22.58 -15.67 -32.02
C7 NAG G . 19.10 -11.98 -27.59
C8 NAG G . 18.05 -11.95 -26.52
N2 NAG G . 19.24 -13.14 -28.24
O3 NAG G . 19.00 -12.44 -30.89
O4 NAG G . 20.23 -14.23 -32.84
O5 NAG G . 22.15 -14.90 -29.83
O6 NAG G . 23.49 -14.61 -32.30
O7 NAG G . 19.76 -10.99 -27.89
C1 NAG G . 20.05 -13.15 -33.68
C2 NAG G . 19.99 -13.59 -35.14
C3 NAG G . 19.20 -12.56 -35.94
C4 NAG G . 17.76 -12.49 -35.44
C5 NAG G . 17.71 -12.48 -33.92
C6 NAG G . 17.17 -13.77 -33.34
C7 NAG G . 21.81 -14.95 -36.01
C8 NAG G . 23.23 -14.98 -36.48
N2 NAG G . 21.32 -13.76 -35.69
O3 NAG G . 19.26 -12.93 -37.31
O4 NAG G . 17.14 -11.28 -35.87
O5 NAG G . 19.00 -12.25 -33.32
O6 NAG G . 16.83 -13.62 -31.95
O7 NAG G . 21.13 -15.97 -35.92
C1 BMA G . 16.81 -11.09 -37.20
C2 BMA G . 15.90 -9.91 -37.25
C3 BMA G . 15.42 -9.70 -38.66
C4 BMA G . 16.60 -9.53 -39.60
C5 BMA G . 17.62 -10.65 -39.41
C6 BMA G . 18.94 -10.36 -40.10
O2 BMA G . 16.57 -8.75 -36.76
O3 BMA G . 14.58 -8.55 -38.67
O4 BMA G . 16.16 -9.55 -40.96
O5 BMA G . 17.94 -10.80 -38.02
O6 BMA G . 18.91 -10.73 -41.47
C1 BMA G . 13.48 -8.73 -39.51
C2 BMA G . 12.15 -8.34 -38.93
C3 BMA G . 11.01 -8.81 -39.79
C4 BMA G . 11.20 -8.36 -41.23
C5 BMA G . 12.58 -8.76 -41.73
C6 BMA G . 12.89 -8.22 -43.11
O2 BMA G . 12.10 -6.92 -38.75
O3 BMA G . 9.77 -8.31 -39.27
O4 BMA G . 10.21 -8.94 -42.06
O5 BMA G . 13.59 -8.23 -40.84
O6 BMA G . 12.74 -6.80 -43.15
C1 MAN G . 20.14 -11.23 -41.89
C2 MAN G . 20.05 -11.54 -43.36
C3 MAN G . 21.22 -12.41 -43.78
C4 MAN G . 22.25 -12.45 -42.67
C5 MAN G . 21.64 -13.05 -41.40
C6 MAN G . 22.52 -12.85 -40.19
O2 MAN G . 19.98 -10.35 -44.11
O3 MAN G . 21.80 -11.89 -44.97
O4 MAN G . 23.37 -13.25 -43.06
O5 MAN G . 20.39 -12.41 -41.12
O6 MAN G . 23.74 -13.57 -40.30
C1 NAG H . 25.53 6.73 18.97
C2 NAG H . 24.92 7.96 18.27
C3 NAG H . 25.94 9.10 18.18
C4 NAG H . 26.41 9.46 19.58
C5 NAG H . 26.97 8.21 20.23
C6 NAG H . 27.38 8.43 21.66
C7 NAG H . 23.08 7.81 16.70
C8 NAG H . 22.67 7.68 15.27
N2 NAG H . 24.39 7.71 16.95
O3 NAG H . 25.33 10.20 17.53
O4 NAG H . 27.47 10.43 19.56
O5 NAG H . 25.94 7.21 20.25
O6 NAG H . 26.27 8.90 22.43
O7 NAG H . 22.27 8.02 17.59
C1 NAG H . 27.23 11.78 19.31
C2 NAG H . 28.14 12.57 20.25
C3 NAG H . 28.17 14.06 19.88
C4 NAG H . 28.40 14.25 18.40
C5 NAG H . 27.35 13.46 17.62
C6 NAG H . 27.51 13.58 16.12
C7 NAG H . 28.42 12.72 22.69
C8 NAG H . 27.68 12.69 23.99
N2 NAG H . 27.70 12.38 21.62
O3 NAG H . 29.20 14.67 20.64
O4 NAG H . 28.28 15.62 18.02
O5 NAG H . 27.49 12.07 17.94
O6 NAG H . 28.81 13.16 15.71
O7 NAG H . 29.59 13.02 22.61
C1 BMA H . 29.28 16.56 18.26
C2 BMA H . 29.15 17.62 17.20
C3 BMA H . 30.19 18.70 17.40
C4 BMA H . 30.08 19.27 18.79
C5 BMA H . 30.19 18.16 19.82
C6 BMA H . 29.96 18.68 21.22
O2 BMA H . 27.84 18.19 17.23
O3 BMA H . 30.05 19.74 16.44
O4 BMA H . 31.13 20.20 19.02
O5 BMA H . 29.18 17.16 19.57
O6 BMA H . 30.44 17.78 22.21
C1 MAN H . 29.44 16.98 22.78
C2 MAN H . 28.45 17.89 23.46
C3 MAN H . 29.06 18.63 24.64
C4 MAN H . 29.83 17.69 25.54
C5 MAN H . 30.83 16.89 24.72
C6 MAN H . 31.65 15.91 25.52
O2 MAN H . 27.30 17.15 23.87
O3 MAN H . 28.02 19.28 25.39
O4 MAN H . 30.53 18.41 26.55
O5 MAN H . 30.09 16.14 23.74
O6 MAN H . 32.93 15.72 24.93
C1 MAN H . 32.92 15.06 23.69
C2 MAN H . 32.53 13.62 23.93
C3 MAN H . 33.60 12.86 24.69
C4 MAN H . 34.95 13.06 24.03
C5 MAN H . 35.26 14.54 23.88
C6 MAN H . 36.56 14.81 23.18
O2 MAN H . 32.23 12.99 22.68
O3 MAN H . 33.26 11.48 24.73
O4 MAN H . 35.97 12.45 24.82
O5 MAN H . 34.22 15.15 23.10
O6 MAN H . 37.66 14.33 23.93
C1 MAN H . 30.36 19.43 15.12
C2 MAN H . 30.82 20.70 14.44
C3 MAN H . 29.69 21.68 14.29
C4 MAN H . 28.51 21.03 13.60
C5 MAN H . 28.12 19.75 14.34
C6 MAN H . 27.02 18.99 13.63
O2 MAN H . 31.41 20.40 13.18
O3 MAN H . 30.13 22.82 13.54
O4 MAN H . 27.39 21.91 13.58
O5 MAN H . 29.25 18.87 14.41
O6 MAN H . 27.39 18.70 12.29
#